data_7WBQ
#
_entry.id   7WBQ
#
_cell.length_a   89.773
_cell.length_b   143.654
_cell.length_c   106.414
_cell.angle_alpha   90.000
_cell.angle_beta   95.290
_cell.angle_gamma   90.000
#
_symmetry.space_group_name_H-M   'P 1 21 1'
#
loop_
_entity.id
_entity.type
_entity.pdbx_description
1 polymer 'Angiotensin-converting enzyme 2'
2 polymer 'Spike protein S1'
3 branched 2-acetamido-2-deoxy-beta-D-glucopyranose-(1-4)-2-acetamido-2-deoxy-beta-D-glucopyranose
4 branched beta-L-fucopyranose-(1-6)-2-acetamido-2-deoxy-beta-D-glucopyranose
5 non-polymer 2-acetamido-2-deoxy-beta-D-glucopyranose
6 non-polymer 'ZINC ION'
#
loop_
_entity_poly.entity_id
_entity_poly.type
_entity_poly.pdbx_seq_one_letter_code
_entity_poly.pdbx_strand_id
1 'polypeptide(L)'
;STIEEQAKTFLDKFNHEAEDLFYQSSLASWNYNTNITEENVQNMNNAGDKWSAFLKEQSTLAQMYPLQEIQNLTVKLQLQ
ALQQNGSSVLSEDKSKRLNTILNTMSTIYSTGKVCNPDNPQECLLLEPGLNEIMANSLDYNERLWAWESWRSEVGKQLRP
LYEEYVVLKNEMARANHYEDYGDYWRGDYEVNGVDGYDYSRGQLIEDVEHTFEEIKPLYEHLHAYVRAKLMNAYPSYISP
IGCLPAHLLGDMWGRFWTNLYSLTVPFGQKPNIDVTDAMVDQAWDAQRIFKEAEKFFVSVGLPNMTQGFWENSMLTDPGN
VQKAVCHPTAWDLGKGDFRILMCTKVTMDDFLTAHHEMGHIQYDMAYAAQPFLLRNGANEGFHEAVGEIMSLSAATPKHL
KSIGLLSPDFQEDNETEINFLLKQALTIVGTLPFTYMLEKWRWMVFKGEIPKDQWMKKWWEMKREIVGVVEPVPHDETYC
DPASLFHVSNDYSFIRYYTRTLYQFQFQEALCQAAKHEGPLHKCDISNSTEAGQKLFNMLRLGKSEPWTLALENVVGAKN
MNVRPLLNYFEPLFTWLKDQNKNSFVGWSTDWSPYA
;
A,C
2 'polypeptide(L)'
;RVQPTESIVRFPNITNLCPFGEVFNATRFASVYAWNRKRISNCVADYSVLYNSASFSTFKCYGVSPTKLNDLCFTNVYAD
SFVIRGDEVRQIAPGQTGKIADYNYKLPDDFTGCVIAWNSNNLDSKVGGNYNYRYRLFRKSNLKPFERDISTEIYQAGSK
PCNGVEGFNCYFPLQSYGFQPTNGVGYQPYRVVVLSFELLHAPATVCGPKKSTNLVKNKCVNF
;
B,D
#
# COMPACT_ATOMS: atom_id res chain seq x y z
N SER A 1 -23.76 3.05 -13.00
CA SER A 1 -24.96 2.29 -12.72
C SER A 1 -24.65 1.07 -11.85
N THR A 2 -23.47 1.07 -11.22
CA THR A 2 -23.09 -0.05 -10.37
C THR A 2 -24.00 -0.13 -9.15
N ILE A 3 -24.06 -1.32 -8.56
CA ILE A 3 -24.85 -1.51 -7.35
C ILE A 3 -24.31 -0.65 -6.21
N GLU A 4 -22.98 -0.47 -6.17
CA GLU A 4 -22.39 0.46 -5.20
C GLU A 4 -22.94 1.87 -5.40
N GLU A 5 -22.81 2.41 -6.60
CA GLU A 5 -23.28 3.78 -6.88
C GLU A 5 -24.74 3.95 -6.49
N GLN A 6 -25.58 2.98 -6.83
CA GLN A 6 -26.97 3.02 -6.40
C GLN A 6 -27.07 3.14 -4.88
N ALA A 7 -26.26 2.37 -4.16
CA ALA A 7 -26.31 2.40 -2.70
C ALA A 7 -25.78 3.71 -2.15
N LYS A 8 -24.70 4.24 -2.75
CA LYS A 8 -24.27 5.60 -2.44
C LYS A 8 -25.44 6.58 -2.52
N THR A 9 -26.12 6.58 -3.67
CA THR A 9 -27.30 7.42 -3.84
C THR A 9 -28.37 7.08 -2.82
N PHE A 10 -28.68 5.78 -2.67
CA PHE A 10 -29.61 5.34 -1.63
C PHE A 10 -29.21 5.91 -0.27
N LEU A 11 -27.96 5.69 0.13
CA LEU A 11 -27.48 6.20 1.41
C LEU A 11 -27.53 7.71 1.48
N ASP A 12 -27.35 8.39 0.34
CA ASP A 12 -27.38 9.85 0.32
C ASP A 12 -28.76 10.36 0.70
N LYS A 13 -29.80 9.78 0.12
CA LYS A 13 -31.17 10.13 0.49
C LYS A 13 -31.44 9.81 1.96
N PHE A 14 -30.99 8.65 2.42
CA PHE A 14 -31.24 8.23 3.80
C PHE A 14 -30.71 9.25 4.81
N ASN A 15 -29.47 9.71 4.61
CA ASN A 15 -28.83 10.57 5.61
C ASN A 15 -29.63 11.84 5.85
N HIS A 16 -30.04 12.52 4.78
CA HIS A 16 -30.73 13.79 4.94
C HIS A 16 -32.08 13.63 5.62
N GLU A 17 -32.86 12.61 5.21
CA GLU A 17 -34.12 12.34 5.88
C GLU A 17 -33.91 11.88 7.32
N ALA A 18 -32.83 11.14 7.58
CA ALA A 18 -32.61 10.57 8.91
C ALA A 18 -32.32 11.65 9.94
N GLU A 19 -31.52 12.66 9.57
CA GLU A 19 -31.11 13.67 10.54
C GLU A 19 -32.30 14.40 11.13
N ASP A 20 -33.26 14.81 10.29
CA ASP A 20 -34.43 15.52 10.78
C ASP A 20 -35.27 14.63 11.69
N LEU A 21 -35.55 13.41 11.25
CA LEU A 21 -36.37 12.49 12.05
C LEU A 21 -35.71 12.18 13.39
N PHE A 22 -34.38 12.02 13.39
CA PHE A 22 -33.66 11.84 14.65
C PHE A 22 -33.79 13.07 15.54
N TYR A 23 -33.69 14.27 14.96
CA TYR A 23 -33.82 15.49 15.74
C TYR A 23 -35.16 15.54 16.46
N GLN A 24 -36.26 15.32 15.73
CA GLN A 24 -37.58 15.35 16.33
C GLN A 24 -37.68 14.41 17.53
N SER A 25 -37.09 13.22 17.42
CA SER A 25 -37.06 12.31 18.55
C SER A 25 -36.18 12.85 19.68
N SER A 26 -34.96 13.29 19.35
CA SER A 26 -34.04 13.80 20.37
C SER A 26 -34.65 14.98 21.12
N LEU A 27 -35.18 15.96 20.38
CA LEU A 27 -35.75 17.15 21.02
C LEU A 27 -36.91 16.79 21.93
N ALA A 28 -37.83 15.96 21.44
CA ALA A 28 -38.97 15.54 22.27
C ALA A 28 -38.50 14.73 23.47
N SER A 29 -37.67 13.71 23.25
CA SER A 29 -37.08 12.96 24.35
C SER A 29 -36.25 13.85 25.27
N TRP A 30 -35.76 14.97 24.76
CA TRP A 30 -35.11 15.94 25.64
C TRP A 30 -36.11 16.71 26.47
N ASN A 31 -37.35 16.88 25.97
CA ASN A 31 -38.37 17.56 26.74
C ASN A 31 -38.81 16.73 27.94
N TYR A 32 -39.12 15.45 27.73
CA TYR A 32 -39.52 14.60 28.85
C TYR A 32 -38.43 14.55 29.91
N ASN A 33 -37.17 14.49 29.49
CA ASN A 33 -36.07 14.40 30.45
C ASN A 33 -35.89 15.70 31.22
N THR A 34 -36.26 16.83 30.61
CA THR A 34 -36.12 18.12 31.28
C THR A 34 -37.41 18.58 31.92
N ASN A 35 -38.54 18.01 31.51
CA ASN A 35 -39.84 18.51 31.93
C ASN A 35 -40.82 17.35 31.96
N ILE A 36 -40.74 16.54 33.01
CA ILE A 36 -41.56 15.32 33.06
C ILE A 36 -43.03 15.69 33.11
N THR A 37 -43.79 15.26 32.10
CA THR A 37 -45.23 15.45 32.02
C THR A 37 -45.80 14.22 31.36
N GLU A 38 -47.00 13.80 31.76
CA GLU A 38 -47.65 12.72 31.00
C GLU A 38 -47.81 13.13 29.55
N GLU A 39 -47.93 14.43 29.28
CA GLU A 39 -48.01 14.90 27.91
C GLU A 39 -46.75 14.53 27.15
N ASN A 40 -45.57 14.82 27.72
CA ASN A 40 -44.33 14.57 27.01
C ASN A 40 -43.93 13.10 27.03
N VAL A 41 -44.33 12.34 28.06
CA VAL A 41 -44.14 10.90 28.01
C VAL A 41 -44.77 10.35 26.73
N GLN A 42 -45.91 10.91 26.33
CA GLN A 42 -46.56 10.50 25.09
C GLN A 42 -45.92 11.15 23.87
N ASN A 43 -45.43 12.38 24.00
CA ASN A 43 -44.73 13.02 22.88
C ASN A 43 -43.40 12.33 22.60
N MET A 44 -42.65 12.00 23.66
CA MET A 44 -41.40 11.26 23.50
C MET A 44 -41.64 9.95 22.76
N ASN A 45 -42.69 9.22 23.14
CA ASN A 45 -42.94 7.91 22.54
C ASN A 45 -43.36 8.03 21.08
N ASN A 46 -44.16 9.06 20.75
CA ASN A 46 -44.63 9.21 19.38
C ASN A 46 -43.48 9.51 18.43
N ALA A 47 -42.53 10.34 18.85
CA ALA A 47 -41.38 10.61 18.01
C ALA A 47 -40.46 9.39 17.91
N GLY A 48 -40.27 8.67 19.02
CA GLY A 48 -39.42 7.50 18.98
C GLY A 48 -40.03 6.36 18.19
N ASP A 49 -41.36 6.24 18.23
CA ASP A 49 -42.02 5.18 17.47
C ASP A 49 -41.92 5.45 15.97
N LYS A 50 -42.00 6.72 15.56
CA LYS A 50 -41.83 7.05 14.15
C LYS A 50 -40.39 6.86 13.71
N TRP A 51 -39.43 7.06 14.61
CA TRP A 51 -38.03 6.86 14.29
C TRP A 51 -37.66 5.38 14.35
N SER A 52 -38.29 4.61 15.25
CA SER A 52 -38.11 3.17 15.24
C SER A 52 -38.71 2.54 13.98
N ALA A 53 -39.85 3.06 13.52
CA ALA A 53 -40.51 2.53 12.34
C ALA A 53 -39.88 3.02 11.04
N PHE A 54 -39.14 4.13 11.08
CA PHE A 54 -38.41 4.58 9.90
C PHE A 54 -37.17 3.75 9.67
N LEU A 55 -36.47 3.39 10.75
CA LEU A 55 -35.26 2.58 10.63
C LEU A 55 -35.59 1.16 10.20
N LYS A 56 -36.69 0.61 10.70
CA LYS A 56 -37.13 -0.71 10.24
C LYS A 56 -37.55 -0.68 8.78
N GLU A 57 -38.11 0.44 8.32
CA GLU A 57 -38.44 0.60 6.91
C GLU A 57 -37.17 0.73 6.07
N GLN A 58 -36.15 1.40 6.60
CA GLN A 58 -34.93 1.62 5.83
C GLN A 58 -34.00 0.42 5.90
N SER A 59 -34.01 -0.30 7.03
CA SER A 59 -33.24 -1.54 7.12
C SER A 59 -33.66 -2.53 6.05
N THR A 60 -34.96 -2.62 5.77
CA THR A 60 -35.46 -3.55 4.76
C THR A 60 -34.94 -3.17 3.38
N LEU A 61 -35.07 -1.89 3.00
CA LEU A 61 -34.62 -1.45 1.68
C LEU A 61 -33.11 -1.61 1.52
N ALA A 62 -32.35 -1.44 2.60
CA ALA A 62 -30.89 -1.50 2.50
C ALA A 62 -30.42 -2.89 2.07
N GLN A 63 -31.09 -3.93 2.55
CA GLN A 63 -30.68 -5.30 2.22
C GLN A 63 -30.80 -5.61 0.74
N MET A 64 -31.58 -4.83 0.00
CA MET A 64 -31.68 -5.02 -1.45
C MET A 64 -30.35 -4.74 -2.16
N TYR A 65 -29.42 -4.04 -1.50
CA TYR A 65 -28.08 -3.82 -2.03
C TYR A 65 -27.13 -4.80 -1.35
N PRO A 66 -26.77 -5.91 -2.00
CA PRO A 66 -25.98 -6.94 -1.31
C PRO A 66 -24.52 -6.53 -1.16
N LEU A 67 -24.02 -6.64 0.08
CA LEU A 67 -22.69 -6.13 0.43
C LEU A 67 -21.58 -6.66 -0.46
N GLN A 68 -21.75 -7.86 -1.03
CA GLN A 68 -20.69 -8.49 -1.80
C GLN A 68 -20.22 -7.62 -2.95
N GLU A 69 -21.14 -6.83 -3.52
CA GLU A 69 -20.87 -6.05 -4.71
C GLU A 69 -20.38 -4.63 -4.39
N ILE A 70 -20.36 -4.25 -3.12
CA ILE A 70 -19.84 -2.96 -2.68
C ILE A 70 -18.37 -3.10 -2.33
N GLN A 71 -17.55 -2.18 -2.87
CA GLN A 71 -16.10 -2.20 -2.70
C GLN A 71 -15.58 -1.02 -1.89
N ASN A 72 -16.13 0.19 -2.08
CA ASN A 72 -15.83 1.30 -1.20
C ASN A 72 -16.15 0.92 0.24
N LEU A 73 -15.12 0.90 1.08
CA LEU A 73 -15.26 0.37 2.44
C LEU A 73 -16.15 1.26 3.31
N THR A 74 -16.14 2.58 3.07
CA THR A 74 -16.96 3.46 3.89
C THR A 74 -18.43 3.39 3.47
N VAL A 75 -18.71 3.01 2.23
CA VAL A 75 -20.07 2.70 1.84
C VAL A 75 -20.53 1.40 2.50
N LYS A 76 -19.66 0.39 2.52
CA LYS A 76 -20.04 -0.90 3.07
C LYS A 76 -20.32 -0.84 4.56
N LEU A 77 -19.56 -0.03 5.30
CA LEU A 77 -19.78 0.11 6.74
C LEU A 77 -21.19 0.63 7.02
N GLN A 78 -21.55 1.77 6.42
CA GLN A 78 -22.87 2.34 6.64
C GLN A 78 -23.96 1.38 6.18
N LEU A 79 -23.81 0.81 4.98
CA LEU A 79 -24.76 -0.17 4.47
C LEU A 79 -24.91 -1.34 5.44
N GLN A 80 -23.79 -1.85 5.95
CA GLN A 80 -23.84 -2.99 6.87
C GLN A 80 -24.47 -2.60 8.21
N ALA A 81 -24.18 -1.39 8.68
CA ALA A 81 -24.76 -0.92 9.94
C ALA A 81 -26.28 -0.79 9.85
N LEU A 82 -26.83 -0.66 8.64
CA LEU A 82 -28.26 -0.53 8.43
C LEU A 82 -28.92 -1.84 8.03
N GLN A 83 -28.14 -2.88 7.75
CA GLN A 83 -28.64 -4.18 7.31
C GLN A 83 -28.75 -5.18 8.45
N GLN A 84 -28.99 -4.70 9.66
CA GLN A 84 -29.03 -5.56 10.84
C GLN A 84 -30.44 -6.12 11.01
N ASN A 85 -30.61 -7.42 10.74
CA ASN A 85 -31.91 -8.06 10.92
C ASN A 85 -32.36 -7.96 12.38
N GLY A 86 -31.46 -8.30 13.30
CA GLY A 86 -31.81 -8.23 14.71
C GLY A 86 -32.82 -9.30 15.08
N SER A 87 -33.71 -8.95 16.01
CA SER A 87 -34.77 -9.85 16.41
C SER A 87 -35.74 -10.17 15.28
N SER A 88 -35.74 -9.35 14.21
CA SER A 88 -36.65 -9.58 13.10
C SER A 88 -36.36 -10.89 12.39
N VAL A 89 -35.11 -11.35 12.41
CA VAL A 89 -34.73 -12.62 11.79
C VAL A 89 -35.50 -13.79 12.38
N LEU A 90 -36.19 -13.58 13.49
CA LEU A 90 -36.96 -14.60 14.18
C LEU A 90 -38.42 -14.53 13.75
N SER A 91 -39.13 -15.64 13.95
CA SER A 91 -40.57 -15.64 13.76
C SER A 91 -41.21 -14.60 14.65
N GLU A 92 -42.29 -13.98 14.16
CA GLU A 92 -43.00 -12.97 14.95
C GLU A 92 -43.40 -13.52 16.31
N ASP A 93 -43.95 -14.74 16.32
CA ASP A 93 -44.35 -15.36 17.59
C ASP A 93 -43.18 -15.46 18.55
N LYS A 94 -42.00 -15.82 18.05
CA LYS A 94 -40.81 -15.93 18.91
C LYS A 94 -40.26 -14.54 19.27
N SER A 95 -40.08 -13.67 18.26
CA SER A 95 -39.63 -12.32 18.53
C SER A 95 -40.59 -11.58 19.46
N LYS A 96 -41.86 -11.99 19.49
CA LYS A 96 -42.80 -11.43 20.45
C LYS A 96 -42.64 -12.06 21.83
N ARG A 97 -42.19 -13.31 21.91
CA ARG A 97 -41.91 -13.90 23.22
C ARG A 97 -40.62 -13.35 23.82
N LEU A 98 -39.55 -13.33 23.02
CA LEU A 98 -38.28 -12.79 23.51
C LEU A 98 -38.47 -11.41 24.11
N ASN A 99 -39.25 -10.55 23.45
CA ASN A 99 -39.53 -9.23 23.98
C ASN A 99 -40.37 -9.30 25.25
N THR A 100 -41.24 -10.32 25.37
CA THR A 100 -41.99 -10.49 26.60
C THR A 100 -41.08 -10.89 27.74
N ILE A 101 -40.19 -11.86 27.50
CA ILE A 101 -39.25 -12.30 28.53
C ILE A 101 -38.37 -11.14 28.97
N LEU A 102 -37.75 -10.46 28.00
CA LEU A 102 -36.88 -9.32 28.31
C LEU A 102 -37.61 -8.30 29.19
N ASN A 103 -38.85 -7.97 28.83
CA ASN A 103 -39.61 -7.01 29.60
C ASN A 103 -40.00 -7.59 30.96
N THR A 104 -40.28 -8.88 31.02
CA THR A 104 -40.59 -9.52 32.29
C THR A 104 -39.40 -9.48 33.23
N MET A 105 -38.21 -9.79 32.71
CA MET A 105 -37.01 -9.76 33.53
C MET A 105 -36.68 -8.35 33.99
N SER A 106 -36.78 -7.37 33.08
CA SER A 106 -36.56 -5.98 33.45
C SER A 106 -37.53 -5.54 34.54
N THR A 107 -38.77 -6.05 34.49
CA THR A 107 -39.75 -5.70 35.51
C THR A 107 -39.42 -6.34 36.85
N ILE A 108 -38.85 -7.54 36.85
CA ILE A 108 -38.62 -8.25 38.10
C ILE A 108 -37.47 -7.61 38.89
N TYR A 109 -36.36 -7.31 38.20
CA TYR A 109 -35.24 -6.63 38.84
C TYR A 109 -35.66 -5.27 39.39
N SER A 110 -36.15 -4.40 38.50
CA SER A 110 -36.43 -3.02 38.88
C SER A 110 -37.58 -2.88 39.87
N THR A 111 -38.47 -3.87 39.96
CA THR A 111 -39.54 -3.87 40.95
C THR A 111 -39.34 -4.89 42.06
N GLY A 112 -38.22 -5.62 42.04
CA GLY A 112 -38.01 -6.69 43.01
C GLY A 112 -37.82 -6.13 44.41
N LYS A 113 -38.65 -6.57 45.35
CA LYS A 113 -38.61 -6.08 46.71
C LYS A 113 -38.41 -7.23 47.69
N VAL A 114 -37.72 -6.94 48.79
CA VAL A 114 -37.41 -7.91 49.84
C VAL A 114 -37.95 -7.36 51.14
N CYS A 115 -38.67 -8.21 51.88
CA CYS A 115 -39.35 -7.78 53.10
C CYS A 115 -38.73 -8.44 54.32
N ASN A 116 -38.87 -7.77 55.46
CA ASN A 116 -38.23 -8.23 56.69
C ASN A 116 -38.75 -9.60 57.11
N PRO A 117 -37.88 -10.48 57.61
CA PRO A 117 -38.37 -11.67 58.31
C PRO A 117 -39.08 -11.26 59.60
N ASP A 118 -40.19 -11.93 59.87
CA ASP A 118 -41.03 -11.69 61.05
C ASP A 118 -41.73 -10.34 61.00
N ASN A 119 -41.64 -9.62 59.88
CA ASN A 119 -42.38 -8.37 59.68
C ASN A 119 -42.62 -8.19 58.19
N PRO A 120 -43.66 -8.83 57.65
CA PRO A 120 -43.93 -8.71 56.21
C PRO A 120 -44.14 -7.29 55.75
N GLN A 121 -44.58 -6.41 56.65
CA GLN A 121 -44.80 -5.01 56.30
C GLN A 121 -43.50 -4.31 55.93
N GLU A 122 -42.46 -4.51 56.73
CA GLU A 122 -41.16 -3.88 56.47
C GLU A 122 -40.55 -4.49 55.21
N CYS A 123 -40.24 -3.65 54.22
CA CYS A 123 -39.70 -4.11 52.96
C CYS A 123 -38.67 -3.13 52.45
N LEU A 124 -37.73 -3.64 51.65
CA LEU A 124 -36.62 -2.85 51.12
C LEU A 124 -36.38 -3.22 49.67
N LEU A 125 -36.23 -2.22 48.82
CA LEU A 125 -35.88 -2.45 47.44
C LEU A 125 -34.36 -2.48 47.32
N LEU A 126 -33.86 -2.79 46.12
CA LEU A 126 -32.42 -2.70 45.92
C LEU A 126 -31.94 -1.29 46.21
N GLU A 127 -32.66 -0.30 45.72
CA GLU A 127 -32.45 1.09 46.06
C GLU A 127 -33.68 1.61 46.78
N PRO A 128 -33.53 2.27 47.93
CA PRO A 128 -32.24 2.62 48.53
C PRO A 128 -31.75 1.67 49.61
N GLY A 129 -32.66 0.92 50.24
CA GLY A 129 -32.33 0.11 51.40
C GLY A 129 -31.25 -0.94 51.26
N LEU A 130 -31.46 -1.91 50.38
CA LEU A 130 -30.52 -3.03 50.28
C LEU A 130 -29.13 -2.55 49.87
N ASN A 131 -29.08 -1.63 48.91
CA ASN A 131 -27.79 -1.12 48.46
C ASN A 131 -27.07 -0.40 49.60
N GLU A 132 -27.82 0.26 50.49
CA GLU A 132 -27.20 0.88 51.65
C GLU A 132 -26.51 -0.17 52.51
N ILE A 133 -27.27 -1.20 52.90
CA ILE A 133 -26.73 -2.24 53.78
C ILE A 133 -25.43 -2.80 53.21
N MET A 134 -25.48 -3.27 51.96
CA MET A 134 -24.31 -3.89 51.37
C MET A 134 -23.15 -2.90 51.27
N ALA A 135 -23.44 -1.64 50.98
CA ALA A 135 -22.39 -0.67 50.67
C ALA A 135 -21.92 0.14 51.87
N ASN A 136 -22.61 0.05 53.00
CA ASN A 136 -22.22 0.83 54.17
C ASN A 136 -22.24 0.07 55.49
N SER A 137 -23.09 -0.94 55.65
CA SER A 137 -23.22 -1.69 56.89
C SER A 137 -21.97 -2.53 57.17
N LEU A 138 -21.88 -3.00 58.41
CA LEU A 138 -20.71 -3.74 58.90
C LEU A 138 -21.13 -4.89 59.81
N ASP A 139 -22.14 -5.65 59.40
CA ASP A 139 -22.58 -6.83 60.14
C ASP A 139 -22.64 -8.00 59.18
N TYR A 140 -21.87 -9.04 59.48
CA TYR A 140 -21.83 -10.24 58.62
C TYR A 140 -23.22 -10.83 58.46
N ASN A 141 -23.92 -11.05 59.58
CA ASN A 141 -25.23 -11.69 59.51
C ASN A 141 -26.27 -10.78 58.85
N GLU A 142 -26.20 -9.48 59.12
CA GLU A 142 -27.10 -8.55 58.45
C GLU A 142 -26.85 -8.52 56.95
N ARG A 143 -25.58 -8.35 56.55
CA ARG A 143 -25.25 -8.32 55.14
C ARG A 143 -25.67 -9.60 54.43
N LEU A 144 -25.38 -10.76 55.04
CA LEU A 144 -25.80 -12.03 54.45
C LEU A 144 -27.29 -12.04 54.13
N TRP A 145 -28.10 -11.40 54.96
CA TRP A 145 -29.53 -11.28 54.68
C TRP A 145 -29.78 -10.55 53.36
N ALA A 146 -29.28 -9.31 53.26
CA ALA A 146 -29.52 -8.52 52.04
C ALA A 146 -28.94 -9.20 50.81
N TRP A 147 -27.72 -9.74 50.93
CA TRP A 147 -27.09 -10.43 49.81
C TRP A 147 -27.88 -11.66 49.40
N GLU A 148 -28.29 -12.48 50.38
CA GLU A 148 -28.96 -13.74 50.08
C GLU A 148 -30.40 -13.51 49.61
N SER A 149 -31.15 -12.68 50.33
CA SER A 149 -32.57 -12.51 50.02
C SER A 149 -32.76 -11.92 48.63
N TRP A 150 -31.88 -11.01 48.22
CA TRP A 150 -31.97 -10.47 46.86
C TRP A 150 -31.82 -11.57 45.82
N ARG A 151 -30.91 -12.50 46.05
CA ARG A 151 -30.67 -13.57 45.09
C ARG A 151 -31.68 -14.71 45.19
N SER A 152 -32.48 -14.74 46.25
CA SER A 152 -33.43 -15.83 46.47
C SER A 152 -34.85 -15.49 46.01
N GLU A 153 -35.25 -14.23 46.12
CA GLU A 153 -36.59 -13.82 45.72
C GLU A 153 -36.63 -13.10 44.39
N VAL A 154 -35.50 -12.52 43.95
CA VAL A 154 -35.40 -11.89 42.65
C VAL A 154 -34.67 -12.79 41.66
N GLY A 155 -33.62 -13.48 42.09
CA GLY A 155 -32.89 -14.33 41.18
C GLY A 155 -33.67 -15.56 40.75
N LYS A 156 -34.45 -16.14 41.66
CA LYS A 156 -35.16 -17.38 41.35
C LYS A 156 -36.29 -17.13 40.37
N GLN A 157 -36.98 -15.98 40.48
CA GLN A 157 -37.96 -15.61 39.47
C GLN A 157 -37.32 -15.53 38.09
N LEU A 158 -36.10 -15.01 38.01
CA LEU A 158 -35.42 -14.81 36.74
C LEU A 158 -34.82 -16.08 36.17
N ARG A 159 -34.72 -17.15 36.96
CA ARG A 159 -34.02 -18.34 36.49
C ARG A 159 -34.71 -19.02 35.31
N PRO A 160 -36.01 -19.36 35.36
CA PRO A 160 -36.62 -19.98 34.16
C PRO A 160 -36.66 -19.03 32.98
N LEU A 161 -36.84 -17.74 33.22
CA LEU A 161 -36.84 -16.76 32.13
C LEU A 161 -35.47 -16.68 31.46
N TYR A 162 -34.41 -16.62 32.25
CA TYR A 162 -33.07 -16.53 31.68
C TYR A 162 -32.73 -17.75 30.84
N GLU A 163 -33.30 -18.91 31.18
CA GLU A 163 -33.06 -20.10 30.36
C GLU A 163 -33.70 -19.96 28.99
N GLU A 164 -34.93 -19.46 28.94
CA GLU A 164 -35.59 -19.24 27.65
C GLU A 164 -34.98 -18.07 26.91
N TYR A 165 -34.51 -17.05 27.64
CA TYR A 165 -33.78 -15.94 27.03
C TYR A 165 -32.52 -16.41 26.33
N VAL A 166 -31.86 -17.44 26.85
CA VAL A 166 -30.66 -17.96 26.20
C VAL A 166 -31.03 -18.76 24.94
N VAL A 167 -32.15 -19.47 24.96
CA VAL A 167 -32.57 -20.23 23.78
C VAL A 167 -32.84 -19.29 22.62
N LEU A 168 -33.69 -18.29 22.84
CA LEU A 168 -34.13 -17.42 21.75
C LEU A 168 -32.99 -16.53 21.24
N LYS A 169 -32.22 -15.95 22.16
CA LYS A 169 -31.10 -15.12 21.76
C LYS A 169 -30.10 -15.90 20.90
N ASN A 170 -29.89 -17.18 21.22
CA ASN A 170 -29.01 -18.00 20.40
C ASN A 170 -29.64 -18.33 19.06
N GLU A 171 -30.97 -18.47 19.01
CA GLU A 171 -31.63 -18.68 17.72
C GLU A 171 -31.52 -17.45 16.83
N MET A 172 -31.71 -16.26 17.41
CA MET A 172 -31.63 -15.02 16.64
C MET A 172 -30.23 -14.81 16.09
N ALA A 173 -29.20 -15.15 16.87
CA ALA A 173 -27.83 -14.93 16.42
C ALA A 173 -27.39 -15.96 15.39
N ARG A 174 -27.82 -17.21 15.54
CA ARG A 174 -27.48 -18.24 14.56
C ARG A 174 -28.15 -17.97 13.21
N ALA A 175 -29.41 -17.52 13.25
CA ALA A 175 -30.09 -17.12 12.02
C ALA A 175 -29.39 -15.94 11.37
N ASN A 176 -28.90 -15.00 12.18
CA ASN A 176 -28.14 -13.86 11.68
C ASN A 176 -26.70 -14.24 11.31
N HIS A 177 -26.40 -15.54 11.25
CA HIS A 177 -25.13 -16.09 10.76
C HIS A 177 -23.99 -15.78 11.72
N TYR A 178 -24.28 -15.81 13.02
CA TYR A 178 -23.30 -15.77 14.09
C TYR A 178 -23.32 -17.11 14.81
N GLU A 179 -22.21 -17.45 15.47
CA GLU A 179 -22.12 -18.74 16.15
C GLU A 179 -23.15 -18.84 17.27
N ASP A 180 -23.02 -17.97 18.28
CA ASP A 180 -23.98 -17.90 19.37
C ASP A 180 -24.14 -16.43 19.74
N TYR A 181 -25.08 -16.15 20.66
CA TYR A 181 -25.36 -14.78 21.03
C TYR A 181 -24.12 -14.05 21.54
N GLY A 182 -23.20 -14.79 22.17
CA GLY A 182 -21.95 -14.17 22.59
C GLY A 182 -21.08 -13.76 21.42
N ASP A 183 -20.97 -14.62 20.41
CA ASP A 183 -20.24 -14.25 19.20
C ASP A 183 -20.86 -13.01 18.56
N TYR A 184 -22.19 -12.92 18.58
CA TYR A 184 -22.88 -11.73 18.10
C TYR A 184 -22.40 -10.48 18.83
N TRP A 185 -22.38 -10.53 20.17
CA TRP A 185 -21.92 -9.40 20.96
C TRP A 185 -20.47 -9.05 20.66
N ARG A 186 -19.63 -10.06 20.40
CA ARG A 186 -18.23 -9.79 20.10
C ARG A 186 -18.05 -9.12 18.75
N GLY A 187 -19.10 -9.06 17.92
CA GLY A 187 -19.01 -8.44 16.61
C GLY A 187 -18.69 -6.96 16.64
N ASP A 188 -18.95 -6.28 17.77
CA ASP A 188 -18.65 -4.86 17.87
C ASP A 188 -17.16 -4.55 17.69
N TYR A 189 -16.30 -5.54 17.89
CA TYR A 189 -14.87 -5.35 17.73
C TYR A 189 -14.35 -5.91 16.41
N GLU A 190 -15.22 -6.49 15.59
CA GLU A 190 -14.79 -7.09 14.34
C GLU A 190 -14.40 -6.03 13.32
N VAL A 191 -13.40 -6.36 12.51
CA VAL A 191 -12.90 -5.48 11.44
C VAL A 191 -12.53 -6.36 10.26
N ASN A 192 -13.02 -6.00 9.07
CA ASN A 192 -12.72 -6.75 7.85
C ASN A 192 -12.34 -5.81 6.72
N GLY A 193 -11.56 -6.35 5.77
CA GLY A 193 -11.24 -5.64 4.55
C GLY A 193 -10.22 -4.53 4.66
N VAL A 194 -9.48 -4.45 5.76
CA VAL A 194 -8.47 -3.41 5.95
C VAL A 194 -7.17 -4.11 6.31
N ASP A 195 -6.26 -4.23 5.33
CA ASP A 195 -5.03 -4.98 5.54
C ASP A 195 -4.20 -4.38 6.67
N GLY A 196 -3.83 -5.24 7.63
CA GLY A 196 -3.05 -4.83 8.77
C GLY A 196 -3.84 -4.27 9.93
N TYR A 197 -5.14 -4.02 9.75
CA TYR A 197 -5.97 -3.46 10.80
C TYR A 197 -7.23 -4.27 11.07
N ASP A 198 -7.33 -5.49 10.53
CA ASP A 198 -8.47 -6.34 10.81
C ASP A 198 -8.49 -6.76 12.28
N TYR A 199 -9.61 -7.35 12.68
CA TYR A 199 -9.77 -7.88 14.03
C TYR A 199 -10.86 -8.94 13.99
N SER A 200 -10.56 -10.12 14.54
CA SER A 200 -11.53 -11.20 14.57
C SER A 200 -12.43 -11.07 15.79
N ARG A 201 -13.67 -11.57 15.64
CA ARG A 201 -14.57 -11.63 16.79
C ARG A 201 -13.97 -12.47 17.90
N GLY A 202 -13.36 -13.61 17.56
CA GLY A 202 -12.75 -14.45 18.57
C GLY A 202 -11.53 -13.84 19.22
N GLN A 203 -10.76 -13.04 18.47
CA GLN A 203 -9.54 -12.44 18.99
C GLN A 203 -9.78 -11.62 20.25
N LEU A 204 -11.01 -11.15 20.47
CA LEU A 204 -11.32 -10.43 21.71
C LEU A 204 -11.09 -11.32 22.93
N ILE A 205 -11.67 -12.53 22.92
CA ILE A 205 -11.48 -13.46 24.04
C ILE A 205 -10.01 -13.66 24.34
N GLU A 206 -9.22 -13.95 23.29
CA GLU A 206 -7.77 -14.00 23.42
C GLU A 206 -7.22 -12.75 24.09
N ASP A 207 -7.41 -11.59 23.47
CA ASP A 207 -6.76 -10.38 23.95
C ASP A 207 -7.34 -9.92 25.28
N VAL A 208 -8.61 -10.21 25.54
CA VAL A 208 -9.15 -10.02 26.89
C VAL A 208 -8.39 -10.87 27.88
N GLU A 209 -8.28 -12.18 27.60
CA GLU A 209 -7.59 -13.10 28.51
C GLU A 209 -6.10 -12.79 28.60
N HIS A 210 -5.43 -12.65 27.45
CA HIS A 210 -3.99 -12.43 27.45
C HIS A 210 -3.61 -11.16 28.21
N THR A 211 -4.50 -10.18 28.27
CA THR A 211 -4.24 -8.98 29.05
C THR A 211 -4.66 -9.11 30.50
N PHE A 212 -5.69 -9.92 30.79
CA PHE A 212 -6.05 -10.17 32.18
C PHE A 212 -4.94 -10.91 32.92
N GLU A 213 -4.24 -11.81 32.23
CA GLU A 213 -3.12 -12.52 32.84
C GLU A 213 -2.09 -11.56 33.39
N GLU A 214 -1.85 -10.44 32.70
CA GLU A 214 -0.90 -9.46 33.18
C GLU A 214 -1.45 -8.62 34.32
N ILE A 215 -2.77 -8.64 34.57
CA ILE A 215 -3.30 -7.90 35.70
C ILE A 215 -3.15 -8.70 36.99
N LYS A 216 -3.27 -10.03 36.91
CA LYS A 216 -3.30 -10.91 38.08
C LYS A 216 -2.30 -10.56 39.17
N PRO A 217 -1.01 -10.29 38.88
CA PRO A 217 -0.11 -9.89 39.99
C PRO A 217 -0.57 -8.66 40.75
N LEU A 218 -1.07 -7.64 40.04
CA LEU A 218 -1.54 -6.43 40.72
C LEU A 218 -2.85 -6.69 41.46
N TYR A 219 -3.74 -7.49 40.87
CA TYR A 219 -4.99 -7.81 41.56
C TYR A 219 -4.73 -8.73 42.76
N GLU A 220 -3.84 -9.71 42.59
CA GLU A 220 -3.56 -10.65 43.67
C GLU A 220 -3.07 -9.94 44.93
N HIS A 221 -2.26 -8.89 44.76
CA HIS A 221 -1.77 -8.14 45.91
C HIS A 221 -2.87 -7.25 46.50
N LEU A 222 -3.58 -6.52 45.64
CA LEU A 222 -4.75 -5.78 46.09
C LEU A 222 -5.72 -6.67 46.84
N HIS A 223 -5.86 -7.93 46.38
CA HIS A 223 -6.78 -8.86 47.02
C HIS A 223 -6.28 -9.27 48.40
N ALA A 224 -4.99 -9.62 48.50
CA ALA A 224 -4.44 -10.03 49.78
C ALA A 224 -4.30 -8.88 50.76
N TYR A 225 -4.25 -7.64 50.27
CA TYR A 225 -4.23 -6.48 51.16
C TYR A 225 -5.64 -6.16 51.66
N VAL A 226 -6.64 -6.26 50.78
CA VAL A 226 -8.01 -6.06 51.20
C VAL A 226 -8.45 -7.18 52.14
N ARG A 227 -8.07 -8.42 51.83
CA ARG A 227 -8.40 -9.55 52.69
C ARG A 227 -7.75 -9.41 54.06
N ALA A 228 -6.49 -8.97 54.09
CA ALA A 228 -5.84 -8.71 55.37
C ALA A 228 -6.60 -7.66 56.18
N LYS A 229 -7.07 -6.60 55.51
CA LYS A 229 -7.75 -5.52 56.22
C LYS A 229 -9.18 -5.87 56.59
N LEU A 230 -9.86 -6.69 55.78
CA LEU A 230 -11.17 -7.20 56.18
C LEU A 230 -11.06 -8.15 57.37
N MET A 231 -9.99 -8.94 57.42
CA MET A 231 -9.81 -9.90 58.51
C MET A 231 -9.70 -9.21 59.86
N ASN A 232 -9.17 -7.98 59.89
CA ASN A 232 -9.19 -7.19 61.11
C ASN A 232 -10.59 -6.73 61.50
N ALA A 233 -11.52 -6.68 60.54
CA ALA A 233 -12.83 -6.09 60.76
C ALA A 233 -13.92 -7.12 61.03
N TYR A 234 -13.77 -8.34 60.53
CA TYR A 234 -14.59 -9.47 60.97
C TYR A 234 -13.65 -10.64 61.20
N PRO A 235 -13.06 -10.75 62.39
CA PRO A 235 -12.00 -11.75 62.58
C PRO A 235 -12.49 -13.18 62.58
N SER A 236 -13.64 -13.46 63.19
CA SER A 236 -14.13 -14.82 63.29
C SER A 236 -14.69 -15.36 61.97
N TYR A 237 -14.78 -14.52 60.93
CA TYR A 237 -15.55 -14.87 59.74
C TYR A 237 -14.71 -15.06 58.47
N ILE A 238 -13.48 -14.56 58.43
CA ILE A 238 -12.69 -14.53 57.20
C ILE A 238 -11.44 -15.39 57.38
N SER A 239 -11.09 -16.16 56.31
CA SER A 239 -9.91 -17.02 56.27
C SER A 239 -8.72 -16.26 55.70
N PRO A 240 -7.54 -16.36 56.32
CA PRO A 240 -6.36 -15.64 55.82
C PRO A 240 -5.73 -16.24 54.57
N ILE A 241 -6.23 -17.38 54.07
CA ILE A 241 -5.78 -17.92 52.79
C ILE A 241 -6.93 -18.17 51.83
N GLY A 242 -8.17 -17.89 52.24
CA GLY A 242 -9.31 -18.20 51.41
C GLY A 242 -9.75 -17.03 50.54
N CYS A 243 -10.81 -17.28 49.78
CA CYS A 243 -11.43 -16.23 48.99
C CYS A 243 -12.19 -15.26 49.90
N LEU A 244 -12.55 -14.13 49.33
CA LEU A 244 -13.26 -13.15 50.14
C LEU A 244 -14.76 -13.43 50.10
N PRO A 245 -15.44 -13.46 51.24
CA PRO A 245 -16.90 -13.64 51.22
C PRO A 245 -17.57 -12.56 50.40
N ALA A 246 -18.49 -12.99 49.52
CA ALA A 246 -19.04 -12.09 48.52
C ALA A 246 -19.76 -10.90 49.15
N HIS A 247 -20.56 -11.15 50.19
CA HIS A 247 -21.38 -10.09 50.76
C HIS A 247 -20.56 -8.99 51.43
N LEU A 248 -19.27 -9.23 51.65
CA LEU A 248 -18.40 -8.31 52.38
C LEU A 248 -17.61 -7.37 51.48
N LEU A 249 -18.04 -7.19 50.23
CA LEU A 249 -17.23 -6.48 49.25
C LEU A 249 -17.78 -5.11 48.84
N GLY A 250 -18.77 -4.58 49.55
CA GLY A 250 -19.21 -3.21 49.31
C GLY A 250 -20.33 -3.02 48.30
N ASP A 251 -20.63 -4.02 47.48
CA ASP A 251 -21.78 -3.98 46.58
C ASP A 251 -22.61 -5.22 46.83
N MET A 252 -23.91 -5.15 46.47
CA MET A 252 -24.72 -6.34 46.55
C MET A 252 -24.19 -7.46 45.68
N TRP A 253 -23.63 -7.11 44.51
CA TRP A 253 -23.09 -8.04 43.54
C TRP A 253 -21.56 -8.12 43.57
N GLY A 254 -20.90 -7.29 44.38
CA GLY A 254 -19.47 -7.38 44.55
C GLY A 254 -18.69 -7.01 43.30
N ARG A 255 -19.14 -5.95 42.64
CA ARG A 255 -18.55 -5.41 41.43
C ARG A 255 -17.37 -4.48 41.74
N PHE A 256 -17.68 -3.28 42.24
CA PHE A 256 -16.69 -2.29 42.63
C PHE A 256 -16.40 -2.46 44.12
N TRP A 257 -15.12 -2.46 44.49
CA TRP A 257 -14.71 -2.54 45.88
C TRP A 257 -14.56 -1.15 46.51
N THR A 258 -15.21 -0.14 45.92
CA THR A 258 -14.96 1.24 46.31
C THR A 258 -15.35 1.50 47.76
N ASN A 259 -16.52 1.04 48.18
CA ASN A 259 -17.02 1.37 49.51
C ASN A 259 -16.21 0.73 50.63
N LEU A 260 -15.24 -0.12 50.30
CA LEU A 260 -14.36 -0.73 51.29
C LEU A 260 -13.21 0.19 51.70
N TYR A 261 -13.16 1.41 51.15
CA TYR A 261 -12.06 2.33 51.45
C TYR A 261 -11.98 2.65 52.93
N SER A 262 -13.13 2.93 53.56
CA SER A 262 -13.17 3.23 54.99
C SER A 262 -12.43 2.19 55.81
N LEU A 263 -12.44 0.94 55.35
CA LEU A 263 -11.79 -0.14 56.08
C LEU A 263 -10.37 -0.38 55.60
N THR A 264 -10.07 0.00 54.35
CA THR A 264 -8.78 -0.31 53.75
C THR A 264 -7.89 0.91 53.58
N VAL A 265 -8.27 2.05 54.15
CA VAL A 265 -7.52 3.29 53.91
C VAL A 265 -6.08 3.12 54.38
N PRO A 266 -5.09 3.37 53.53
CA PRO A 266 -3.70 3.12 53.95
C PRO A 266 -3.25 3.98 55.12
N PHE A 267 -3.53 5.28 55.09
CA PHE A 267 -3.16 6.20 56.16
C PHE A 267 -4.42 6.97 56.54
N GLY A 268 -5.13 6.46 57.54
CA GLY A 268 -6.48 6.94 57.82
C GLY A 268 -6.54 8.40 58.26
N GLN A 269 -5.54 8.85 59.03
CA GLN A 269 -5.61 10.19 59.61
C GLN A 269 -5.54 11.28 58.54
N LYS A 270 -4.71 11.07 57.52
CA LYS A 270 -4.58 12.08 56.47
C LYS A 270 -5.81 12.07 55.58
N PRO A 271 -6.48 13.22 55.39
CA PRO A 271 -7.73 13.24 54.65
C PRO A 271 -7.50 13.30 53.15
N ASN A 272 -8.58 13.06 52.40
CA ASN A 272 -8.53 13.16 50.95
C ASN A 272 -8.68 14.61 50.52
N ILE A 273 -8.25 14.88 49.28
CA ILE A 273 -8.30 16.22 48.72
C ILE A 273 -9.74 16.50 48.31
N ASP A 274 -10.42 17.39 49.04
CA ASP A 274 -11.80 17.77 48.74
C ASP A 274 -11.88 19.28 48.61
N VAL A 275 -11.97 19.76 47.37
CA VAL A 275 -12.00 21.19 47.08
C VAL A 275 -13.43 21.71 47.12
N THR A 276 -14.36 20.88 47.59
CA THR A 276 -15.75 21.29 47.68
C THR A 276 -15.90 22.52 48.58
N ASP A 277 -15.24 22.50 49.73
CA ASP A 277 -15.30 23.65 50.63
C ASP A 277 -14.70 24.89 49.97
N ALA A 278 -13.66 24.71 49.16
CA ALA A 278 -13.04 25.84 48.48
C ALA A 278 -13.95 26.41 47.40
N MET A 279 -14.77 25.58 46.76
CA MET A 279 -15.68 26.08 45.74
C MET A 279 -16.78 26.94 46.35
N VAL A 280 -17.37 26.47 47.45
CA VAL A 280 -18.40 27.25 48.12
C VAL A 280 -17.83 28.55 48.67
N ASP A 281 -16.58 28.51 49.15
CA ASP A 281 -15.96 29.70 49.72
C ASP A 281 -15.81 30.81 48.68
N GLN A 282 -15.61 30.44 47.42
CA GLN A 282 -15.47 31.41 46.34
C GLN A 282 -16.77 31.64 45.57
N ALA A 283 -17.87 31.06 46.05
CA ALA A 283 -19.21 31.35 45.52
C ALA A 283 -19.36 30.92 44.06
N TRP A 284 -18.74 29.79 43.71
CA TRP A 284 -18.89 29.24 42.38
C TRP A 284 -20.32 28.73 42.18
N ASP A 285 -20.88 28.98 41.00
CA ASP A 285 -22.16 28.40 40.63
C ASP A 285 -21.96 27.36 39.52
N ALA A 286 -23.07 26.80 39.04
CA ALA A 286 -22.99 25.78 38.02
C ALA A 286 -22.34 26.30 36.74
N GLN A 287 -22.62 27.56 36.38
CA GLN A 287 -22.07 28.09 35.14
C GLN A 287 -20.56 28.31 35.24
N ARG A 288 -20.06 28.66 36.43
CA ARG A 288 -18.61 28.75 36.60
C ARG A 288 -17.96 27.38 36.44
N ILE A 289 -18.64 26.32 36.89
CA ILE A 289 -18.08 24.97 36.77
C ILE A 289 -17.88 24.61 35.31
N PHE A 290 -18.95 24.66 34.52
CA PHE A 290 -18.85 24.30 33.12
C PHE A 290 -17.94 25.26 32.35
N LYS A 291 -17.86 26.52 32.80
CA LYS A 291 -16.94 27.48 32.19
C LYS A 291 -15.50 27.04 32.36
N GLU A 292 -15.15 26.54 33.56
CA GLU A 292 -13.78 26.06 33.78
C GLU A 292 -13.50 24.79 32.98
N ALA A 293 -14.53 23.96 32.76
CA ALA A 293 -14.35 22.80 31.91
C ALA A 293 -14.08 23.20 30.46
N GLU A 294 -14.88 24.14 29.95
CA GLU A 294 -14.64 24.70 28.62
C GLU A 294 -13.21 25.21 28.48
N LYS A 295 -12.75 25.95 29.49
CA LYS A 295 -11.39 26.50 29.46
C LYS A 295 -10.35 25.39 29.42
N PHE A 296 -10.64 24.24 30.04
CA PHE A 296 -9.68 23.13 30.03
C PHE A 296 -9.50 22.58 28.62
N PHE A 297 -10.60 22.23 27.95
CA PHE A 297 -10.51 21.73 26.58
C PHE A 297 -9.87 22.75 25.66
N VAL A 298 -10.27 24.01 25.78
CA VAL A 298 -9.70 25.06 24.93
C VAL A 298 -8.20 25.16 25.13
N SER A 299 -7.72 24.88 26.34
CA SER A 299 -6.29 24.96 26.64
C SER A 299 -5.47 23.91 25.91
N VAL A 300 -6.10 22.88 25.33
CA VAL A 300 -5.37 21.87 24.56
C VAL A 300 -5.63 21.97 23.08
N GLY A 301 -6.35 22.99 22.63
CA GLY A 301 -6.59 23.21 21.22
C GLY A 301 -7.94 22.80 20.71
N LEU A 302 -8.89 22.47 21.59
CA LEU A 302 -10.23 22.03 21.20
C LEU A 302 -11.21 23.20 21.24
N PRO A 303 -12.25 23.19 20.42
CA PRO A 303 -13.13 24.36 20.32
C PRO A 303 -13.95 24.56 21.59
N ASN A 304 -14.36 25.81 21.82
CA ASN A 304 -15.27 26.08 22.92
C ASN A 304 -16.69 25.65 22.54
N MET A 305 -17.56 25.58 23.54
CA MET A 305 -18.91 25.11 23.33
C MET A 305 -19.67 26.01 22.36
N THR A 306 -20.57 25.40 21.59
CA THR A 306 -21.46 26.19 20.75
C THR A 306 -22.37 27.05 21.63
N GLN A 307 -22.84 28.16 21.05
CA GLN A 307 -23.81 28.99 21.75
C GLN A 307 -25.06 28.19 22.10
N GLY A 308 -25.50 27.33 21.18
CA GLY A 308 -26.64 26.48 21.45
C GLY A 308 -26.44 25.60 22.67
N PHE A 309 -25.20 25.26 22.98
CA PHE A 309 -24.91 24.53 24.21
C PHE A 309 -25.31 25.35 25.43
N TRP A 310 -24.84 26.60 25.50
CA TRP A 310 -25.10 27.43 26.67
C TRP A 310 -26.57 27.84 26.77
N GLU A 311 -27.27 27.93 25.65
CA GLU A 311 -28.66 28.37 25.65
C GLU A 311 -29.64 27.24 25.91
N ASN A 312 -29.27 26.00 25.60
CA ASN A 312 -30.22 24.90 25.56
C ASN A 312 -29.91 23.78 26.51
N SER A 313 -28.73 23.78 27.14
CA SER A 313 -28.43 22.79 28.17
C SER A 313 -29.09 23.16 29.48
N MET A 314 -29.36 22.15 30.31
CA MET A 314 -29.91 22.35 31.65
C MET A 314 -28.80 22.00 32.63
N LEU A 315 -28.12 23.02 33.15
CA LEU A 315 -26.99 22.82 34.04
C LEU A 315 -27.34 23.06 35.51
N THR A 316 -28.60 23.41 35.81
CA THR A 316 -29.07 23.57 37.17
C THR A 316 -30.47 22.98 37.27
N ASP A 317 -30.75 22.25 38.34
CA ASP A 317 -32.09 21.73 38.57
C ASP A 317 -33.10 22.88 38.57
N PRO A 318 -34.08 22.88 37.66
CA PRO A 318 -35.20 23.81 37.81
C PRO A 318 -35.88 23.63 39.16
N GLY A 319 -35.99 22.38 39.61
CA GLY A 319 -36.59 22.06 40.86
C GLY A 319 -38.07 22.43 40.87
N ASN A 320 -38.61 22.52 42.08
CA ASN A 320 -39.98 22.96 42.32
C ASN A 320 -40.91 22.02 41.55
N VAL A 321 -41.83 22.55 40.73
CA VAL A 321 -42.81 21.72 40.05
C VAL A 321 -42.15 20.93 38.91
N GLN A 322 -41.24 21.57 38.18
CA GLN A 322 -40.62 20.95 37.00
C GLN A 322 -39.63 19.88 37.41
N LYS A 323 -40.08 18.63 37.49
CA LYS A 323 -39.16 17.54 37.78
C LYS A 323 -38.32 17.23 36.55
N ALA A 324 -37.22 16.51 36.76
CA ALA A 324 -36.30 16.20 35.66
C ALA A 324 -35.40 15.04 36.04
N VAL A 325 -35.08 14.21 35.05
CA VAL A 325 -34.15 13.10 35.23
C VAL A 325 -32.75 13.68 35.37
N CYS A 326 -32.16 13.59 36.56
CA CYS A 326 -30.96 14.33 36.89
C CYS A 326 -29.66 13.59 36.62
N HIS A 327 -29.72 12.33 36.16
CA HIS A 327 -28.52 11.62 35.76
C HIS A 327 -27.72 12.46 34.77
N PRO A 328 -26.44 12.74 35.04
CA PRO A 328 -25.65 13.58 34.12
C PRO A 328 -25.50 12.90 32.77
N THR A 329 -25.98 13.56 31.73
CA THR A 329 -25.97 13.01 30.39
C THR A 329 -25.56 14.08 29.38
N ALA A 330 -24.84 13.65 28.36
CA ALA A 330 -24.40 14.52 27.27
C ALA A 330 -25.20 14.17 26.03
N TRP A 331 -25.87 15.17 25.47
CA TRP A 331 -26.78 14.97 24.35
C TRP A 331 -26.13 15.39 23.04
N ASP A 332 -26.29 14.58 22.01
CA ASP A 332 -25.88 14.90 20.65
C ASP A 332 -27.14 14.79 19.79
N LEU A 333 -27.91 15.88 19.72
CA LEU A 333 -29.18 15.85 19.01
C LEU A 333 -28.99 15.87 17.50
N GLY A 334 -27.84 16.31 17.01
CA GLY A 334 -27.60 16.47 15.59
C GLY A 334 -27.93 17.89 15.13
N LYS A 335 -27.77 18.10 13.82
CA LYS A 335 -27.97 19.40 13.20
C LYS A 335 -27.18 20.51 13.91
N GLY A 336 -26.11 20.14 14.62
CA GLY A 336 -25.29 21.10 15.35
C GLY A 336 -25.67 21.31 16.80
N ASP A 337 -26.74 20.69 17.28
CA ASP A 337 -27.26 20.92 18.63
C ASP A 337 -26.55 20.00 19.60
N PHE A 338 -25.84 20.58 20.57
CA PHE A 338 -25.13 19.83 21.60
C PHE A 338 -25.53 20.37 22.97
N ARG A 339 -25.96 19.48 23.86
CA ARG A 339 -26.45 19.88 25.17
C ARG A 339 -25.96 18.92 26.25
N ILE A 340 -25.86 19.45 27.46
CA ILE A 340 -25.56 18.67 28.65
C ILE A 340 -26.72 18.88 29.64
N LEU A 341 -27.35 17.78 30.05
CA LEU A 341 -28.36 17.79 31.10
C LEU A 341 -27.68 17.35 32.39
N MET A 342 -27.64 18.23 33.38
CA MET A 342 -26.93 17.93 34.63
C MET A 342 -27.44 18.85 35.74
N CYS A 343 -28.02 18.25 36.78
CA CYS A 343 -28.51 19.00 37.93
C CYS A 343 -27.34 19.31 38.86
N THR A 344 -26.48 20.22 38.39
CA THR A 344 -25.19 20.43 39.01
C THR A 344 -25.32 21.02 40.41
N LYS A 345 -24.58 20.46 41.36
CA LYS A 345 -24.32 21.07 42.65
C LYS A 345 -22.90 21.64 42.67
N VAL A 346 -22.57 22.32 43.77
CA VAL A 346 -21.23 22.88 43.92
C VAL A 346 -20.41 21.93 44.78
N THR A 347 -19.98 20.81 44.20
CA THR A 347 -19.14 19.83 44.86
C THR A 347 -17.99 19.47 43.94
N MET A 348 -16.99 18.79 44.49
CA MET A 348 -15.88 18.33 43.66
C MET A 348 -16.29 17.18 42.75
N ASP A 349 -17.19 16.32 43.22
CA ASP A 349 -17.60 15.16 42.43
C ASP A 349 -18.43 15.58 41.21
N ASP A 350 -19.15 16.69 41.30
CA ASP A 350 -19.86 17.24 40.14
C ASP A 350 -19.01 18.19 39.32
N PHE A 351 -17.90 18.68 39.86
CA PHE A 351 -16.94 19.44 39.07
C PHE A 351 -16.24 18.53 38.06
N LEU A 352 -15.74 17.39 38.53
CA LEU A 352 -15.13 16.41 37.64
C LEU A 352 -16.13 15.89 36.62
N THR A 353 -17.35 15.57 37.08
CA THR A 353 -18.38 15.06 36.19
C THR A 353 -18.67 16.03 35.05
N ALA A 354 -18.54 17.34 35.32
CA ALA A 354 -18.77 18.33 34.27
C ALA A 354 -17.71 18.24 33.18
N HIS A 355 -16.46 17.95 33.56
CA HIS A 355 -15.44 17.66 32.55
C HIS A 355 -15.76 16.36 31.83
N HIS A 356 -16.09 15.31 32.58
CA HIS A 356 -16.36 14.00 32.00
C HIS A 356 -17.49 14.08 30.97
N GLU A 357 -18.61 14.71 31.35
CA GLU A 357 -19.73 14.82 30.41
C GLU A 357 -19.37 15.70 29.22
N MET A 358 -18.66 16.80 29.46
CA MET A 358 -18.23 17.65 28.36
C MET A 358 -17.24 16.92 27.45
N GLY A 359 -16.53 15.93 27.99
CA GLY A 359 -15.67 15.11 27.14
C GLY A 359 -16.44 14.42 26.04
N HIS A 360 -17.62 13.87 26.38
CA HIS A 360 -18.49 13.29 25.37
C HIS A 360 -18.88 14.32 24.32
N ILE A 361 -19.21 15.54 24.76
CA ILE A 361 -19.60 16.60 23.84
C ILE A 361 -18.49 16.85 22.82
N GLN A 362 -17.24 16.92 23.30
CA GLN A 362 -16.11 17.13 22.40
C GLN A 362 -16.01 16.01 21.37
N TYR A 363 -16.18 14.76 21.82
CA TYR A 363 -16.16 13.64 20.88
C TYR A 363 -17.33 13.74 19.91
N ASP A 364 -18.50 14.18 20.40
CA ASP A 364 -19.66 14.32 19.52
C ASP A 364 -19.46 15.42 18.49
N MET A 365 -18.84 16.53 18.88
CA MET A 365 -18.60 17.61 17.93
C MET A 365 -17.54 17.20 16.90
N ALA A 366 -16.52 16.44 17.33
CA ALA A 366 -15.37 16.20 16.47
C ALA A 366 -15.71 15.31 15.28
N TYR A 367 -16.60 14.33 15.43
CA TYR A 367 -16.96 13.47 14.32
C TYR A 367 -18.31 13.83 13.71
N ALA A 368 -18.87 15.01 14.04
CA ALA A 368 -20.17 15.37 13.51
C ALA A 368 -20.17 15.56 12.01
N ALA A 369 -19.02 15.89 11.42
CA ALA A 369 -18.92 16.01 9.96
C ALA A 369 -18.93 14.66 9.26
N GLN A 370 -18.72 13.56 9.99
CA GLN A 370 -18.85 12.24 9.42
C GLN A 370 -20.31 11.97 9.04
N PRO A 371 -20.56 10.97 8.20
CA PRO A 371 -21.96 10.59 7.90
C PRO A 371 -22.74 10.26 9.15
N PHE A 372 -24.06 10.17 9.00
CA PHE A 372 -24.92 10.00 10.16
C PHE A 372 -24.72 8.63 10.81
N LEU A 373 -24.57 7.58 10.02
CA LEU A 373 -24.36 6.25 10.57
C LEU A 373 -22.94 6.03 11.09
N LEU A 374 -22.07 7.03 10.99
CA LEU A 374 -20.68 6.90 11.43
C LEU A 374 -20.34 7.87 12.57
N ARG A 375 -21.35 8.41 13.26
CA ARG A 375 -21.13 9.34 14.37
C ARG A 375 -21.27 8.59 15.68
N ASN A 376 -20.19 7.92 16.07
CA ASN A 376 -20.14 7.17 17.30
C ASN A 376 -18.68 6.82 17.57
N GLY A 377 -18.37 6.56 18.84
CA GLY A 377 -17.03 6.14 19.22
C GLY A 377 -16.57 4.95 18.42
N ALA A 378 -15.24 4.79 18.29
CA ALA A 378 -14.68 3.76 17.41
C ALA A 378 -15.32 2.40 17.67
N ASN A 379 -15.44 2.02 18.94
CA ASN A 379 -16.18 0.82 19.33
C ASN A 379 -16.98 1.16 20.60
N GLU A 380 -17.53 0.14 21.25
CA GLU A 380 -18.42 0.39 22.37
C GLU A 380 -17.69 0.98 23.58
N GLY A 381 -16.37 0.91 23.61
CA GLY A 381 -15.62 1.37 24.76
C GLY A 381 -14.89 2.69 24.58
N PHE A 382 -14.84 3.20 23.34
CA PHE A 382 -14.05 4.39 23.06
C PHE A 382 -14.67 5.63 23.69
N HIS A 383 -15.98 5.80 23.55
CA HIS A 383 -16.62 7.04 23.99
C HIS A 383 -16.45 7.25 25.49
N GLU A 384 -16.72 6.22 26.29
CA GLU A 384 -16.60 6.33 27.74
C GLU A 384 -15.15 6.44 28.19
N ALA A 385 -14.19 6.02 27.36
CA ALA A 385 -12.78 6.20 27.69
C ALA A 385 -12.35 7.65 27.54
N VAL A 386 -12.81 8.31 26.48
CA VAL A 386 -12.53 9.74 26.29
C VAL A 386 -13.05 10.55 27.47
N GLY A 387 -14.29 10.27 27.88
CA GLY A 387 -14.87 10.98 29.01
C GLY A 387 -14.09 10.84 30.29
N GLU A 388 -13.47 9.67 30.51
CA GLU A 388 -12.80 9.40 31.78
C GLU A 388 -11.51 10.19 31.90
N ILE A 389 -10.67 10.18 30.86
CA ILE A 389 -9.36 10.81 30.93
C ILE A 389 -9.43 12.29 31.24
N MET A 390 -10.61 12.90 31.13
CA MET A 390 -10.77 14.30 31.46
C MET A 390 -10.75 14.51 32.96
N SER A 391 -11.48 13.70 33.72
CA SER A 391 -11.48 13.81 35.17
C SER A 391 -10.24 13.17 35.80
N LEU A 392 -9.42 12.46 35.03
CA LEU A 392 -8.08 12.13 35.48
C LEU A 392 -7.24 13.40 35.62
N SER A 393 -7.16 14.19 34.54
CA SER A 393 -6.36 15.41 34.56
C SER A 393 -6.96 16.43 35.50
N ALA A 394 -8.29 16.59 35.47
CA ALA A 394 -8.93 17.67 36.18
C ALA A 394 -8.84 17.52 37.70
N ALA A 395 -8.59 16.31 38.19
CA ALA A 395 -8.61 16.05 39.63
C ALA A 395 -7.23 16.03 40.26
N THR A 396 -6.16 16.04 39.46
CA THR A 396 -4.82 15.99 40.02
C THR A 396 -4.57 17.24 40.86
N PRO A 397 -3.68 17.15 41.86
CA PRO A 397 -3.34 18.37 42.63
C PRO A 397 -2.72 19.45 41.77
N LYS A 398 -1.92 19.07 40.78
CA LYS A 398 -1.29 20.06 39.91
C LYS A 398 -2.33 20.91 39.19
N HIS A 399 -3.45 20.30 38.79
CA HIS A 399 -4.47 21.06 38.06
C HIS A 399 -5.32 21.91 39.00
N LEU A 400 -5.73 21.36 40.15
CA LEU A 400 -6.57 22.11 41.07
C LEU A 400 -5.85 23.35 41.61
N LYS A 401 -4.53 23.30 41.72
CA LYS A 401 -3.78 24.46 42.18
C LYS A 401 -3.76 25.55 41.12
N SER A 402 -3.78 25.17 39.84
CA SER A 402 -3.64 26.13 38.76
C SER A 402 -4.92 26.91 38.48
N ILE A 403 -6.06 26.46 38.99
CA ILE A 403 -7.32 27.17 38.82
C ILE A 403 -7.77 27.82 40.13
N GLY A 404 -6.92 27.81 41.15
CA GLY A 404 -7.23 28.53 42.37
C GLY A 404 -8.21 27.88 43.30
N LEU A 405 -8.33 26.55 43.27
CA LEU A 405 -9.17 25.82 44.22
C LEU A 405 -8.38 25.08 45.29
N LEU A 406 -7.14 24.71 45.01
CA LEU A 406 -6.29 24.01 45.97
C LEU A 406 -5.16 24.96 46.39
N SER A 407 -4.96 25.08 47.70
CA SER A 407 -4.03 26.08 48.22
C SER A 407 -2.63 25.83 47.69
N PRO A 408 -1.89 26.89 47.31
CA PRO A 408 -0.49 26.70 46.90
C PRO A 408 0.40 26.14 47.99
N ASP A 409 -0.10 25.97 49.21
CA ASP A 409 0.66 25.43 50.32
C ASP A 409 0.36 23.96 50.57
N PHE A 410 -0.30 23.29 49.63
CA PHE A 410 -0.51 21.84 49.68
C PHE A 410 0.52 21.19 48.75
N GLN A 411 1.23 20.19 49.27
CA GLN A 411 2.25 19.50 48.51
C GLN A 411 2.09 18.00 48.67
N GLU A 412 2.23 17.27 47.56
CA GLU A 412 2.01 15.83 47.58
C GLU A 412 3.10 15.13 48.35
N ASP A 413 2.74 14.49 49.44
CA ASP A 413 3.60 13.55 50.14
C ASP A 413 3.26 12.14 49.69
N ASN A 414 4.19 11.21 49.92
CA ASN A 414 3.99 9.86 49.43
C ASN A 414 2.83 9.13 50.11
N GLU A 415 2.29 9.69 51.20
CA GLU A 415 1.22 9.00 51.92
C GLU A 415 -0.15 9.30 51.32
N THR A 416 -0.47 10.56 51.05
CA THR A 416 -1.72 10.87 50.36
C THR A 416 -1.71 10.29 48.94
N GLU A 417 -0.52 10.14 48.36
CA GLU A 417 -0.41 9.53 47.03
C GLU A 417 -0.93 8.10 47.03
N ILE A 418 -0.68 7.36 48.12
CA ILE A 418 -1.11 5.97 48.18
C ILE A 418 -2.60 5.88 48.48
N ASN A 419 -3.11 6.71 49.39
CA ASN A 419 -4.53 6.69 49.70
C ASN A 419 -5.37 6.82 48.45
N PHE A 420 -5.04 7.80 47.61
CA PHE A 420 -5.80 8.02 46.38
C PHE A 420 -5.71 6.81 45.46
N LEU A 421 -4.49 6.30 45.24
CA LEU A 421 -4.33 5.21 44.29
C LEU A 421 -5.06 3.96 44.76
N LEU A 422 -5.26 3.80 46.07
CA LEU A 422 -6.04 2.66 46.54
C LEU A 422 -7.50 2.81 46.17
N LYS A 423 -8.09 3.97 46.49
CA LYS A 423 -9.46 4.27 46.11
C LYS A 423 -9.65 4.00 44.64
N GLN A 424 -8.69 4.44 43.83
CA GLN A 424 -8.74 4.17 42.40
C GLN A 424 -8.60 2.68 42.12
N ALA A 425 -7.72 2.00 42.86
CA ALA A 425 -7.54 0.57 42.63
C ALA A 425 -8.78 -0.21 43.03
N LEU A 426 -9.44 0.20 44.13
CA LEU A 426 -10.65 -0.50 44.56
C LEU A 426 -11.75 -0.40 43.53
N THR A 427 -11.79 0.68 42.76
CA THR A 427 -12.83 0.89 41.75
C THR A 427 -12.41 0.39 40.38
N ILE A 428 -11.22 0.78 39.94
CA ILE A 428 -10.77 0.47 38.59
C ILE A 428 -10.25 -0.96 38.50
N VAL A 429 -9.30 -1.31 39.37
CA VAL A 429 -8.74 -2.65 39.35
C VAL A 429 -9.74 -3.67 39.88
N GLY A 430 -10.47 -3.30 40.93
CA GLY A 430 -11.37 -4.25 41.57
C GLY A 430 -12.42 -4.80 40.62
N THR A 431 -12.92 -3.96 39.71
CA THR A 431 -14.00 -4.37 38.82
C THR A 431 -13.53 -5.25 37.66
N LEU A 432 -12.25 -5.19 37.29
CA LEU A 432 -11.78 -5.90 36.11
C LEU A 432 -11.94 -7.42 36.21
N PRO A 433 -11.55 -8.09 37.30
CA PRO A 433 -11.83 -9.55 37.36
C PRO A 433 -13.31 -9.86 37.36
N PHE A 434 -14.08 -9.19 38.23
CA PHE A 434 -15.53 -9.31 38.22
C PHE A 434 -16.09 -9.18 36.80
N THR A 435 -15.60 -8.19 36.05
CA THR A 435 -16.13 -7.94 34.72
C THR A 435 -15.71 -9.03 33.73
N TYR A 436 -14.43 -9.40 33.75
CA TYR A 436 -13.99 -10.45 32.84
C TYR A 436 -14.66 -11.78 33.14
N MET A 437 -14.86 -12.07 34.43
CA MET A 437 -15.47 -13.35 34.80
C MET A 437 -16.96 -13.38 34.50
N LEU A 438 -17.67 -12.28 34.73
CA LEU A 438 -19.10 -12.25 34.44
C LEU A 438 -19.36 -12.42 32.95
N GLU A 439 -18.57 -11.77 32.09
CA GLU A 439 -18.76 -11.92 30.66
C GLU A 439 -18.29 -13.28 30.18
N LYS A 440 -17.28 -13.86 30.82
CA LYS A 440 -16.83 -15.19 30.41
C LYS A 440 -17.89 -16.25 30.74
N TRP A 441 -18.54 -16.12 31.90
CA TRP A 441 -19.63 -17.02 32.22
C TRP A 441 -20.73 -16.95 31.17
N ARG A 442 -21.07 -15.75 30.72
CA ARG A 442 -22.14 -15.59 29.73
C ARG A 442 -21.69 -16.08 28.35
N TRP A 443 -20.48 -15.68 27.94
CA TRP A 443 -19.93 -16.16 26.68
C TRP A 443 -20.02 -17.68 26.58
N MET A 444 -19.72 -18.37 27.67
CA MET A 444 -19.74 -19.83 27.67
C MET A 444 -21.18 -20.34 27.69
N VAL A 445 -22.03 -19.77 28.55
CA VAL A 445 -23.44 -20.16 28.59
C VAL A 445 -24.05 -20.12 27.20
N PHE A 446 -23.87 -19.00 26.49
CA PHE A 446 -24.36 -18.89 25.14
C PHE A 446 -23.66 -19.89 24.21
N LYS A 447 -22.36 -20.10 24.41
CA LYS A 447 -21.61 -21.02 23.58
C LYS A 447 -22.12 -22.46 23.71
N GLY A 448 -22.76 -22.80 24.83
CA GLY A 448 -23.18 -24.15 25.11
C GLY A 448 -22.24 -24.92 26.02
N GLU A 449 -21.12 -24.32 26.40
CA GLU A 449 -20.08 -25.03 27.15
C GLU A 449 -20.51 -25.35 28.58
N ILE A 450 -21.55 -24.71 29.09
CA ILE A 450 -22.02 -24.93 30.45
C ILE A 450 -23.47 -25.38 30.39
N PRO A 451 -23.79 -26.60 30.80
CA PRO A 451 -25.17 -27.07 30.75
C PRO A 451 -26.05 -26.40 31.80
N LYS A 452 -27.35 -26.45 31.55
CA LYS A 452 -28.34 -25.78 32.41
C LYS A 452 -28.22 -26.22 33.86
N ASP A 453 -27.98 -27.51 34.10
CA ASP A 453 -27.92 -28.04 35.45
C ASP A 453 -26.60 -27.71 36.16
N GLN A 454 -25.78 -26.83 35.59
CA GLN A 454 -24.52 -26.43 36.22
C GLN A 454 -24.26 -24.94 36.04
N TRP A 455 -25.29 -24.15 35.72
CA TRP A 455 -25.14 -22.71 35.59
C TRP A 455 -24.57 -22.08 36.86
N MET A 456 -25.22 -22.33 37.99
CA MET A 456 -24.76 -21.74 39.25
C MET A 456 -23.53 -22.44 39.80
N LYS A 457 -23.38 -23.75 39.54
CA LYS A 457 -22.18 -24.45 39.97
C LYS A 457 -20.95 -23.91 39.26
N LYS A 458 -21.07 -23.62 37.96
CA LYS A 458 -19.94 -23.08 37.22
C LYS A 458 -19.77 -21.59 37.47
N TRP A 459 -20.82 -20.88 37.88
CA TRP A 459 -20.69 -19.47 38.22
C TRP A 459 -19.80 -19.28 39.43
N TRP A 460 -20.06 -20.01 40.51
CA TRP A 460 -19.31 -19.83 41.74
C TRP A 460 -17.96 -20.53 41.72
N GLU A 461 -17.75 -21.51 40.84
CA GLU A 461 -16.41 -22.03 40.62
C GLU A 461 -15.51 -20.95 40.05
N MET A 462 -16.03 -20.14 39.11
CA MET A 462 -15.24 -19.10 38.47
C MET A 462 -15.11 -17.87 39.35
N LYS A 463 -16.09 -17.60 40.21
CA LYS A 463 -15.94 -16.52 41.19
C LYS A 463 -14.82 -16.82 42.17
N ARG A 464 -14.69 -18.09 42.58
CA ARG A 464 -13.64 -18.49 43.50
C ARG A 464 -12.27 -18.40 42.84
N GLU A 465 -12.15 -18.93 41.62
CA GLU A 465 -10.87 -19.05 40.95
C GLU A 465 -10.41 -17.73 40.35
N ILE A 466 -11.31 -17.05 39.62
CA ILE A 466 -10.92 -15.86 38.88
C ILE A 466 -10.95 -14.63 39.79
N VAL A 467 -12.06 -14.42 40.49
CA VAL A 467 -12.24 -13.19 41.25
C VAL A 467 -11.78 -13.32 42.70
N GLY A 468 -11.55 -14.54 43.18
CA GLY A 468 -11.21 -14.72 44.58
C GLY A 468 -12.36 -14.39 45.51
N VAL A 469 -13.57 -14.80 45.14
CA VAL A 469 -14.79 -14.46 45.86
C VAL A 469 -15.57 -15.75 46.09
N VAL A 470 -16.03 -15.96 47.32
CA VAL A 470 -16.74 -17.17 47.69
C VAL A 470 -18.11 -16.80 48.26
N GLU A 471 -19.13 -17.53 47.85
CA GLU A 471 -20.48 -17.28 48.32
C GLU A 471 -20.60 -17.64 49.81
N PRO A 472 -21.32 -16.84 50.59
CA PRO A 472 -21.47 -17.17 52.03
C PRO A 472 -22.45 -18.30 52.29
N VAL A 473 -23.30 -18.64 51.33
CA VAL A 473 -24.36 -19.64 51.52
C VAL A 473 -24.41 -20.51 50.28
N PRO A 474 -24.54 -21.83 50.41
CA PRO A 474 -24.53 -22.70 49.22
C PRO A 474 -25.73 -22.41 48.35
N HIS A 475 -25.53 -22.50 47.04
CA HIS A 475 -26.58 -22.13 46.11
C HIS A 475 -26.88 -23.24 45.14
N ASP A 476 -28.16 -23.57 45.04
CA ASP A 476 -28.70 -24.60 44.16
C ASP A 476 -28.69 -24.09 42.72
N GLU A 477 -29.37 -24.82 41.84
CA GLU A 477 -29.58 -24.38 40.47
C GLU A 477 -30.96 -23.76 40.29
N THR A 478 -31.69 -23.54 41.38
CA THR A 478 -32.87 -22.68 41.38
C THR A 478 -32.49 -21.22 41.33
N TYR A 479 -31.26 -20.90 41.70
CA TYR A 479 -30.74 -19.53 41.69
C TYR A 479 -30.33 -19.13 40.28
N CYS A 480 -30.23 -17.82 40.06
CA CYS A 480 -29.71 -17.27 38.82
C CYS A 480 -29.00 -15.96 39.17
N ASP A 481 -28.02 -16.06 40.06
CA ASP A 481 -27.38 -14.87 40.62
C ASP A 481 -26.72 -13.95 39.60
N PRO A 482 -26.08 -14.43 38.51
CA PRO A 482 -25.59 -13.51 37.48
C PRO A 482 -26.67 -12.57 36.99
N ALA A 483 -27.93 -13.00 36.99
CA ALA A 483 -29.08 -12.18 36.67
C ALA A 483 -29.55 -11.26 37.82
N SER A 484 -29.01 -11.38 39.05
CA SER A 484 -29.26 -10.40 40.10
C SER A 484 -28.62 -9.05 39.80
N LEU A 485 -27.78 -8.97 38.79
CA LEU A 485 -27.23 -7.71 38.34
C LEU A 485 -28.02 -7.19 37.15
N PHE A 486 -28.21 -5.86 37.13
CA PHE A 486 -28.96 -5.16 36.08
C PHE A 486 -28.54 -5.63 34.68
N HIS A 487 -27.25 -5.49 34.38
CA HIS A 487 -26.71 -5.66 33.04
C HIS A 487 -26.97 -7.06 32.45
N VAL A 488 -27.06 -8.09 33.30
CA VAL A 488 -27.29 -9.44 32.79
C VAL A 488 -28.77 -9.69 32.54
N SER A 489 -29.64 -9.28 33.47
CA SER A 489 -31.07 -9.48 33.27
C SER A 489 -31.72 -8.39 32.44
N ASN A 490 -30.99 -7.35 32.07
CA ASN A 490 -31.47 -6.33 31.15
C ASN A 490 -30.74 -6.39 29.80
N ASP A 491 -30.03 -7.50 29.54
CA ASP A 491 -29.52 -7.84 28.21
C ASP A 491 -28.58 -6.76 27.69
N TYR A 492 -27.49 -6.54 28.43
CA TYR A 492 -26.45 -5.58 28.07
C TYR A 492 -25.12 -6.30 28.05
N SER A 493 -24.36 -6.12 26.97
CA SER A 493 -23.00 -6.66 26.93
C SER A 493 -22.15 -5.98 28.01
N PHE A 494 -21.37 -6.77 28.73
CA PHE A 494 -20.64 -6.30 29.90
C PHE A 494 -19.15 -6.16 29.67
N ILE A 495 -18.60 -6.68 28.57
CA ILE A 495 -17.16 -6.63 28.38
C ILE A 495 -16.67 -5.20 28.14
N ARG A 496 -17.58 -4.28 27.80
CA ARG A 496 -17.17 -2.90 27.51
C ARG A 496 -16.46 -2.28 28.69
N TYR A 497 -16.91 -2.60 29.91
CA TYR A 497 -16.30 -2.01 31.11
C TYR A 497 -14.86 -2.48 31.27
N TYR A 498 -14.54 -3.69 30.81
CA TYR A 498 -13.16 -4.14 30.77
C TYR A 498 -12.38 -3.40 29.70
N THR A 499 -12.88 -3.45 28.45
CA THR A 499 -12.15 -2.86 27.33
C THR A 499 -11.95 -1.36 27.52
N ARG A 500 -13.01 -0.66 27.93
CA ARG A 500 -12.91 0.79 28.12
C ARG A 500 -11.89 1.15 29.18
N THR A 501 -11.75 0.32 30.21
CA THR A 501 -10.78 0.61 31.27
C THR A 501 -9.36 0.55 30.75
N LEU A 502 -9.02 -0.49 29.99
CA LEU A 502 -7.69 -0.56 29.39
C LEU A 502 -7.48 0.55 28.36
N TYR A 503 -8.56 1.00 27.71
CA TYR A 503 -8.46 2.06 26.72
C TYR A 503 -8.03 3.38 27.37
N GLN A 504 -8.66 3.75 28.49
CA GLN A 504 -8.48 5.10 29.01
C GLN A 504 -7.08 5.35 29.55
N PHE A 505 -6.36 4.31 29.97
CA PHE A 505 -4.99 4.51 30.42
C PHE A 505 -4.00 4.47 29.27
N GLN A 506 -4.28 3.68 28.23
CA GLN A 506 -3.54 3.82 26.98
C GLN A 506 -3.65 5.24 26.45
N PHE A 507 -4.88 5.75 26.34
CA PHE A 507 -5.10 7.15 26.00
C PHE A 507 -4.28 8.07 26.89
N GLN A 508 -4.52 8.00 28.20
CA GLN A 508 -3.90 8.92 29.15
C GLN A 508 -2.38 8.92 29.04
N GLU A 509 -1.78 7.73 28.91
CA GLU A 509 -0.32 7.66 28.84
C GLU A 509 0.20 8.31 27.56
N ALA A 510 -0.45 8.01 26.43
CA ALA A 510 -0.01 8.58 25.16
C ALA A 510 -0.09 10.11 25.18
N LEU A 511 -1.17 10.65 25.72
CA LEU A 511 -1.37 12.10 25.72
C LEU A 511 -0.39 12.79 26.67
N CYS A 512 -0.18 12.20 27.85
CA CYS A 512 0.76 12.77 28.81
C CYS A 512 2.20 12.68 28.35
N GLN A 513 2.53 11.72 27.49
CA GLN A 513 3.83 11.70 26.86
C GLN A 513 4.02 12.93 25.97
N ALA A 514 2.99 13.29 25.20
CA ALA A 514 3.05 14.50 24.38
C ALA A 514 3.21 15.74 25.25
N ALA A 515 2.52 15.79 26.39
CA ALA A 515 2.72 16.87 27.34
C ALA A 515 4.09 16.82 28.00
N LYS A 516 4.88 15.78 27.73
CA LYS A 516 6.22 15.61 28.29
C LYS A 516 6.17 15.65 29.82
N HIS A 517 5.16 15.00 30.39
CA HIS A 517 5.07 14.91 31.84
C HIS A 517 6.27 14.17 32.40
N GLU A 518 6.84 14.70 33.46
CA GLU A 518 7.98 14.09 34.14
C GLU A 518 7.50 13.57 35.49
N GLY A 519 7.46 12.24 35.62
CA GLY A 519 7.05 11.62 36.85
C GLY A 519 6.05 10.50 36.64
N PRO A 520 5.41 10.06 37.72
CA PRO A 520 4.39 9.02 37.59
C PRO A 520 3.18 9.53 36.82
N LEU A 521 2.59 8.64 36.02
CA LEU A 521 1.37 8.95 35.32
C LEU A 521 0.21 9.36 36.24
N HIS A 522 0.34 9.10 37.54
CA HIS A 522 -0.72 9.39 38.51
C HIS A 522 -1.05 10.88 38.59
N LYS A 523 -0.04 11.74 38.46
CA LYS A 523 -0.22 13.18 38.61
C LYS A 523 0.02 13.93 37.31
N CYS A 524 -0.51 13.44 36.18
CA CYS A 524 -0.35 14.15 34.92
C CYS A 524 -1.54 15.05 34.64
N ASP A 525 -1.26 16.22 34.07
CA ASP A 525 -2.27 17.15 33.59
C ASP A 525 -1.97 17.47 32.14
N ILE A 526 -2.93 17.25 31.25
CA ILE A 526 -2.69 17.51 29.83
C ILE A 526 -3.05 18.97 29.52
N SER A 527 -3.30 19.76 30.57
CA SER A 527 -3.65 21.16 30.38
C SER A 527 -2.49 21.93 29.78
N ASN A 528 -2.83 22.99 29.03
CA ASN A 528 -1.85 23.81 28.30
C ASN A 528 -0.91 22.92 27.47
N SER A 529 -1.51 22.08 26.61
CA SER A 529 -0.70 21.11 25.84
C SER A 529 -1.43 20.77 24.53
N THR A 530 -1.29 21.66 23.54
CA THR A 530 -1.97 21.49 22.26
C THR A 530 -1.48 20.23 21.53
N GLU A 531 -0.25 19.79 21.80
CA GLU A 531 0.25 18.58 21.16
C GLU A 531 -0.55 17.36 21.59
N ALA A 532 -0.86 17.26 22.89
CA ALA A 532 -1.74 16.21 23.35
C ALA A 532 -3.11 16.33 22.72
N GLY A 533 -3.65 17.56 22.65
CA GLY A 533 -4.96 17.76 22.08
C GLY A 533 -5.06 17.33 20.63
N GLN A 534 -4.03 17.62 19.84
CA GLN A 534 -4.07 17.24 18.43
C GLN A 534 -4.03 15.74 18.25
N LYS A 535 -3.23 15.04 19.06
CA LYS A 535 -3.15 13.59 18.94
C LYS A 535 -4.48 12.94 19.29
N LEU A 536 -5.10 13.37 20.39
CA LEU A 536 -6.43 12.89 20.73
C LEU A 536 -7.43 13.22 19.63
N PHE A 537 -7.38 14.45 19.12
CA PHE A 537 -8.35 14.87 18.11
C PHE A 537 -8.21 14.07 16.83
N ASN A 538 -7.00 13.65 16.48
CA ASN A 538 -6.81 12.85 15.27
C ASN A 538 -7.65 11.58 15.29
N MET A 539 -7.94 11.07 16.48
CA MET A 539 -8.81 9.90 16.64
C MET A 539 -10.27 10.27 16.82
N LEU A 540 -10.54 11.40 17.50
CA LEU A 540 -11.91 11.79 17.77
C LEU A 540 -12.71 11.97 16.49
N ARG A 541 -12.14 12.66 15.50
CA ARG A 541 -12.86 12.94 14.27
C ARG A 541 -13.20 11.68 13.49
N LEU A 542 -12.46 10.59 13.69
CA LEU A 542 -12.66 9.40 12.88
C LEU A 542 -14.05 8.81 13.09
N GLY A 543 -14.57 8.89 14.32
CA GLY A 543 -15.85 8.25 14.61
C GLY A 543 -15.76 6.76 14.35
N LYS A 544 -16.73 6.23 13.60
CA LYS A 544 -16.72 4.85 13.16
C LYS A 544 -16.18 4.69 11.74
N SER A 545 -15.74 5.79 11.11
CA SER A 545 -15.31 5.72 9.71
C SER A 545 -14.06 4.86 9.55
N GLU A 546 -13.23 4.77 10.57
CA GLU A 546 -12.02 3.96 10.53
C GLU A 546 -12.08 2.87 11.58
N PRO A 547 -11.45 1.72 11.33
CA PRO A 547 -11.49 0.63 12.32
C PRO A 547 -10.91 1.07 13.65
N TRP A 548 -11.47 0.52 14.73
CA TRP A 548 -11.09 0.98 16.07
C TRP A 548 -9.62 0.71 16.37
N THR A 549 -8.99 -0.20 15.65
CA THR A 549 -7.55 -0.41 15.81
C THR A 549 -6.77 0.77 15.23
N LEU A 550 -7.11 1.19 14.00
CA LEU A 550 -6.51 2.38 13.43
C LEU A 550 -6.93 3.64 14.19
N ALA A 551 -8.11 3.61 14.81
CA ALA A 551 -8.51 4.72 15.68
C ALA A 551 -7.60 4.79 16.90
N LEU A 552 -7.40 3.67 17.58
CA LEU A 552 -6.51 3.62 18.73
C LEU A 552 -5.09 4.02 18.35
N GLU A 553 -4.60 3.50 17.22
CA GLU A 553 -3.23 3.78 16.79
C GLU A 553 -2.98 5.27 16.58
N ASN A 554 -4.02 6.03 16.23
CA ASN A 554 -3.84 7.46 16.04
C ASN A 554 -3.46 8.17 17.33
N VAL A 555 -3.97 7.69 18.47
CA VAL A 555 -3.57 8.25 19.75
C VAL A 555 -2.27 7.63 20.24
N VAL A 556 -2.27 6.32 20.41
CA VAL A 556 -1.26 5.65 21.21
C VAL A 556 -0.16 4.96 20.40
N GLY A 557 -0.35 4.76 19.10
CA GLY A 557 0.67 4.15 18.29
C GLY A 557 0.73 2.64 18.33
N ALA A 558 -0.23 1.99 18.99
CA ALA A 558 -0.35 0.54 18.99
C ALA A 558 -1.72 0.17 18.43
N LYS A 559 -1.77 -0.96 17.72
CA LYS A 559 -3.00 -1.38 17.07
C LYS A 559 -3.93 -2.18 17.97
N ASN A 560 -3.60 -2.37 19.24
CA ASN A 560 -4.41 -3.26 20.05
C ASN A 560 -4.33 -2.90 21.52
N MET A 561 -5.15 -3.60 22.30
CA MET A 561 -5.32 -3.34 23.73
C MET A 561 -4.13 -3.83 24.52
N ASN A 562 -3.68 -3.03 25.48
CA ASN A 562 -2.61 -3.42 26.38
C ASN A 562 -2.86 -2.86 27.76
N VAL A 563 -2.59 -3.67 28.78
CA VAL A 563 -2.87 -3.27 30.15
C VAL A 563 -1.68 -2.57 30.80
N ARG A 564 -0.48 -2.67 30.21
CA ARG A 564 0.72 -2.00 30.75
C ARG A 564 0.49 -0.56 31.18
N PRO A 565 -0.21 0.27 30.43
CA PRO A 565 -0.48 1.64 30.89
C PRO A 565 -1.22 1.66 32.20
N LEU A 566 -2.27 0.83 32.32
CA LEU A 566 -2.97 0.69 33.58
C LEU A 566 -2.00 0.32 34.70
N LEU A 567 -1.10 -0.61 34.41
CA LEU A 567 -0.16 -1.06 35.42
C LEU A 567 0.80 0.05 35.79
N ASN A 568 1.34 0.73 34.76
CA ASN A 568 2.21 1.89 34.99
C ASN A 568 1.48 2.91 35.85
N TYR A 569 0.20 3.11 35.60
CA TYR A 569 -0.56 4.05 36.41
C TYR A 569 -0.54 3.67 37.88
N PHE A 570 -0.54 2.37 38.16
CA PHE A 570 -0.62 1.87 39.53
C PHE A 570 0.71 1.35 40.08
N GLU A 571 1.79 1.37 39.28
CA GLU A 571 3.05 0.79 39.74
C GLU A 571 3.48 1.24 41.13
N PRO A 572 3.42 2.53 41.50
CA PRO A 572 3.77 2.90 42.88
C PRO A 572 2.87 2.26 43.93
N LEU A 573 1.61 1.98 43.60
CA LEU A 573 0.77 1.21 44.52
C LEU A 573 1.13 -0.26 44.46
N PHE A 574 1.59 -0.73 43.30
CA PHE A 574 1.96 -2.14 43.16
C PHE A 574 3.15 -2.48 44.03
N THR A 575 4.15 -1.60 44.10
CA THR A 575 5.31 -1.87 44.93
C THR A 575 5.05 -1.59 46.41
N TRP A 576 4.16 -0.64 46.71
CA TRP A 576 3.75 -0.46 48.09
C TRP A 576 2.91 -1.64 48.58
N LEU A 577 2.05 -2.18 47.71
CA LEU A 577 1.34 -3.40 48.04
C LEU A 577 2.30 -4.57 48.19
N LYS A 578 3.38 -4.62 47.41
CA LYS A 578 4.39 -5.66 47.55
C LYS A 578 5.33 -5.42 48.72
N ASP A 579 5.06 -4.43 49.56
CA ASP A 579 5.83 -4.21 50.79
C ASP A 579 4.88 -4.18 51.99
N GLN A 580 3.59 -4.44 51.76
CA GLN A 580 2.60 -4.58 52.81
C GLN A 580 2.17 -6.03 53.01
N ASN A 581 2.49 -6.91 52.05
CA ASN A 581 2.03 -8.30 52.05
C ASN A 581 3.19 -9.28 52.16
N LYS A 582 4.36 -8.80 52.59
CA LYS A 582 5.54 -9.66 52.68
C LYS A 582 5.27 -10.87 53.55
N ASN A 583 4.64 -10.66 54.70
CA ASN A 583 4.29 -11.73 55.64
C ASN A 583 2.81 -12.07 55.57
N SER A 584 2.24 -11.99 54.37
CA SER A 584 0.84 -12.31 54.12
C SER A 584 0.75 -13.16 52.86
N PHE A 585 -0.27 -14.02 52.80
CA PHE A 585 -0.41 -14.94 51.68
C PHE A 585 -1.02 -14.19 50.52
N VAL A 586 -0.32 -14.16 49.38
CA VAL A 586 -0.83 -13.54 48.16
C VAL A 586 -1.34 -14.65 47.27
N GLY A 587 -2.65 -14.73 47.13
CA GLY A 587 -3.30 -15.85 46.47
C GLY A 587 -4.57 -16.22 47.21
N TRP A 588 -5.24 -17.22 46.69
CA TRP A 588 -6.45 -17.74 47.31
C TRP A 588 -6.55 -19.25 47.07
N SER A 589 -7.21 -19.93 48.00
CA SER A 589 -7.52 -21.34 47.90
C SER A 589 -8.98 -21.49 47.52
N THR A 590 -9.23 -22.26 46.46
CA THR A 590 -10.57 -22.40 45.92
C THR A 590 -11.51 -23.04 46.93
N ASP A 591 -11.03 -23.99 47.72
CA ASP A 591 -11.93 -24.86 48.47
C ASP A 591 -12.54 -24.14 49.68
N TRP A 592 -11.79 -23.30 50.38
CA TRP A 592 -12.32 -22.71 51.61
C TRP A 592 -13.63 -21.99 51.32
N SER A 593 -14.63 -22.28 52.14
CA SER A 593 -15.96 -21.74 52.01
C SER A 593 -16.49 -21.49 53.42
N PRO A 594 -17.15 -20.35 53.65
CA PRO A 594 -17.72 -20.08 54.98
C PRO A 594 -18.97 -20.87 55.31
N TYR A 595 -19.46 -21.71 54.39
CA TYR A 595 -20.74 -22.38 54.57
C TYR A 595 -20.61 -23.85 54.95
N ALA A 596 -19.39 -24.33 55.22
CA ALA A 596 -19.16 -25.70 55.66
C ALA A 596 -19.78 -26.73 54.72
N THR B 15 -32.01 60.80 -9.87
CA THR B 15 -32.30 60.61 -8.46
C THR B 15 -33.28 59.46 -8.23
N ASN B 16 -33.47 58.63 -9.26
CA ASN B 16 -34.26 57.42 -9.11
C ASN B 16 -33.39 56.34 -8.51
N LEU B 17 -33.62 56.03 -7.24
CA LEU B 17 -32.78 55.08 -6.53
C LEU B 17 -33.04 53.66 -7.02
N CYS B 18 -32.05 52.80 -6.81
CA CYS B 18 -32.25 51.41 -7.22
C CYS B 18 -33.01 50.66 -6.12
N PRO B 19 -33.96 49.81 -6.51
CA PRO B 19 -34.85 49.16 -5.51
C PRO B 19 -34.20 47.96 -4.84
N PHE B 20 -33.13 48.21 -4.08
CA PHE B 20 -32.51 47.13 -3.34
C PHE B 20 -33.33 46.71 -2.13
N GLY B 21 -34.26 47.56 -1.68
CA GLY B 21 -35.10 47.20 -0.56
C GLY B 21 -35.98 45.99 -0.87
N GLU B 22 -36.47 45.88 -2.11
CA GLU B 22 -37.34 44.77 -2.45
C GLU B 22 -36.61 43.43 -2.44
N VAL B 23 -35.31 43.42 -2.70
CA VAL B 23 -34.57 42.17 -2.68
C VAL B 23 -34.18 41.79 -1.26
N PHE B 24 -33.50 42.69 -0.55
CA PHE B 24 -32.91 42.36 0.73
C PHE B 24 -33.93 42.29 1.86
N ASN B 25 -34.95 43.14 1.85
CA ASN B 25 -35.95 43.17 2.90
C ASN B 25 -37.25 42.46 2.52
N ALA B 26 -37.23 41.65 1.46
CA ALA B 26 -38.40 40.87 1.08
C ALA B 26 -38.82 39.94 2.21
N THR B 27 -40.13 39.72 2.33
CA THR B 27 -40.66 38.98 3.49
C THR B 27 -40.28 37.51 3.42
N ARG B 28 -40.48 36.87 2.27
CA ARG B 28 -40.02 35.51 2.06
C ARG B 28 -39.05 35.47 0.88
N PHE B 29 -38.05 34.59 1.01
CA PHE B 29 -37.06 34.36 -0.03
C PHE B 29 -37.39 33.06 -0.78
N ALA B 30 -36.65 32.83 -1.85
CA ALA B 30 -36.88 31.67 -2.70
C ALA B 30 -36.09 30.47 -2.20
N SER B 31 -36.58 29.28 -2.57
CA SER B 31 -35.81 28.06 -2.38
C SER B 31 -34.73 27.99 -3.45
N VAL B 32 -33.54 27.54 -3.06
CA VAL B 32 -32.34 27.75 -3.87
C VAL B 32 -32.47 27.13 -5.26
N TYR B 33 -33.24 26.05 -5.39
CA TYR B 33 -33.38 25.41 -6.70
C TYR B 33 -34.21 26.29 -7.64
N ALA B 34 -35.17 27.05 -7.10
CA ALA B 34 -35.95 27.97 -7.89
C ALA B 34 -35.53 29.40 -7.59
N TRP B 35 -34.22 29.66 -7.65
CA TRP B 35 -33.69 30.95 -7.21
C TRP B 35 -34.31 32.09 -8.01
N ASN B 36 -34.52 33.21 -7.33
CA ASN B 36 -35.29 34.32 -7.86
C ASN B 36 -34.35 35.40 -8.38
N ARG B 37 -34.63 35.90 -9.58
CA ARG B 37 -33.79 36.90 -10.24
C ARG B 37 -34.60 38.18 -10.43
N LYS B 38 -34.05 39.29 -9.95
CA LYS B 38 -34.67 40.62 -10.12
C LYS B 38 -33.73 41.47 -10.95
N ARG B 39 -34.21 41.94 -12.10
CA ARG B 39 -33.39 42.75 -12.99
C ARG B 39 -33.50 44.22 -12.59
N ILE B 40 -32.37 44.84 -12.31
CA ILE B 40 -32.30 46.24 -11.92
C ILE B 40 -31.74 47.03 -13.09
N SER B 41 -32.29 48.22 -13.31
CA SER B 41 -32.01 48.99 -14.51
C SER B 41 -32.47 50.42 -14.32
N ASN B 42 -31.79 51.34 -15.00
CA ASN B 42 -32.18 52.75 -15.08
C ASN B 42 -32.41 53.37 -13.69
N CYS B 43 -31.38 53.28 -12.85
CA CYS B 43 -31.50 53.81 -11.49
C CYS B 43 -30.12 54.17 -10.95
N VAL B 44 -30.12 54.62 -9.70
CA VAL B 44 -28.90 55.01 -8.98
C VAL B 44 -28.77 54.10 -7.78
N ALA B 45 -27.66 53.36 -7.71
CA ALA B 45 -27.39 52.42 -6.63
C ALA B 45 -26.23 52.93 -5.79
N ASP B 46 -26.44 52.99 -4.47
CA ASP B 46 -25.41 53.45 -3.55
C ASP B 46 -24.77 52.21 -2.92
N TYR B 47 -23.86 51.59 -3.67
CA TYR B 47 -23.23 50.35 -3.24
C TYR B 47 -22.49 50.49 -1.91
N SER B 48 -22.09 51.70 -1.53
CA SER B 48 -21.36 51.90 -0.29
C SER B 48 -22.26 51.82 0.95
N VAL B 49 -23.58 51.83 0.77
CA VAL B 49 -24.47 51.70 1.92
C VAL B 49 -24.49 50.25 2.41
N LEU B 50 -24.48 49.30 1.48
CA LEU B 50 -24.58 47.89 1.86
C LEU B 50 -23.29 47.39 2.52
N TYR B 51 -22.16 47.50 1.82
CA TYR B 51 -20.90 46.98 2.33
C TYR B 51 -20.49 47.66 3.63
N ASN B 52 -20.94 48.90 3.83
CA ASN B 52 -20.63 49.65 5.04
C ASN B 52 -21.84 49.77 5.97
N SER B 53 -22.67 48.72 6.02
CA SER B 53 -23.78 48.65 6.97
C SER B 53 -23.54 47.67 8.10
N ALA B 54 -22.58 46.76 7.95
CA ALA B 54 -22.17 45.82 8.99
C ALA B 54 -23.33 44.93 9.44
N SER B 55 -24.26 44.63 8.53
CA SER B 55 -25.37 43.74 8.82
C SER B 55 -25.16 42.33 8.29
N PHE B 56 -24.22 42.13 7.37
CA PHE B 56 -24.06 40.86 6.67
C PHE B 56 -22.87 40.09 7.22
N SER B 57 -23.07 38.78 7.39
CA SER B 57 -21.98 37.90 7.79
C SER B 57 -21.04 37.55 6.64
N THR B 58 -21.48 37.75 5.40
CA THR B 58 -20.65 37.46 4.23
C THR B 58 -20.84 38.56 3.20
N PHE B 59 -19.72 39.10 2.71
CA PHE B 59 -19.74 40.13 1.67
C PHE B 59 -18.38 40.05 0.96
N LYS B 60 -18.29 39.14 -0.01
CA LYS B 60 -17.09 38.95 -0.80
C LYS B 60 -17.40 39.27 -2.25
N CYS B 61 -16.60 40.16 -2.85
CA CYS B 61 -16.78 40.55 -4.24
C CYS B 61 -15.60 40.06 -5.06
N TYR B 62 -15.89 39.61 -6.29
CA TYR B 62 -14.91 38.99 -7.17
C TYR B 62 -14.77 39.86 -8.41
N GLY B 63 -13.56 40.36 -8.66
CA GLY B 63 -13.32 41.21 -9.81
C GLY B 63 -13.44 42.68 -9.49
N VAL B 64 -14.68 43.14 -9.29
CA VAL B 64 -14.90 44.50 -8.83
C VAL B 64 -14.46 44.60 -7.36
N SER B 65 -14.24 45.84 -6.90
CA SER B 65 -13.90 46.08 -5.51
C SER B 65 -15.08 46.71 -4.78
N PRO B 66 -15.53 46.15 -3.65
CA PRO B 66 -16.59 46.80 -2.90
C PRO B 66 -16.16 48.15 -2.38
N THR B 67 -14.86 48.46 -2.46
CA THR B 67 -14.31 49.69 -1.91
C THR B 67 -14.65 50.88 -2.80
N LYS B 68 -15.88 51.35 -2.67
CA LYS B 68 -16.35 52.54 -3.39
C LYS B 68 -16.14 52.45 -4.90
N LEU B 69 -16.27 51.24 -5.47
CA LEU B 69 -16.26 51.13 -6.93
C LEU B 69 -17.65 51.29 -7.49
N ASN B 70 -18.53 51.87 -6.67
CA ASN B 70 -19.81 52.36 -7.17
C ASN B 70 -19.58 53.41 -8.25
N ASP B 71 -18.34 53.88 -8.38
CA ASP B 71 -18.01 54.87 -9.42
C ASP B 71 -18.37 54.38 -10.81
N LEU B 72 -18.34 53.07 -11.03
CA LEU B 72 -18.46 52.51 -12.37
C LEU B 72 -19.92 52.36 -12.80
N CYS B 73 -20.13 52.40 -14.12
CA CYS B 73 -21.44 52.22 -14.74
C CYS B 73 -21.56 50.82 -15.33
N PHE B 74 -22.79 50.30 -15.35
CA PHE B 74 -23.04 48.94 -15.82
C PHE B 74 -24.35 48.90 -16.58
N THR B 75 -24.39 48.06 -17.62
CA THR B 75 -25.60 47.91 -18.42
C THR B 75 -26.76 47.41 -17.57
N ASN B 76 -26.63 46.20 -17.02
CA ASN B 76 -27.67 45.61 -16.19
C ASN B 76 -27.06 45.02 -14.93
N VAL B 77 -27.73 45.26 -13.81
CA VAL B 77 -27.40 44.65 -12.53
C VAL B 77 -28.51 43.66 -12.19
N TYR B 78 -28.15 42.41 -12.00
CA TYR B 78 -29.08 41.37 -11.61
C TYR B 78 -28.88 41.03 -10.15
N ALA B 79 -29.98 40.69 -9.47
CA ALA B 79 -29.97 40.38 -8.04
C ALA B 79 -30.65 39.04 -7.82
N ASP B 80 -29.84 38.01 -7.56
CA ASP B 80 -30.33 36.66 -7.33
C ASP B 80 -30.46 36.43 -5.82
N SER B 81 -31.60 35.89 -5.39
CA SER B 81 -31.87 35.72 -3.97
C SER B 81 -32.45 34.34 -3.70
N PHE B 82 -31.92 33.67 -2.68
CA PHE B 82 -32.38 32.36 -2.26
C PHE B 82 -31.98 32.16 -0.80
N VAL B 83 -32.36 31.01 -0.25
CA VAL B 83 -32.02 30.65 1.12
C VAL B 83 -31.35 29.28 1.12
N ILE B 84 -30.24 29.17 1.85
CA ILE B 84 -29.52 27.93 2.05
C ILE B 84 -29.11 27.85 3.53
N ARG B 85 -28.38 26.80 3.88
CA ARG B 85 -27.91 26.69 5.26
C ARG B 85 -26.49 27.23 5.38
N GLY B 86 -26.11 27.52 6.62
CA GLY B 86 -24.86 28.23 6.87
C GLY B 86 -23.64 27.52 6.35
N ASP B 87 -23.61 26.19 6.46
CA ASP B 87 -22.47 25.43 5.95
C ASP B 87 -22.36 25.48 4.43
N GLU B 88 -23.43 25.87 3.73
CA GLU B 88 -23.46 25.82 2.28
C GLU B 88 -23.16 27.15 1.61
N VAL B 89 -22.94 28.22 2.38
CA VAL B 89 -22.69 29.53 1.77
C VAL B 89 -21.37 29.52 0.99
N ARG B 90 -20.42 28.68 1.40
CA ARG B 90 -19.14 28.61 0.71
C ARG B 90 -19.28 28.13 -0.72
N GLN B 91 -20.37 27.44 -1.05
CA GLN B 91 -20.60 26.98 -2.42
C GLN B 91 -21.06 28.08 -3.35
N ILE B 92 -21.49 29.22 -2.82
CA ILE B 92 -21.80 30.38 -3.64
C ILE B 92 -20.52 31.14 -3.89
N ALA B 93 -19.67 30.60 -4.77
CA ALA B 93 -18.35 31.12 -5.10
C ALA B 93 -17.86 30.45 -6.36
N PRO B 94 -16.99 31.09 -7.14
CA PRO B 94 -16.49 30.48 -8.37
C PRO B 94 -15.72 29.20 -8.09
N GLY B 95 -15.95 28.19 -8.91
CA GLY B 95 -15.19 26.95 -8.83
C GLY B 95 -15.26 26.24 -7.50
N GLN B 96 -16.45 26.14 -6.92
CA GLN B 96 -16.68 25.36 -5.71
C GLN B 96 -17.71 24.29 -6.02
N THR B 97 -17.54 23.12 -5.44
CA THR B 97 -18.40 21.97 -5.71
C THR B 97 -19.30 21.69 -4.51
N GLY B 98 -20.32 20.90 -4.76
CA GLY B 98 -21.24 20.48 -3.71
C GLY B 98 -22.61 20.20 -4.28
N LYS B 99 -23.60 20.12 -3.39
CA LYS B 99 -24.98 19.93 -3.85
C LYS B 99 -25.55 21.23 -4.40
N ILE B 100 -25.32 22.35 -3.71
CA ILE B 100 -25.83 23.64 -4.17
C ILE B 100 -25.15 24.05 -5.46
N ALA B 101 -23.82 24.05 -5.47
CA ALA B 101 -23.09 24.56 -6.63
C ALA B 101 -23.19 23.65 -7.85
N ASP B 102 -23.49 22.37 -7.66
CA ASP B 102 -23.67 21.47 -8.79
C ASP B 102 -25.13 21.28 -9.19
N TYR B 103 -26.07 21.40 -8.25
CA TYR B 103 -27.47 21.04 -8.51
C TYR B 103 -28.47 22.17 -8.28
N ASN B 104 -28.05 23.35 -7.84
CA ASN B 104 -29.03 24.40 -7.52
C ASN B 104 -28.66 25.77 -8.07
N TYR B 105 -27.46 26.25 -7.78
CA TYR B 105 -27.05 27.59 -8.18
C TYR B 105 -25.55 27.59 -8.43
N LYS B 106 -25.16 27.63 -9.70
CA LYS B 106 -23.76 27.58 -10.09
C LYS B 106 -23.31 28.94 -10.58
N LEU B 107 -22.32 29.53 -9.89
CA LEU B 107 -21.65 30.72 -10.40
C LEU B 107 -20.57 30.33 -11.40
N PRO B 108 -20.33 31.16 -12.41
CA PRO B 108 -19.27 30.84 -13.38
C PRO B 108 -17.88 31.02 -12.80
N ASP B 109 -16.86 30.65 -13.57
CA ASP B 109 -15.49 30.73 -13.07
C ASP B 109 -14.94 32.14 -13.17
N ASP B 110 -15.37 32.91 -14.16
CA ASP B 110 -14.97 34.31 -14.33
C ASP B 110 -16.03 35.27 -13.77
N PHE B 111 -16.64 34.91 -12.65
CA PHE B 111 -17.71 35.72 -12.08
C PHE B 111 -17.18 37.07 -11.63
N THR B 112 -17.81 38.14 -12.10
CA THR B 112 -17.50 39.51 -11.67
C THR B 112 -18.75 40.05 -10.96
N GLY B 113 -18.69 40.07 -9.63
CA GLY B 113 -19.83 40.51 -8.85
C GLY B 113 -19.59 40.22 -7.37
N CYS B 114 -20.68 40.21 -6.61
CA CYS B 114 -20.57 40.03 -5.17
C CYS B 114 -21.51 38.93 -4.68
N VAL B 115 -21.16 38.38 -3.52
CA VAL B 115 -21.98 37.40 -2.81
C VAL B 115 -22.24 37.96 -1.42
N ILE B 116 -23.52 38.06 -1.06
CA ILE B 116 -23.93 38.60 0.23
C ILE B 116 -24.79 37.54 0.92
N ALA B 117 -24.70 37.48 2.25
CA ALA B 117 -25.49 36.53 3.00
C ALA B 117 -25.55 36.95 4.46
N TRP B 118 -26.67 36.61 5.11
CA TRP B 118 -26.84 36.91 6.53
C TRP B 118 -27.71 35.84 7.17
N ASN B 119 -27.62 35.73 8.50
CA ASN B 119 -28.37 34.72 9.23
C ASN B 119 -29.85 35.06 9.29
N SER B 120 -30.71 34.09 8.98
CA SER B 120 -32.15 34.30 8.97
C SER B 120 -32.87 33.45 10.02
N ASN B 121 -32.16 33.02 11.08
CA ASN B 121 -32.77 32.15 12.10
C ASN B 121 -33.98 32.82 12.73
N ASN B 122 -33.94 34.14 12.86
CA ASN B 122 -35.06 34.85 13.46
C ASN B 122 -36.33 34.64 12.63
N LEU B 123 -36.19 34.60 11.31
CA LEU B 123 -37.33 34.63 10.41
C LEU B 123 -37.68 33.26 9.85
N ASP B 124 -36.72 32.61 9.20
CA ASP B 124 -36.97 31.39 8.45
C ASP B 124 -36.80 30.13 9.29
N SER B 125 -36.82 30.24 10.61
CA SER B 125 -36.74 29.10 11.51
C SER B 125 -37.96 29.09 12.41
N LYS B 126 -38.62 27.94 12.50
CA LYS B 126 -39.81 27.79 13.31
C LYS B 126 -39.68 26.57 14.20
N VAL B 127 -40.12 26.70 15.46
CA VAL B 127 -40.15 25.57 16.36
C VAL B 127 -40.97 24.45 15.74
N GLY B 128 -40.42 23.24 15.74
CA GLY B 128 -41.00 22.13 15.02
C GLY B 128 -40.47 22.00 13.61
N GLY B 129 -40.04 23.11 13.01
CA GLY B 129 -39.38 23.06 11.70
C GLY B 129 -40.12 23.81 10.63
N ASN B 130 -39.36 24.62 9.87
CA ASN B 130 -39.86 25.30 8.69
C ASN B 130 -39.38 24.52 7.47
N TYR B 131 -40.30 23.76 6.87
CA TYR B 131 -39.99 22.88 5.75
C TYR B 131 -40.36 23.49 4.40
N ASN B 132 -40.47 24.82 4.33
CA ASN B 132 -40.87 25.47 3.09
C ASN B 132 -39.70 25.73 2.15
N TYR B 133 -38.49 25.82 2.67
CA TYR B 133 -37.30 25.96 1.83
C TYR B 133 -36.81 24.59 1.42
N ARG B 134 -36.46 24.45 0.14
CA ARG B 134 -36.07 23.18 -0.45
C ARG B 134 -34.73 23.31 -1.15
N TYR B 135 -34.27 22.18 -1.70
CA TYR B 135 -33.05 22.14 -2.50
C TYR B 135 -33.10 20.92 -3.40
N ARG B 136 -32.31 20.96 -4.47
CA ARG B 136 -32.16 19.80 -5.34
C ARG B 136 -31.09 18.88 -4.79
N LEU B 137 -31.46 17.64 -4.51
CA LEU B 137 -30.53 16.66 -3.98
C LEU B 137 -29.94 15.75 -5.05
N PHE B 138 -30.63 15.59 -6.19
CA PHE B 138 -30.17 14.71 -7.25
C PHE B 138 -30.43 15.33 -8.61
N ARG B 139 -29.50 15.14 -9.54
CA ARG B 139 -29.61 15.66 -10.90
C ARG B 139 -28.64 14.91 -11.82
N LYS B 140 -29.06 14.71 -13.08
CA LYS B 140 -28.27 13.90 -14.00
C LYS B 140 -26.90 14.51 -14.29
N SER B 141 -26.79 15.84 -14.24
CA SER B 141 -25.54 16.51 -14.55
C SER B 141 -25.47 17.82 -13.77
N ASN B 142 -24.29 18.41 -13.75
CA ASN B 142 -24.12 19.68 -13.06
C ASN B 142 -24.87 20.79 -13.79
N LEU B 143 -25.04 21.90 -13.08
CA LEU B 143 -25.69 23.08 -13.63
C LEU B 143 -24.66 23.94 -14.36
N LYS B 144 -25.01 24.35 -15.58
CA LYS B 144 -24.29 25.42 -16.22
C LYS B 144 -24.41 26.68 -15.37
N PRO B 145 -23.48 27.62 -15.48
CA PRO B 145 -23.58 28.84 -14.68
C PRO B 145 -24.90 29.56 -14.90
N PHE B 146 -25.46 30.07 -13.82
CA PHE B 146 -26.72 30.83 -13.83
C PHE B 146 -27.86 30.06 -14.48
N GLU B 147 -27.76 28.74 -14.52
CA GLU B 147 -28.88 27.93 -14.95
C GLU B 147 -29.93 27.84 -13.84
N ARG B 148 -31.16 27.57 -14.22
CA ARG B 148 -32.24 27.40 -13.26
C ARG B 148 -33.06 26.18 -13.67
N ASP B 149 -33.12 25.19 -12.80
CA ASP B 149 -33.88 23.97 -13.03
C ASP B 149 -34.93 23.85 -11.93
N ILE B 150 -36.20 23.78 -12.32
CA ILE B 150 -37.30 23.65 -11.37
C ILE B 150 -38.09 22.38 -11.68
N SER B 151 -37.42 21.38 -12.25
CA SER B 151 -38.08 20.12 -12.59
C SER B 151 -38.40 19.32 -11.34
N THR B 152 -39.47 18.53 -11.43
CA THR B 152 -39.88 17.61 -10.37
C THR B 152 -39.98 16.19 -10.91
N GLU B 153 -39.17 15.88 -11.92
CA GLU B 153 -39.18 14.55 -12.52
C GLU B 153 -38.44 13.56 -11.64
N ILE B 154 -39.04 12.38 -11.46
CA ILE B 154 -38.50 11.40 -10.52
C ILE B 154 -37.13 10.91 -11.01
N TYR B 155 -36.13 11.03 -10.14
CA TYR B 155 -34.78 10.60 -10.46
C TYR B 155 -34.69 9.08 -10.51
N GLN B 156 -34.08 8.56 -11.58
CA GLN B 156 -33.90 7.13 -11.77
C GLN B 156 -32.45 6.81 -11.46
N ALA B 157 -32.21 6.26 -10.28
CA ALA B 157 -30.86 5.92 -9.86
C ALA B 157 -30.41 4.57 -10.38
N GLY B 158 -31.33 3.63 -10.53
CA GLY B 158 -31.00 2.32 -11.05
C GLY B 158 -31.03 2.26 -12.56
N SER B 159 -31.82 1.32 -13.12
CA SER B 159 -31.94 1.24 -14.57
C SER B 159 -33.32 0.78 -15.01
N LYS B 160 -34.34 0.90 -14.16
CA LYS B 160 -35.70 0.55 -14.50
C LYS B 160 -36.57 1.80 -14.43
N PRO B 161 -37.32 2.13 -15.48
CA PRO B 161 -38.07 3.39 -15.50
C PRO B 161 -38.96 3.52 -14.27
N CYS B 162 -39.00 4.73 -13.73
CA CYS B 162 -39.73 4.99 -12.49
C CYS B 162 -41.22 5.19 -12.70
N ASN B 163 -41.64 5.47 -13.94
CA ASN B 163 -43.04 5.77 -14.24
C ASN B 163 -43.59 6.84 -13.31
N GLY B 164 -42.78 7.88 -13.07
CA GLY B 164 -43.26 9.07 -12.39
C GLY B 164 -43.66 8.89 -10.95
N VAL B 165 -43.33 7.76 -10.32
CA VAL B 165 -43.60 7.56 -8.91
C VAL B 165 -42.34 7.02 -8.24
N GLU B 166 -42.04 7.55 -7.05
CA GLU B 166 -40.86 7.11 -6.34
C GLU B 166 -41.03 5.69 -5.83
N GLY B 167 -39.92 4.99 -5.70
CA GLY B 167 -39.90 3.65 -5.16
C GLY B 167 -38.48 3.21 -4.93
N PHE B 168 -38.17 1.95 -5.25
CA PHE B 168 -36.79 1.49 -5.20
C PHE B 168 -35.96 2.21 -6.25
N ASN B 169 -34.85 2.82 -5.80
CA ASN B 169 -33.92 3.58 -6.67
C ASN B 169 -34.63 4.63 -7.50
N CYS B 170 -35.79 5.11 -7.05
CA CYS B 170 -36.51 6.20 -7.70
C CYS B 170 -36.86 7.22 -6.63
N TYR B 171 -36.22 8.38 -6.70
CA TYR B 171 -36.30 9.37 -5.63
C TYR B 171 -36.85 10.69 -6.17
N PHE B 172 -37.73 11.31 -5.40
CA PHE B 172 -38.16 12.67 -5.71
C PHE B 172 -36.99 13.62 -5.55
N PRO B 173 -36.65 14.40 -6.57
CA PRO B 173 -35.34 15.08 -6.60
C PRO B 173 -35.20 16.28 -5.67
N LEU B 174 -36.28 16.77 -5.08
CA LEU B 174 -36.24 17.94 -4.22
C LEU B 174 -36.44 17.50 -2.77
N GLN B 175 -35.54 17.93 -1.89
CA GLN B 175 -35.67 17.64 -0.48
C GLN B 175 -35.81 18.94 0.30
N SER B 176 -36.46 18.84 1.46
CA SER B 176 -36.89 20.00 2.22
C SER B 176 -35.89 20.32 3.33
N TYR B 177 -35.31 21.51 3.28
CA TYR B 177 -34.55 22.03 4.41
C TYR B 177 -35.44 22.01 5.65
N GLY B 178 -35.01 21.29 6.67
CA GLY B 178 -35.69 21.38 7.96
C GLY B 178 -35.00 22.37 8.87
N PHE B 179 -35.50 23.61 8.93
CA PHE B 179 -34.85 24.68 9.66
C PHE B 179 -35.51 24.84 11.02
N GLN B 180 -34.73 24.68 12.09
CA GLN B 180 -35.22 24.83 13.45
C GLN B 180 -34.35 25.83 14.20
N PRO B 181 -34.95 26.60 15.12
CA PRO B 181 -34.18 27.64 15.82
C PRO B 181 -33.05 27.10 16.69
N THR B 182 -33.13 25.85 17.12
CA THR B 182 -32.11 25.26 17.98
C THR B 182 -30.98 24.59 17.22
N ASN B 183 -31.05 24.51 15.90
CA ASN B 183 -30.00 23.88 15.13
C ASN B 183 -28.68 24.65 15.28
N GLY B 184 -27.59 24.01 14.88
CA GLY B 184 -26.31 24.67 14.86
C GLY B 184 -26.23 25.70 13.75
N VAL B 185 -25.22 26.57 13.86
CA VAL B 185 -25.08 27.69 12.93
C VAL B 185 -24.99 27.19 11.50
N GLY B 186 -24.23 26.11 11.28
CA GLY B 186 -24.09 25.54 9.95
C GLY B 186 -25.36 24.90 9.41
N TYR B 187 -26.27 24.50 10.30
CA TYR B 187 -27.57 23.98 9.91
C TYR B 187 -28.67 25.03 9.96
N GLN B 188 -28.33 26.27 10.32
CA GLN B 188 -29.30 27.36 10.35
C GLN B 188 -29.51 27.96 8.96
N PRO B 189 -30.67 28.55 8.71
CA PRO B 189 -30.90 29.17 7.40
C PRO B 189 -30.16 30.49 7.25
N TYR B 190 -29.72 30.76 6.03
CA TYR B 190 -29.06 32.01 5.68
C TYR B 190 -29.66 32.53 4.39
N ARG B 191 -29.93 33.84 4.34
CA ARG B 191 -30.44 34.47 3.14
C ARG B 191 -29.28 35.01 2.32
N VAL B 192 -29.31 34.75 1.01
CA VAL B 192 -28.19 35.03 0.12
C VAL B 192 -28.68 35.92 -1.01
N VAL B 193 -27.89 36.94 -1.35
CA VAL B 193 -28.17 37.83 -2.47
C VAL B 193 -26.89 37.94 -3.31
N VAL B 194 -27.00 37.56 -4.59
CA VAL B 194 -25.86 37.59 -5.50
C VAL B 194 -26.12 38.68 -6.54
N LEU B 195 -25.19 39.61 -6.66
CA LEU B 195 -25.31 40.75 -7.58
C LEU B 195 -24.41 40.51 -8.78
N SER B 196 -25.01 40.42 -9.96
CA SER B 196 -24.27 40.25 -11.20
C SER B 196 -24.20 41.58 -11.94
N PHE B 197 -22.99 41.98 -12.32
CA PHE B 197 -22.76 43.24 -13.04
C PHE B 197 -22.49 42.91 -14.50
N GLU B 198 -23.43 43.26 -15.37
CA GLU B 198 -23.32 42.98 -16.80
C GLU B 198 -22.87 44.22 -17.54
N LEU B 199 -21.96 44.04 -18.49
CA LEU B 199 -21.35 45.13 -19.27
C LEU B 199 -21.45 44.77 -20.75
N LEU B 200 -22.53 45.20 -21.39
CA LEU B 200 -22.76 44.97 -22.80
C LEU B 200 -22.53 46.26 -23.59
N HIS B 201 -22.58 46.15 -24.91
CA HIS B 201 -22.47 47.33 -25.78
C HIS B 201 -23.83 48.01 -25.81
N ALA B 202 -24.08 48.87 -24.81
CA ALA B 202 -25.42 49.33 -24.52
C ALA B 202 -25.40 50.61 -23.69
N PRO B 203 -26.55 51.25 -23.40
CA PRO B 203 -26.52 52.57 -22.76
C PRO B 203 -25.85 52.63 -21.40
N ALA B 204 -25.75 51.52 -20.66
CA ALA B 204 -25.21 51.49 -19.31
C ALA B 204 -26.02 52.42 -18.38
N THR B 205 -27.23 51.95 -18.08
CA THR B 205 -28.22 52.76 -17.38
C THR B 205 -28.07 52.74 -15.86
N VAL B 206 -27.23 51.88 -15.31
CA VAL B 206 -27.07 51.74 -13.86
C VAL B 206 -25.65 52.22 -13.54
N CYS B 207 -25.54 53.46 -13.08
CA CYS B 207 -24.26 54.07 -12.73
C CYS B 207 -24.07 54.24 -11.23
N GLY B 208 -25.04 54.85 -10.55
CA GLY B 208 -25.02 55.06 -9.12
C GLY B 208 -23.71 55.61 -8.56
N PRO B 209 -23.35 56.86 -8.94
CA PRO B 209 -22.17 57.50 -8.36
C PRO B 209 -22.21 57.57 -6.83
N SER C 1 -3.88 16.33 -34.77
CA SER C 1 -2.85 15.30 -34.67
C SER C 1 -3.47 13.92 -34.52
N THR C 2 -2.86 12.93 -35.16
CA THR C 2 -3.44 11.60 -35.21
C THR C 2 -3.07 10.78 -33.98
N ILE C 3 -3.58 9.55 -33.91
CA ILE C 3 -3.26 8.66 -32.80
C ILE C 3 -1.82 8.20 -32.90
N GLU C 4 -1.36 7.87 -34.11
CA GLU C 4 0.03 7.45 -34.28
C GLU C 4 1.01 8.58 -33.96
N GLU C 5 0.65 9.83 -34.25
CA GLU C 5 1.54 10.94 -33.93
C GLU C 5 1.59 11.20 -32.43
N GLN C 6 0.45 11.12 -31.74
CA GLN C 6 0.44 11.34 -30.30
C GLN C 6 1.33 10.34 -29.57
N ALA C 7 1.36 9.09 -30.05
CA ALA C 7 2.14 8.05 -29.38
C ALA C 7 3.64 8.26 -29.58
N LYS C 8 4.06 8.57 -30.81
CA LYS C 8 5.47 8.87 -31.07
C LYS C 8 6.01 9.89 -30.09
N THR C 9 5.22 10.94 -29.83
CA THR C 9 5.56 11.91 -28.78
C THR C 9 5.77 11.22 -27.43
N PHE C 10 4.79 10.41 -27.02
CA PHE C 10 4.88 9.74 -25.73
C PHE C 10 6.15 8.91 -25.63
N LEU C 11 6.45 8.14 -26.67
CA LEU C 11 7.68 7.34 -26.68
C LEU C 11 8.92 8.23 -26.61
N ASP C 12 8.90 9.35 -27.34
CA ASP C 12 10.06 10.25 -27.31
C ASP C 12 10.22 10.89 -25.94
N LYS C 13 9.11 11.21 -25.27
CA LYS C 13 9.19 11.62 -23.88
C LYS C 13 9.71 10.48 -23.01
N PHE C 14 9.25 9.25 -23.28
CA PHE C 14 9.64 8.11 -22.46
C PHE C 14 11.15 7.85 -22.53
N ASN C 15 11.70 7.76 -23.75
CA ASN C 15 13.12 7.51 -23.94
C ASN C 15 13.98 8.38 -23.04
N HIS C 16 13.73 9.69 -23.07
CA HIS C 16 14.51 10.62 -22.25
C HIS C 16 14.15 10.47 -20.77
N GLU C 17 12.86 10.38 -20.46
CA GLU C 17 12.42 10.23 -19.07
C GLU C 17 13.00 8.97 -18.44
N ALA C 18 13.00 7.86 -19.17
CA ALA C 18 13.35 6.57 -18.59
C ALA C 18 14.87 6.36 -18.55
N GLU C 19 15.59 6.88 -19.54
CA GLU C 19 17.02 6.60 -19.64
C GLU C 19 17.77 7.04 -18.39
N ASP C 20 17.38 8.17 -17.79
CA ASP C 20 18.04 8.59 -16.57
C ASP C 20 17.49 7.88 -15.35
N LEU C 21 16.27 7.35 -15.41
CA LEU C 21 15.76 6.55 -14.30
C LEU C 21 16.38 5.16 -14.27
N PHE C 22 16.45 4.49 -15.42
CA PHE C 22 17.09 3.18 -15.48
C PHE C 22 18.56 3.27 -15.10
N TYR C 23 19.26 4.29 -15.61
CA TYR C 23 20.66 4.49 -15.26
C TYR C 23 20.82 4.79 -13.78
N GLN C 24 19.94 5.63 -13.23
CA GLN C 24 19.99 5.91 -11.79
C GLN C 24 19.87 4.63 -10.98
N SER C 25 19.06 3.68 -11.45
CA SER C 25 18.92 2.41 -10.75
C SER C 25 20.14 1.52 -11.00
N SER C 26 20.55 1.38 -12.26
CA SER C 26 21.64 0.48 -12.61
C SER C 26 22.93 0.84 -11.87
N LEU C 27 23.23 2.13 -11.77
CA LEU C 27 24.45 2.56 -11.08
C LEU C 27 24.44 2.13 -9.62
N ALA C 28 23.30 2.29 -8.94
CA ALA C 28 23.21 1.86 -7.54
C ALA C 28 23.29 0.34 -7.43
N SER C 29 22.62 -0.38 -8.32
CA SER C 29 22.74 -1.84 -8.34
C SER C 29 24.18 -2.28 -8.49
N TRP C 30 24.93 -1.58 -9.35
CA TRP C 30 26.37 -1.84 -9.43
C TRP C 30 27.04 -1.66 -8.09
N ASN C 31 26.70 -0.58 -7.38
CA ASN C 31 27.34 -0.31 -6.09
C ASN C 31 27.04 -1.38 -5.06
N TYR C 32 25.83 -1.95 -5.07
CA TYR C 32 25.58 -3.10 -4.22
C TYR C 32 26.40 -4.31 -4.64
N ASN C 33 26.19 -4.78 -5.86
CA ASN C 33 26.90 -5.96 -6.36
C ASN C 33 28.42 -5.77 -6.39
N THR C 34 28.92 -4.55 -6.19
CA THR C 34 30.34 -4.30 -6.00
C THR C 34 30.71 -3.86 -4.60
N ASN C 35 29.73 -3.64 -3.72
CA ASN C 35 29.99 -3.19 -2.35
C ASN C 35 28.72 -3.46 -1.55
N ILE C 36 28.72 -4.56 -0.79
CA ILE C 36 27.51 -5.04 -0.13
C ILE C 36 27.49 -4.49 1.30
N THR C 37 26.63 -3.51 1.54
CA THR C 37 26.30 -3.04 2.87
C THR C 37 24.78 -2.89 2.95
N GLU C 38 24.25 -2.99 4.17
CA GLU C 38 22.80 -2.91 4.37
C GLU C 38 22.22 -1.62 3.82
N GLU C 39 23.04 -0.59 3.65
CA GLU C 39 22.56 0.67 3.07
C GLU C 39 22.25 0.50 1.58
N ASN C 40 23.17 -0.12 0.83
CA ASN C 40 22.98 -0.22 -0.61
C ASN C 40 21.82 -1.12 -0.98
N VAL C 41 21.43 -2.04 -0.10
CA VAL C 41 20.20 -2.80 -0.30
C VAL C 41 19.00 -1.86 -0.40
N GLN C 42 18.88 -0.95 0.57
CA GLN C 42 17.77 0.00 0.56
C GLN C 42 17.89 0.98 -0.60
N ASN C 43 19.11 1.42 -0.91
CA ASN C 43 19.34 2.26 -2.08
C ASN C 43 18.82 1.58 -3.34
N MET C 44 19.24 0.33 -3.56
CA MET C 44 18.86 -0.39 -4.77
C MET C 44 17.36 -0.65 -4.82
N ASN C 45 16.73 -0.86 -3.66
CA ASN C 45 15.28 -1.05 -3.64
C ASN C 45 14.55 0.24 -3.97
N ASN C 46 15.03 1.37 -3.43
CA ASN C 46 14.36 2.65 -3.69
C ASN C 46 14.40 3.02 -5.16
N ALA C 47 15.58 2.92 -5.78
CA ALA C 47 15.71 3.21 -7.20
C ALA C 47 14.93 2.21 -8.04
N GLY C 48 14.98 0.93 -7.65
CA GLY C 48 14.20 -0.07 -8.37
C GLY C 48 12.70 0.12 -8.19
N ASP C 49 12.27 0.50 -6.99
CA ASP C 49 10.85 0.74 -6.77
C ASP C 49 10.37 1.98 -7.53
N LYS C 50 11.21 3.01 -7.66
CA LYS C 50 10.83 4.17 -8.46
C LYS C 50 10.80 3.81 -9.94
N TRP C 51 11.78 3.02 -10.41
CA TRP C 51 11.76 2.57 -11.79
C TRP C 51 10.57 1.66 -12.06
N SER C 52 10.27 0.75 -11.14
CA SER C 52 9.10 -0.11 -11.29
C SER C 52 7.81 0.70 -11.25
N ALA C 53 7.71 1.65 -10.31
CA ALA C 53 6.54 2.52 -10.26
C ALA C 53 6.41 3.36 -11.52
N PHE C 54 7.53 3.92 -11.98
CA PHE C 54 7.51 4.71 -13.21
C PHE C 54 7.01 3.88 -14.39
N LEU C 55 7.49 2.64 -14.51
CA LEU C 55 7.07 1.79 -15.62
C LEU C 55 5.59 1.48 -15.56
N LYS C 56 5.05 1.29 -14.37
CA LYS C 56 3.64 0.92 -14.23
C LYS C 56 2.74 2.07 -14.67
N GLU C 57 3.11 3.30 -14.33
CA GLU C 57 2.33 4.46 -14.77
C GLU C 57 2.40 4.61 -16.28
N GLN C 58 3.61 4.49 -16.84
CA GLN C 58 3.79 4.66 -18.28
C GLN C 58 2.99 3.61 -19.05
N SER C 59 2.90 2.39 -18.51
CA SER C 59 2.04 1.37 -19.11
C SER C 59 0.59 1.83 -19.15
N THR C 60 0.10 2.42 -18.05
CA THR C 60 -1.25 2.97 -18.03
C THR C 60 -1.44 4.01 -19.13
N LEU C 61 -0.52 4.97 -19.22
CA LEU C 61 -0.59 5.99 -20.27
C LEU C 61 -0.50 5.36 -21.65
N ALA C 62 0.40 4.38 -21.82
CA ALA C 62 0.52 3.70 -23.11
C ALA C 62 -0.75 2.98 -23.50
N GLN C 63 -1.53 2.51 -22.50
CA GLN C 63 -2.78 1.83 -22.78
C GLN C 63 -3.82 2.73 -23.42
N MET C 64 -3.60 4.04 -23.46
CA MET C 64 -4.53 4.99 -24.05
C MET C 64 -4.31 5.19 -25.54
N TYR C 65 -3.44 4.40 -26.16
CA TYR C 65 -3.18 4.48 -27.61
C TYR C 65 -3.43 3.12 -28.23
N PRO C 66 -4.52 2.95 -29.00
CA PRO C 66 -4.91 1.61 -29.47
C PRO C 66 -4.05 1.13 -30.64
N LEU C 67 -3.49 -0.06 -30.49
CA LEU C 67 -2.59 -0.65 -31.49
C LEU C 67 -3.23 -0.82 -32.87
N GLN C 68 -4.55 -0.72 -32.98
CA GLN C 68 -5.21 -0.85 -34.27
C GLN C 68 -5.08 0.42 -35.12
N GLU C 69 -4.62 1.53 -34.56
CA GLU C 69 -4.51 2.79 -35.29
C GLU C 69 -3.07 3.16 -35.63
N ILE C 70 -2.08 2.31 -35.34
CA ILE C 70 -0.70 2.57 -35.70
C ILE C 70 -0.29 1.63 -36.84
N GLN C 71 0.43 2.18 -37.82
CA GLN C 71 0.92 1.44 -38.97
C GLN C 71 2.44 1.33 -39.04
N ASN C 72 3.17 2.31 -38.49
CA ASN C 72 4.62 2.18 -38.34
C ASN C 72 4.90 1.05 -37.36
N LEU C 73 5.49 -0.04 -37.86
CA LEU C 73 5.63 -1.25 -37.05
C LEU C 73 6.60 -1.04 -35.89
N THR C 74 7.71 -0.35 -36.13
CA THR C 74 8.66 -0.08 -35.04
C THR C 74 8.05 0.79 -33.96
N VAL C 75 6.96 1.49 -34.26
CA VAL C 75 6.18 2.17 -33.22
C VAL C 75 5.30 1.17 -32.49
N LYS C 76 4.69 0.24 -33.23
CA LYS C 76 3.83 -0.75 -32.61
C LYS C 76 4.60 -1.67 -31.67
N LEU C 77 5.83 -2.03 -32.05
CA LEU C 77 6.64 -2.92 -31.22
C LEU C 77 6.87 -2.33 -29.83
N GLN C 78 7.33 -1.07 -29.79
CA GLN C 78 7.61 -0.43 -28.51
C GLN C 78 6.34 -0.21 -27.70
N LEU C 79 5.29 0.28 -28.35
CA LEU C 79 4.01 0.45 -27.67
C LEU C 79 3.50 -0.87 -27.13
N GLN C 80 3.50 -1.92 -27.96
CA GLN C 80 2.99 -3.22 -27.52
C GLN C 80 3.81 -3.78 -26.37
N ALA C 81 5.13 -3.61 -26.41
CA ALA C 81 5.97 -4.09 -25.31
C ALA C 81 5.67 -3.34 -24.02
N LEU C 82 5.43 -2.03 -24.11
CA LEU C 82 5.14 -1.23 -22.93
C LEU C 82 3.66 -1.28 -22.54
N GLN C 83 2.79 -1.76 -23.43
CA GLN C 83 1.36 -1.85 -23.14
C GLN C 83 0.97 -3.07 -22.31
N GLN C 84 1.85 -4.08 -22.23
CA GLN C 84 1.49 -5.35 -21.63
C GLN C 84 1.08 -5.18 -20.17
N ASN C 85 -0.18 -5.53 -19.87
CA ASN C 85 -0.66 -5.45 -18.49
C ASN C 85 0.09 -6.41 -17.60
N GLY C 86 0.20 -7.67 -18.02
CA GLY C 86 0.74 -8.68 -17.14
C GLY C 86 -0.26 -9.05 -16.05
N SER C 87 0.25 -9.15 -14.82
CA SER C 87 -0.59 -9.55 -13.69
C SER C 87 -1.64 -8.50 -13.34
N SER C 88 -1.49 -7.26 -13.81
CA SER C 88 -2.39 -6.18 -13.40
C SER C 88 -3.83 -6.46 -13.79
N VAL C 89 -4.06 -7.25 -14.84
CA VAL C 89 -5.42 -7.53 -15.29
C VAL C 89 -6.21 -8.27 -14.23
N LEU C 90 -5.54 -9.05 -13.39
CA LEU C 90 -6.22 -9.81 -12.36
C LEU C 90 -6.82 -8.90 -11.31
N SER C 91 -7.95 -9.32 -10.75
CA SER C 91 -8.51 -8.61 -9.61
C SER C 91 -7.46 -8.48 -8.52
N GLU C 92 -7.51 -7.36 -7.78
CA GLU C 92 -6.49 -7.11 -6.77
C GLU C 92 -6.42 -8.27 -5.78
N ASP C 93 -7.56 -8.83 -5.40
CA ASP C 93 -7.56 -9.97 -4.49
C ASP C 93 -6.85 -11.17 -5.12
N LYS C 94 -7.14 -11.46 -6.39
CA LYS C 94 -6.51 -12.60 -7.06
C LYS C 94 -5.00 -12.40 -7.19
N SER C 95 -4.57 -11.22 -7.63
CA SER C 95 -3.14 -10.95 -7.78
C SER C 95 -2.43 -10.97 -6.43
N LYS C 96 -3.12 -10.49 -5.38
CA LYS C 96 -2.54 -10.53 -4.03
C LYS C 96 -2.11 -11.93 -3.62
N ARG C 97 -2.87 -12.95 -4.04
CA ARG C 97 -2.56 -14.33 -3.66
C ARG C 97 -1.53 -14.99 -4.57
N LEU C 98 -1.64 -14.78 -5.89
CA LEU C 98 -0.66 -15.36 -6.80
C LEU C 98 0.75 -14.87 -6.47
N ASN C 99 0.88 -13.60 -6.10
CA ASN C 99 2.20 -13.07 -5.75
C ASN C 99 2.74 -13.69 -4.47
N THR C 100 1.87 -13.92 -3.49
CA THR C 100 2.33 -14.56 -2.26
C THR C 100 2.73 -16.01 -2.51
N ILE C 101 2.07 -16.69 -3.45
CA ILE C 101 2.47 -18.03 -3.85
C ILE C 101 3.93 -18.02 -4.30
N LEU C 102 4.21 -17.25 -5.36
CA LEU C 102 5.54 -17.26 -5.97
C LEU C 102 6.61 -16.90 -4.95
N ASN C 103 6.32 -15.96 -4.05
CA ASN C 103 7.25 -15.65 -2.97
C ASN C 103 7.38 -16.84 -2.02
N THR C 104 6.27 -17.54 -1.75
CA THR C 104 6.28 -18.67 -0.84
C THR C 104 6.90 -19.91 -1.47
N MET C 105 6.47 -20.24 -2.70
CA MET C 105 7.12 -21.33 -3.44
C MET C 105 8.62 -21.17 -3.55
N SER C 106 9.10 -19.99 -3.98
CA SER C 106 10.52 -19.69 -3.91
C SER C 106 11.11 -19.89 -2.52
N THR C 107 10.42 -19.41 -1.48
CA THR C 107 10.92 -19.57 -0.11
C THR C 107 11.11 -21.02 0.29
N ILE C 108 10.15 -21.88 -0.07
CA ILE C 108 10.29 -23.32 0.15
C ILE C 108 11.57 -23.84 -0.50
N TYR C 109 11.76 -23.56 -1.79
CA TYR C 109 12.95 -24.04 -2.51
C TYR C 109 14.23 -23.51 -1.87
N SER C 110 14.29 -22.19 -1.63
CA SER C 110 15.48 -21.56 -1.06
C SER C 110 15.77 -22.03 0.36
N THR C 111 14.74 -22.15 1.21
CA THR C 111 14.86 -22.53 2.61
C THR C 111 14.76 -24.04 2.83
N GLY C 112 14.25 -24.78 1.85
CA GLY C 112 14.02 -26.19 2.06
C GLY C 112 15.31 -26.97 2.27
N LYS C 113 15.44 -27.59 3.43
CA LYS C 113 16.65 -28.31 3.80
C LYS C 113 16.24 -29.71 4.23
N VAL C 114 17.20 -30.65 4.15
CA VAL C 114 16.98 -32.04 4.55
C VAL C 114 18.15 -32.48 5.41
N CYS C 115 17.82 -33.15 6.50
CA CYS C 115 18.79 -33.70 7.42
C CYS C 115 18.75 -35.22 7.38
N ASN C 116 19.88 -35.87 7.60
CA ASN C 116 19.93 -37.32 7.46
C ASN C 116 19.13 -37.97 8.58
N PRO C 117 18.38 -39.03 8.29
CA PRO C 117 17.78 -39.82 9.37
C PRO C 117 18.89 -40.33 10.29
N ASP C 118 18.61 -40.36 11.59
CA ASP C 118 19.49 -40.71 12.70
C ASP C 118 20.32 -39.53 13.17
N ASN C 119 20.24 -38.39 12.48
CA ASN C 119 20.83 -37.14 12.93
C ASN C 119 19.98 -36.00 12.42
N PRO C 120 18.74 -35.87 12.95
CA PRO C 120 17.82 -34.83 12.43
C PRO C 120 18.39 -33.43 12.54
N GLN C 121 19.46 -33.25 13.30
CA GLN C 121 20.07 -31.93 13.48
C GLN C 121 20.96 -31.55 12.32
N GLU C 122 21.67 -32.51 11.72
CA GLU C 122 22.64 -32.26 10.65
C GLU C 122 21.93 -32.24 9.31
N CYS C 123 21.78 -31.05 8.73
CA CYS C 123 21.01 -30.86 7.50
C CYS C 123 21.91 -30.35 6.37
N LEU C 124 21.28 -30.10 5.23
CA LEU C 124 21.99 -29.74 4.00
C LEU C 124 21.03 -29.02 3.05
N LEU C 125 21.48 -27.89 2.51
CA LEU C 125 20.72 -27.21 1.47
C LEU C 125 21.02 -27.84 0.12
N LEU C 126 20.23 -27.47 -0.90
CA LEU C 126 20.55 -27.89 -2.27
C LEU C 126 21.97 -27.49 -2.64
N GLU C 127 22.33 -26.24 -2.34
CA GLU C 127 23.68 -25.77 -2.43
C GLU C 127 24.11 -25.20 -1.08
N PRO C 128 25.30 -25.59 -0.58
CA PRO C 128 26.24 -26.40 -1.33
C PRO C 128 26.08 -27.92 -1.16
N GLY C 129 25.36 -28.35 -0.13
CA GLY C 129 25.36 -29.73 0.29
C GLY C 129 24.86 -30.76 -0.71
N LEU C 130 23.58 -30.67 -1.09
CA LEU C 130 22.96 -31.75 -1.86
C LEU C 130 23.54 -31.84 -3.27
N ASN C 131 23.80 -30.70 -3.92
CA ASN C 131 24.39 -30.75 -5.25
C ASN C 131 25.84 -31.24 -5.21
N GLU C 132 26.60 -30.86 -4.19
CA GLU C 132 27.96 -31.41 -4.05
C GLU C 132 27.92 -32.92 -4.03
N ILE C 133 26.82 -33.50 -3.52
CA ILE C 133 26.64 -34.95 -3.56
C ILE C 133 26.34 -35.41 -4.98
N MET C 134 25.24 -34.92 -5.55
CA MET C 134 24.82 -35.35 -6.88
C MET C 134 25.90 -35.11 -7.93
N ALA C 135 26.78 -34.13 -7.73
CA ALA C 135 27.78 -33.77 -8.72
C ALA C 135 29.11 -34.49 -8.54
N ASN C 136 29.44 -34.95 -7.32
CA ASN C 136 30.72 -35.60 -7.08
C ASN C 136 30.63 -37.01 -6.50
N SER C 137 29.48 -37.42 -5.98
CA SER C 137 29.38 -38.71 -5.31
C SER C 137 29.29 -39.86 -6.30
N LEU C 138 29.80 -41.03 -5.87
CA LEU C 138 29.70 -42.26 -6.65
C LEU C 138 28.98 -43.37 -5.89
N ASP C 139 28.42 -43.08 -4.71
CA ASP C 139 27.67 -44.07 -3.97
C ASP C 139 26.21 -44.03 -4.43
N TYR C 140 25.58 -45.19 -4.49
CA TYR C 140 24.21 -45.28 -5.00
C TYR C 140 23.19 -44.96 -3.91
N ASN C 141 23.31 -45.63 -2.75
CA ASN C 141 22.35 -45.42 -1.67
C ASN C 141 22.30 -43.95 -1.26
N GLU C 142 23.46 -43.30 -1.23
CA GLU C 142 23.51 -41.86 -0.99
C GLU C 142 22.74 -41.10 -2.06
N ARG C 143 23.12 -41.30 -3.33
CA ARG C 143 22.52 -40.55 -4.42
C ARG C 143 21.01 -40.73 -4.48
N LEU C 144 20.51 -41.87 -4.01
CA LEU C 144 19.08 -42.11 -4.00
C LEU C 144 18.38 -41.41 -2.84
N TRP C 145 18.96 -41.47 -1.63
CA TRP C 145 18.35 -40.83 -0.48
C TRP C 145 18.24 -39.32 -0.70
N ALA C 146 19.33 -38.70 -1.19
CA ALA C 146 19.29 -37.28 -1.50
C ALA C 146 18.21 -36.96 -2.52
N TRP C 147 18.19 -37.71 -3.62
CA TRP C 147 17.23 -37.48 -4.70
C TRP C 147 15.79 -37.55 -4.21
N GLU C 148 15.47 -38.56 -3.40
CA GLU C 148 14.11 -38.69 -2.88
C GLU C 148 13.81 -37.61 -1.85
N SER C 149 14.74 -37.34 -0.93
CA SER C 149 14.47 -36.44 0.18
C SER C 149 14.21 -35.01 -0.30
N TRP C 150 14.81 -34.61 -1.41
CA TRP C 150 14.50 -33.29 -1.97
C TRP C 150 13.13 -33.28 -2.62
N ARG C 151 12.76 -34.35 -3.32
CA ARG C 151 11.46 -34.40 -3.96
C ARG C 151 10.34 -34.78 -3.02
N SER C 152 10.65 -35.27 -1.81
CA SER C 152 9.61 -35.63 -0.86
C SER C 152 9.22 -34.45 0.03
N GLU C 153 10.19 -33.81 0.70
CA GLU C 153 9.87 -32.63 1.50
C GLU C 153 9.46 -31.47 0.63
N VAL C 154 10.42 -30.96 -0.16
CA VAL C 154 10.19 -29.76 -0.96
C VAL C 154 9.07 -30.00 -1.97
N GLY C 155 9.10 -31.17 -2.62
CA GLY C 155 8.10 -31.46 -3.65
C GLY C 155 6.69 -31.55 -3.10
N LYS C 156 6.51 -32.23 -1.96
CA LYS C 156 5.17 -32.42 -1.42
C LYS C 156 4.58 -31.09 -0.94
N GLN C 157 5.40 -30.25 -0.29
CA GLN C 157 4.92 -28.94 0.12
C GLN C 157 4.44 -28.14 -1.07
N LEU C 158 5.14 -28.22 -2.20
CA LEU C 158 4.84 -27.43 -3.37
C LEU C 158 3.69 -27.98 -4.21
N ARG C 159 3.25 -29.22 -3.96
CA ARG C 159 2.25 -29.83 -4.83
C ARG C 159 0.94 -29.06 -4.87
N PRO C 160 0.30 -28.70 -3.74
CA PRO C 160 -0.95 -27.93 -3.85
C PRO C 160 -0.72 -26.56 -4.48
N LEU C 161 0.31 -25.84 -4.02
CA LEU C 161 0.61 -24.51 -4.52
C LEU C 161 0.67 -24.48 -6.04
N TYR C 162 1.30 -25.48 -6.65
CA TYR C 162 1.52 -25.43 -8.09
C TYR C 162 0.24 -25.52 -8.90
N GLU C 163 -0.81 -26.18 -8.40
CA GLU C 163 -2.01 -26.21 -9.22
C GLU C 163 -2.75 -24.87 -9.15
N GLU C 164 -2.94 -24.31 -7.96
CA GLU C 164 -3.57 -22.99 -7.89
C GLU C 164 -2.70 -21.95 -8.60
N TYR C 165 -1.39 -22.19 -8.67
CA TYR C 165 -0.52 -21.37 -9.50
C TYR C 165 -0.90 -21.49 -10.97
N VAL C 166 -1.16 -22.71 -11.44
CA VAL C 166 -1.60 -22.90 -12.82
C VAL C 166 -2.94 -22.23 -13.07
N VAL C 167 -3.90 -22.45 -12.16
CA VAL C 167 -5.22 -21.83 -12.28
C VAL C 167 -5.10 -20.32 -12.44
N LEU C 168 -4.38 -19.68 -11.51
CA LEU C 168 -4.23 -18.23 -11.55
C LEU C 168 -3.45 -17.78 -12.79
N LYS C 169 -2.37 -18.48 -13.12
CA LYS C 169 -1.62 -18.14 -14.33
C LYS C 169 -2.44 -18.37 -15.58
N ASN C 170 -3.35 -19.33 -15.57
CA ASN C 170 -4.24 -19.54 -16.71
C ASN C 170 -5.23 -18.38 -16.85
N GLU C 171 -5.91 -18.02 -15.74
CA GLU C 171 -6.84 -16.89 -15.79
C GLU C 171 -6.12 -15.62 -16.23
N MET C 172 -4.91 -15.40 -15.72
CA MET C 172 -4.14 -14.21 -16.10
C MET C 172 -3.87 -14.20 -17.60
N ALA C 173 -3.49 -15.35 -18.17
CA ALA C 173 -3.23 -15.41 -19.60
C ALA C 173 -4.52 -15.35 -20.41
N ARG C 174 -5.58 -16.01 -19.92
CA ARG C 174 -6.85 -16.00 -20.64
C ARG C 174 -7.42 -14.59 -20.74
N ALA C 175 -7.19 -13.76 -19.72
CA ALA C 175 -7.65 -12.38 -19.77
C ALA C 175 -7.05 -11.64 -20.96
N ASN C 176 -5.74 -11.77 -21.16
CA ASN C 176 -5.04 -11.09 -22.24
C ASN C 176 -5.14 -11.81 -23.58
N HIS C 177 -6.30 -12.38 -23.90
CA HIS C 177 -6.58 -12.96 -25.21
C HIS C 177 -5.52 -13.97 -25.63
N TYR C 178 -5.15 -14.82 -24.68
CA TYR C 178 -4.25 -15.93 -24.92
C TYR C 178 -5.00 -17.23 -24.59
N GLU C 179 -4.48 -18.36 -25.06
CA GLU C 179 -5.16 -19.61 -24.80
C GLU C 179 -4.74 -20.23 -23.47
N ASP C 180 -3.44 -20.37 -23.27
CA ASP C 180 -2.89 -20.91 -22.03
C ASP C 180 -1.69 -20.05 -21.65
N TYR C 181 -1.26 -20.17 -20.39
CA TYR C 181 -0.03 -19.51 -19.98
C TYR C 181 1.14 -19.96 -20.85
N GLY C 182 1.08 -21.21 -21.34
CA GLY C 182 2.01 -21.65 -22.36
C GLY C 182 1.98 -20.80 -23.63
N ASP C 183 0.78 -20.56 -24.18
CA ASP C 183 0.64 -19.60 -25.28
C ASP C 183 1.28 -18.25 -24.92
N TYR C 184 1.01 -17.77 -23.71
CA TYR C 184 1.61 -16.51 -23.26
C TYR C 184 3.13 -16.58 -23.28
N TRP C 185 3.70 -17.65 -22.71
CA TRP C 185 5.15 -17.82 -22.74
C TRP C 185 5.69 -18.01 -24.15
N ARG C 186 4.87 -18.53 -25.07
CA ARG C 186 5.26 -18.66 -26.46
C ARG C 186 5.18 -17.33 -27.21
N GLY C 187 4.75 -16.26 -26.55
CA GLY C 187 4.65 -14.96 -27.20
C GLY C 187 5.98 -14.32 -27.51
N ASP C 188 7.06 -14.72 -26.82
CA ASP C 188 8.37 -14.13 -27.08
C ASP C 188 8.81 -14.35 -28.52
N TYR C 189 8.31 -15.39 -29.17
CA TYR C 189 8.69 -15.73 -30.53
C TYR C 189 7.64 -15.34 -31.57
N GLU C 190 6.64 -14.55 -31.20
CA GLU C 190 5.58 -14.18 -32.13
C GLU C 190 6.03 -13.04 -33.03
N VAL C 191 5.65 -13.11 -34.31
CA VAL C 191 5.96 -12.08 -35.29
C VAL C 191 4.72 -11.86 -36.16
N ASN C 192 4.24 -10.62 -36.21
CA ASN C 192 3.04 -10.27 -36.95
C ASN C 192 3.33 -9.13 -37.92
N GLY C 193 2.63 -9.16 -39.06
CA GLY C 193 2.59 -8.03 -39.95
C GLY C 193 3.82 -7.79 -40.80
N VAL C 194 4.69 -8.79 -40.98
CA VAL C 194 5.87 -8.68 -41.82
C VAL C 194 5.83 -9.83 -42.81
N ASP C 195 5.44 -9.55 -44.05
CA ASP C 195 5.33 -10.60 -45.07
C ASP C 195 6.66 -11.30 -45.28
N GLY C 196 6.63 -12.63 -45.26
CA GLY C 196 7.82 -13.42 -45.44
C GLY C 196 8.62 -13.70 -44.19
N TYR C 197 8.25 -13.09 -43.05
CA TYR C 197 9.00 -13.28 -41.82
C TYR C 197 8.11 -13.49 -40.61
N ASP C 198 6.81 -13.73 -40.80
CA ASP C 198 5.90 -13.92 -39.69
C ASP C 198 6.15 -15.26 -39.01
N TYR C 199 5.67 -15.39 -37.78
CA TYR C 199 5.89 -16.58 -36.97
C TYR C 199 4.86 -16.62 -35.87
N SER C 200 4.09 -17.71 -35.80
CA SER C 200 3.01 -17.83 -34.83
C SER C 200 3.49 -18.47 -33.54
N ARG C 201 2.64 -18.40 -32.51
CA ARG C 201 2.99 -19.00 -31.23
C ARG C 201 2.89 -20.52 -31.27
N GLY C 202 1.95 -21.06 -32.06
CA GLY C 202 1.85 -22.49 -32.22
C GLY C 202 2.94 -23.08 -33.09
N GLN C 203 3.50 -22.28 -34.00
CA GLN C 203 4.57 -22.76 -34.87
C GLN C 203 5.79 -23.21 -34.06
N LEU C 204 6.01 -22.59 -32.90
CA LEU C 204 7.15 -22.95 -32.06
C LEU C 204 7.09 -24.42 -31.65
N ILE C 205 5.94 -24.85 -31.14
CA ILE C 205 5.78 -26.25 -30.75
C ILE C 205 6.05 -27.17 -31.93
N GLU C 206 5.58 -26.79 -33.11
CA GLU C 206 5.79 -27.62 -34.30
C GLU C 206 7.24 -27.63 -34.74
N ASP C 207 7.97 -26.52 -34.53
CA ASP C 207 9.39 -26.48 -34.88
C ASP C 207 10.24 -27.15 -33.83
N VAL C 208 9.91 -26.97 -32.55
CA VAL C 208 10.67 -27.64 -31.49
C VAL C 208 10.59 -29.15 -31.66
N GLU C 209 9.37 -29.68 -31.83
CA GLU C 209 9.20 -31.12 -31.98
C GLU C 209 9.83 -31.64 -33.27
N HIS C 210 9.81 -30.85 -34.35
CA HIS C 210 10.35 -31.33 -35.61
C HIS C 210 11.88 -31.42 -35.57
N THR C 211 12.53 -30.42 -34.96
CA THR C 211 13.98 -30.45 -34.87
C THR C 211 14.46 -31.54 -33.92
N PHE C 212 13.70 -31.80 -32.85
CA PHE C 212 14.11 -32.80 -31.88
C PHE C 212 14.24 -34.19 -32.49
N GLU C 213 13.33 -34.54 -33.40
CA GLU C 213 13.38 -35.85 -34.05
C GLU C 213 14.72 -36.09 -34.70
N GLU C 214 15.32 -35.04 -35.27
CA GLU C 214 16.63 -35.16 -35.90
C GLU C 214 17.73 -35.33 -34.85
N ILE C 215 17.53 -34.78 -33.65
CA ILE C 215 18.51 -34.97 -32.58
C ILE C 215 18.44 -36.38 -32.03
N LYS C 216 17.28 -37.03 -32.13
CA LYS C 216 17.07 -38.35 -31.51
C LYS C 216 18.14 -39.37 -31.88
N PRO C 217 18.54 -39.53 -33.17
CA PRO C 217 19.63 -40.47 -33.46
C PRO C 217 20.89 -40.21 -32.67
N LEU C 218 21.37 -38.96 -32.64
CA LEU C 218 22.58 -38.64 -31.89
C LEU C 218 22.38 -38.85 -30.40
N TYR C 219 21.27 -38.34 -29.85
CA TYR C 219 21.02 -38.51 -28.42
C TYR C 219 20.89 -39.98 -28.04
N GLU C 220 20.29 -40.79 -28.92
CA GLU C 220 20.18 -42.22 -28.66
C GLU C 220 21.56 -42.85 -28.46
N HIS C 221 22.49 -42.57 -29.38
CA HIS C 221 23.81 -43.18 -29.28
C HIS C 221 24.64 -42.61 -28.14
N LEU C 222 24.43 -41.34 -27.78
CA LEU C 222 25.06 -40.83 -26.56
C LEU C 222 24.49 -41.53 -25.35
N HIS C 223 23.18 -41.81 -25.36
CA HIS C 223 22.55 -42.44 -24.21
C HIS C 223 23.05 -43.86 -24.00
N ALA C 224 23.11 -44.65 -25.08
CA ALA C 224 23.57 -46.03 -24.96
C ALA C 224 24.99 -46.11 -24.42
N TYR C 225 25.87 -45.22 -24.89
CA TYR C 225 27.25 -45.22 -24.44
C TYR C 225 27.36 -44.83 -22.97
N VAL C 226 26.55 -43.86 -22.54
CA VAL C 226 26.56 -43.46 -21.13
C VAL C 226 26.02 -44.59 -20.25
N ARG C 227 24.96 -45.26 -20.71
CA ARG C 227 24.45 -46.44 -20.01
C ARG C 227 25.56 -47.45 -19.73
N ALA C 228 26.26 -47.87 -20.79
CA ALA C 228 27.32 -48.87 -20.66
C ALA C 228 28.38 -48.43 -19.66
N LYS C 229 28.91 -47.21 -19.83
CA LYS C 229 29.92 -46.70 -18.91
C LYS C 229 29.37 -46.56 -17.49
N LEU C 230 28.07 -46.29 -17.36
CA LEU C 230 27.46 -46.21 -16.04
C LEU C 230 27.28 -47.58 -15.41
N MET C 231 26.95 -48.60 -16.23
CA MET C 231 26.77 -49.95 -15.71
C MET C 231 28.01 -50.44 -14.97
N ASN C 232 29.19 -50.15 -15.51
CA ASN C 232 30.43 -50.49 -14.81
C ASN C 232 30.53 -49.75 -13.48
N ALA C 233 30.20 -48.45 -13.47
CA ALA C 233 30.35 -47.66 -12.27
C ALA C 233 29.33 -48.04 -11.20
N TYR C 234 28.10 -48.33 -11.61
CA TYR C 234 27.03 -48.79 -10.71
C TYR C 234 26.67 -50.20 -11.12
N PRO C 235 27.31 -51.22 -10.54
CA PRO C 235 27.39 -52.52 -11.22
C PRO C 235 26.07 -53.24 -11.39
N SER C 236 25.33 -53.47 -10.31
CA SER C 236 24.16 -54.34 -10.38
C SER C 236 22.85 -53.61 -10.63
N TYR C 237 22.89 -52.28 -10.77
CA TYR C 237 21.66 -51.48 -10.73
C TYR C 237 21.18 -51.00 -12.10
N ILE C 238 21.95 -51.15 -13.16
CA ILE C 238 21.60 -50.59 -14.47
C ILE C 238 21.44 -51.73 -15.48
N SER C 239 20.28 -51.76 -16.15
CA SER C 239 19.83 -52.71 -17.16
C SER C 239 20.29 -52.29 -18.55
N PRO C 240 20.78 -53.23 -19.34
CA PRO C 240 21.30 -52.88 -20.68
C PRO C 240 20.22 -52.57 -21.70
N ILE C 241 18.95 -52.58 -21.32
CA ILE C 241 17.87 -52.12 -22.19
C ILE C 241 16.99 -51.07 -21.52
N GLY C 242 17.28 -50.72 -20.26
CA GLY C 242 16.40 -49.88 -19.48
C GLY C 242 16.78 -48.41 -19.52
N CYS C 243 16.06 -47.63 -18.73
CA CYS C 243 16.29 -46.20 -18.64
C CYS C 243 17.28 -45.90 -17.53
N LEU C 244 18.01 -44.80 -17.69
CA LEU C 244 19.01 -44.41 -16.70
C LEU C 244 18.32 -44.01 -15.40
N PRO C 245 18.78 -44.49 -14.25
CA PRO C 245 18.22 -44.00 -12.98
C PRO C 245 18.54 -42.51 -12.80
N ALA C 246 17.54 -41.76 -12.34
CA ALA C 246 17.61 -40.31 -12.35
C ALA C 246 18.73 -39.77 -11.49
N HIS C 247 19.03 -40.43 -10.38
CA HIS C 247 20.00 -39.93 -9.39
C HIS C 247 21.43 -40.32 -9.72
N LEU C 248 21.71 -40.78 -10.94
CA LEU C 248 23.04 -41.16 -11.34
C LEU C 248 23.54 -40.34 -12.53
N LEU C 249 22.96 -39.15 -12.74
CA LEU C 249 23.19 -38.35 -13.94
C LEU C 249 24.04 -37.12 -13.69
N GLY C 250 24.55 -36.93 -12.48
CA GLY C 250 25.50 -35.87 -12.20
C GLY C 250 24.90 -34.60 -11.62
N ASP C 251 23.58 -34.47 -11.62
CA ASP C 251 22.92 -33.34 -10.99
C ASP C 251 21.56 -33.81 -10.50
N MET C 252 20.98 -33.04 -9.58
CA MET C 252 19.78 -33.46 -8.87
C MET C 252 18.64 -33.83 -9.82
N TRP C 253 18.65 -33.33 -11.05
CA TRP C 253 17.58 -33.57 -11.99
C TRP C 253 18.03 -34.23 -13.29
N GLY C 254 19.34 -34.32 -13.54
CA GLY C 254 19.82 -34.75 -14.83
C GLY C 254 19.71 -33.72 -15.92
N ARG C 255 19.68 -32.42 -15.56
CA ARG C 255 19.61 -31.37 -16.57
C ARG C 255 20.84 -31.40 -17.46
N PHE C 256 22.03 -31.47 -16.85
CA PHE C 256 23.28 -31.60 -17.56
C PHE C 256 23.97 -32.87 -17.09
N TRP C 257 24.50 -33.65 -18.05
CA TRP C 257 25.24 -34.85 -17.72
C TRP C 257 26.73 -34.58 -17.56
N THR C 258 27.09 -33.34 -17.19
CA THR C 258 28.48 -32.90 -17.24
C THR C 258 29.35 -33.68 -16.26
N ASN C 259 28.85 -33.93 -15.06
CA ASN C 259 29.67 -34.56 -14.03
C ASN C 259 29.91 -36.05 -14.29
N LEU C 260 29.30 -36.63 -15.33
CA LEU C 260 29.55 -38.00 -15.72
C LEU C 260 30.79 -38.16 -16.59
N TYR C 261 31.43 -37.05 -16.97
CA TYR C 261 32.63 -37.14 -17.81
C TYR C 261 33.73 -37.94 -17.12
N SER C 262 33.86 -37.77 -15.80
CA SER C 262 34.83 -38.55 -15.04
C SER C 262 34.61 -40.05 -15.21
N LEU C 263 33.36 -40.48 -15.28
CA LEU C 263 33.04 -41.88 -15.49
C LEU C 263 32.93 -42.27 -16.96
N THR C 264 32.84 -41.31 -17.87
CA THR C 264 32.58 -41.61 -19.28
C THR C 264 33.67 -41.13 -20.22
N VAL C 265 34.73 -40.49 -19.72
CA VAL C 265 35.79 -39.99 -20.58
C VAL C 265 36.38 -41.12 -21.42
N PRO C 266 36.30 -41.03 -22.75
CA PRO C 266 36.70 -42.18 -23.59
C PRO C 266 38.17 -42.54 -23.50
N PHE C 267 39.06 -41.56 -23.29
CA PHE C 267 40.51 -41.79 -23.24
C PHE C 267 41.06 -41.06 -22.01
N GLY C 268 40.83 -41.66 -20.84
CA GLY C 268 41.15 -40.98 -19.58
C GLY C 268 42.62 -40.68 -19.40
N GLN C 269 43.50 -41.47 -20.00
CA GLN C 269 44.93 -41.22 -19.83
C GLN C 269 45.35 -39.91 -20.48
N LYS C 270 44.76 -39.57 -21.62
CA LYS C 270 45.07 -38.33 -22.31
C LYS C 270 44.26 -37.19 -21.72
N PRO C 271 44.88 -36.19 -21.09
CA PRO C 271 44.11 -35.16 -20.38
C PRO C 271 43.49 -34.15 -21.32
N ASN C 272 42.52 -33.42 -20.78
CA ASN C 272 41.91 -32.30 -21.50
C ASN C 272 42.95 -31.22 -21.77
N ILE C 273 42.72 -30.44 -22.82
CA ILE C 273 43.60 -29.31 -23.10
C ILE C 273 43.27 -28.20 -22.10
N ASP C 274 44.19 -27.95 -21.18
CA ASP C 274 44.03 -26.87 -20.21
C ASP C 274 45.23 -25.93 -20.34
N VAL C 275 44.95 -24.63 -20.41
CA VAL C 275 45.98 -23.61 -20.56
C VAL C 275 46.19 -22.82 -19.30
N THR C 276 45.41 -23.09 -18.25
CA THR C 276 45.51 -22.33 -17.00
C THR C 276 46.96 -22.24 -16.52
N ASP C 277 47.70 -23.34 -16.64
CA ASP C 277 49.07 -23.37 -16.14
C ASP C 277 49.98 -22.48 -16.99
N ALA C 278 49.74 -22.39 -18.29
CA ALA C 278 50.54 -21.52 -19.14
C ALA C 278 50.29 -20.05 -18.83
N MET C 279 49.02 -19.68 -18.64
CA MET C 279 48.68 -18.31 -18.26
C MET C 279 49.44 -17.89 -17.02
N VAL C 280 49.37 -18.69 -15.96
CA VAL C 280 50.12 -18.43 -14.74
C VAL C 280 51.62 -18.45 -15.01
N ASP C 281 52.06 -19.16 -16.05
CA ASP C 281 53.48 -19.34 -16.31
C ASP C 281 54.08 -18.14 -17.03
N GLN C 282 53.32 -17.52 -17.94
CA GLN C 282 53.77 -16.35 -18.66
C GLN C 282 53.39 -15.04 -17.96
N ALA C 283 53.17 -15.09 -16.65
CA ALA C 283 52.84 -13.91 -15.84
C ALA C 283 51.61 -13.20 -16.36
N TRP C 284 50.60 -13.98 -16.76
CA TRP C 284 49.32 -13.39 -17.11
C TRP C 284 48.58 -12.96 -15.85
N ASP C 285 47.74 -11.94 -15.98
CA ASP C 285 46.95 -11.43 -14.88
C ASP C 285 45.53 -11.21 -15.38
N ALA C 286 44.67 -10.72 -14.49
CA ALA C 286 43.26 -10.55 -14.84
C ALA C 286 43.09 -9.55 -15.99
N GLN C 287 43.85 -8.45 -15.97
CA GLN C 287 43.70 -7.44 -17.00
C GLN C 287 44.18 -7.95 -18.36
N ARG C 288 45.22 -8.78 -18.37
CA ARG C 288 45.68 -9.40 -19.61
C ARG C 288 44.62 -10.32 -20.19
N ILE C 289 43.80 -10.94 -19.34
CA ILE C 289 42.74 -11.80 -19.83
C ILE C 289 41.71 -10.99 -20.61
N PHE C 290 41.30 -9.84 -20.06
CA PHE C 290 40.29 -9.03 -20.73
C PHE C 290 40.88 -8.24 -21.89
N LYS C 291 42.16 -7.87 -21.81
CA LYS C 291 42.83 -7.25 -22.96
C LYS C 291 42.88 -8.21 -24.14
N GLU C 292 43.20 -9.48 -23.88
CA GLU C 292 43.21 -10.49 -24.95
C GLU C 292 41.82 -10.76 -25.52
N ALA C 293 40.75 -10.49 -24.76
CA ALA C 293 39.40 -10.62 -25.30
C ALA C 293 39.07 -9.48 -26.23
N GLU C 294 39.44 -8.25 -25.85
CA GLU C 294 39.29 -7.08 -26.73
C GLU C 294 39.86 -7.35 -28.11
N LYS C 295 41.08 -7.90 -28.17
CA LYS C 295 41.75 -8.13 -29.45
C LYS C 295 40.97 -9.11 -30.32
N PHE C 296 40.36 -10.13 -29.71
CA PHE C 296 39.56 -11.08 -30.47
C PHE C 296 38.44 -10.39 -31.23
N PHE C 297 37.77 -9.44 -30.58
CA PHE C 297 36.64 -8.76 -31.21
C PHE C 297 37.10 -7.69 -32.19
N VAL C 298 38.19 -6.98 -31.89
CA VAL C 298 38.77 -6.07 -32.86
C VAL C 298 39.21 -6.83 -34.11
N SER C 299 39.68 -8.07 -33.94
CA SER C 299 40.10 -8.90 -35.07
C SER C 299 39.00 -9.06 -36.11
N VAL C 300 37.73 -9.05 -35.69
CA VAL C 300 36.62 -9.22 -36.62
C VAL C 300 35.97 -7.87 -36.96
N GLY C 301 36.66 -6.76 -36.70
CA GLY C 301 36.19 -5.44 -37.03
C GLY C 301 35.26 -4.82 -36.02
N LEU C 302 35.07 -5.44 -34.88
CA LEU C 302 34.17 -4.89 -33.87
C LEU C 302 34.91 -3.86 -33.01
N PRO C 303 34.18 -3.00 -32.30
CA PRO C 303 34.82 -1.86 -31.63
C PRO C 303 35.73 -2.25 -30.48
N ASN C 304 36.74 -1.38 -30.24
CA ASN C 304 37.45 -1.39 -28.96
C ASN C 304 36.43 -1.22 -27.84
N MET C 305 36.76 -1.72 -26.67
CA MET C 305 35.92 -1.46 -25.51
C MET C 305 36.09 -0.02 -25.06
N THR C 306 35.02 0.54 -24.51
CA THR C 306 35.02 1.95 -24.14
C THR C 306 36.03 2.21 -23.01
N GLN C 307 36.58 3.42 -23.00
CA GLN C 307 37.41 3.84 -21.87
C GLN C 307 36.64 3.75 -20.56
N GLY C 308 35.32 3.97 -20.59
CA GLY C 308 34.51 3.81 -19.41
C GLY C 308 34.47 2.38 -18.91
N PHE C 309 34.59 1.41 -19.82
CA PHE C 309 34.65 0.00 -19.42
C PHE C 309 35.89 -0.28 -18.60
N TRP C 310 37.05 0.24 -19.03
CA TRP C 310 38.30 -0.01 -18.32
C TRP C 310 38.38 0.70 -16.97
N GLU C 311 37.63 1.79 -16.79
CA GLU C 311 37.68 2.52 -15.53
C GLU C 311 36.61 2.13 -14.53
N ASN C 312 35.49 1.59 -14.99
CA ASN C 312 34.37 1.29 -14.10
C ASN C 312 34.23 -0.19 -13.77
N SER C 313 34.65 -1.09 -14.66
CA SER C 313 34.43 -2.51 -14.45
C SER C 313 35.25 -3.03 -13.27
N MET C 314 34.76 -4.11 -12.67
CA MET C 314 35.44 -4.80 -11.58
C MET C 314 35.89 -6.15 -12.13
N LEU C 315 37.18 -6.24 -12.47
CA LEU C 315 37.74 -7.45 -13.05
C LEU C 315 38.53 -8.28 -12.06
N THR C 316 38.61 -7.87 -10.79
CA THR C 316 39.25 -8.66 -9.74
C THR C 316 38.47 -8.51 -8.46
N ASP C 317 38.20 -9.63 -7.79
CA ASP C 317 37.65 -9.59 -6.44
C ASP C 317 38.63 -8.82 -5.56
N PRO C 318 38.23 -7.71 -4.94
CA PRO C 318 39.15 -6.97 -4.07
C PRO C 318 39.25 -7.51 -2.65
N GLY C 319 38.59 -8.64 -2.35
CA GLY C 319 38.68 -9.27 -1.05
C GLY C 319 38.51 -8.30 0.10
N ASN C 320 39.47 -8.29 1.01
CA ASN C 320 39.46 -7.43 2.20
C ASN C 320 38.11 -7.66 2.90
N VAL C 321 37.35 -6.61 3.21
CA VAL C 321 35.96 -6.77 3.60
C VAL C 321 35.01 -6.30 2.49
N GLN C 322 35.47 -5.47 1.55
CA GLN C 322 34.74 -5.23 0.32
C GLN C 322 34.30 -6.54 -0.31
N LYS C 323 33.02 -6.85 -0.28
CA LYS C 323 32.53 -8.11 -0.79
C LYS C 323 31.54 -7.85 -1.91
N ALA C 324 31.58 -8.70 -2.94
CA ALA C 324 30.87 -8.44 -4.18
C ALA C 324 30.29 -9.72 -4.75
N VAL C 325 29.09 -9.62 -5.31
CA VAL C 325 28.44 -10.73 -5.98
C VAL C 325 29.30 -11.12 -7.18
N CYS C 326 29.98 -12.27 -7.09
CA CYS C 326 31.04 -12.61 -8.00
C CYS C 326 30.58 -13.34 -9.26
N HIS C 327 29.33 -13.81 -9.31
CA HIS C 327 28.77 -14.41 -10.51
C HIS C 327 29.04 -13.51 -11.71
N PRO C 328 29.77 -13.99 -12.73
CA PRO C 328 30.15 -13.11 -13.85
C PRO C 328 28.93 -12.59 -14.60
N THR C 329 28.79 -11.26 -14.62
CA THR C 329 27.67 -10.60 -15.27
C THR C 329 28.16 -9.47 -16.14
N ALA C 330 27.49 -9.26 -17.27
CA ALA C 330 27.76 -8.15 -18.17
C ALA C 330 26.67 -7.11 -18.02
N TRP C 331 27.07 -5.87 -17.75
CA TRP C 331 26.14 -4.80 -17.43
C TRP C 331 25.98 -3.85 -18.60
N ASP C 332 24.74 -3.46 -18.88
CA ASP C 332 24.39 -2.44 -19.85
C ASP C 332 23.55 -1.39 -19.12
N LEU C 333 24.23 -0.44 -18.48
CA LEU C 333 23.56 0.58 -17.67
C LEU C 333 22.90 1.66 -18.50
N GLY C 334 23.07 1.64 -19.82
CA GLY C 334 22.60 2.74 -20.65
C GLY C 334 23.49 3.96 -20.51
N LYS C 335 23.19 4.97 -21.34
CA LYS C 335 23.98 6.20 -21.42
C LYS C 335 25.44 5.91 -21.77
N GLY C 336 25.66 4.95 -22.67
CA GLY C 336 27.01 4.61 -23.08
C GLY C 336 27.86 3.96 -22.01
N ASP C 337 27.28 3.55 -20.89
CA ASP C 337 28.00 2.90 -19.81
C ASP C 337 27.93 1.39 -19.99
N PHE C 338 29.09 0.76 -20.22
CA PHE C 338 29.17 -0.69 -20.37
C PHE C 338 30.25 -1.22 -19.44
N ARG C 339 29.91 -2.21 -18.63
CA ARG C 339 30.81 -2.74 -17.61
C ARG C 339 30.68 -4.26 -17.52
N ILE C 340 31.75 -4.90 -17.04
CA ILE C 340 31.75 -6.31 -16.70
C ILE C 340 32.11 -6.44 -15.24
N LEU C 341 31.26 -7.12 -14.47
CA LEU C 341 31.56 -7.50 -13.10
C LEU C 341 32.01 -8.95 -13.10
N MET C 342 33.21 -9.20 -12.59
CA MET C 342 33.79 -10.54 -12.64
C MET C 342 34.98 -10.65 -11.70
N CYS C 343 34.89 -11.53 -10.70
CA CYS C 343 35.99 -11.78 -9.77
C CYS C 343 36.96 -12.74 -10.45
N THR C 344 37.76 -12.19 -11.36
CA THR C 344 38.53 -13.00 -12.29
C THR C 344 39.73 -13.63 -11.62
N LYS C 345 39.90 -14.93 -11.85
CA LYS C 345 41.11 -15.67 -11.54
C LYS C 345 41.80 -16.03 -12.85
N VAL C 346 43.10 -16.31 -12.77
CA VAL C 346 43.89 -16.57 -14.00
C VAL C 346 43.72 -18.05 -14.31
N THR C 347 42.59 -18.37 -14.94
CA THR C 347 42.31 -19.73 -15.37
C THR C 347 41.71 -19.71 -16.77
N MET C 348 41.78 -20.87 -17.44
CA MET C 348 41.20 -20.99 -18.77
C MET C 348 39.68 -20.83 -18.74
N ASP C 349 39.04 -21.30 -17.67
CA ASP C 349 37.58 -21.18 -17.57
C ASP C 349 37.17 -19.71 -17.44
N ASP C 350 37.96 -18.90 -16.74
CA ASP C 350 37.67 -17.47 -16.67
C ASP C 350 38.04 -16.77 -17.97
N PHE C 351 39.18 -17.13 -18.54
CA PHE C 351 39.57 -16.69 -19.88
C PHE C 351 38.43 -16.85 -20.87
N LEU C 352 37.87 -18.06 -20.96
CA LEU C 352 36.74 -18.30 -21.84
C LEU C 352 35.50 -17.55 -21.39
N THR C 353 35.32 -17.36 -20.08
CA THR C 353 34.18 -16.60 -19.60
C THR C 353 34.33 -15.12 -19.90
N ALA C 354 35.56 -14.62 -19.94
CA ALA C 354 35.77 -13.23 -20.35
C ALA C 354 35.35 -13.02 -21.80
N HIS C 355 35.65 -13.98 -22.67
CA HIS C 355 35.18 -13.88 -24.05
C HIS C 355 33.66 -13.96 -24.13
N HIS C 356 33.05 -14.87 -23.39
CA HIS C 356 31.60 -14.95 -23.36
C HIS C 356 30.97 -13.66 -22.83
N GLU C 357 31.43 -13.20 -21.67
CA GLU C 357 30.82 -12.01 -21.07
C GLU C 357 31.08 -10.75 -21.89
N MET C 358 32.26 -10.66 -22.53
CA MET C 358 32.48 -9.54 -23.45
C MET C 358 31.62 -9.67 -24.70
N GLY C 359 31.31 -10.89 -25.11
CA GLY C 359 30.35 -11.07 -26.19
C GLY C 359 29.02 -10.40 -25.92
N HIS C 360 28.57 -10.47 -24.67
CA HIS C 360 27.35 -9.75 -24.29
C HIS C 360 27.50 -8.25 -24.50
N ILE C 361 28.65 -7.70 -24.13
CA ILE C 361 28.84 -6.25 -24.24
C ILE C 361 28.80 -5.82 -25.70
N GLN C 362 29.46 -6.58 -26.58
CA GLN C 362 29.46 -6.26 -28.00
C GLN C 362 28.04 -6.24 -28.57
N TYR C 363 27.20 -7.17 -28.12
CA TYR C 363 25.78 -7.10 -28.45
C TYR C 363 25.16 -5.83 -27.89
N ASP C 364 25.48 -5.50 -26.65
CA ASP C 364 24.91 -4.30 -26.02
C ASP C 364 25.36 -3.04 -26.74
N MET C 365 26.66 -2.93 -27.04
CA MET C 365 27.15 -1.75 -27.73
C MET C 365 26.59 -1.64 -29.15
N ALA C 366 26.28 -2.77 -29.77
CA ALA C 366 25.87 -2.73 -31.18
C ALA C 366 24.46 -2.20 -31.35
N TYR C 367 23.54 -2.56 -30.45
CA TYR C 367 22.17 -2.06 -30.53
C TYR C 367 21.92 -0.88 -29.61
N ALA C 368 22.97 -0.21 -29.14
CA ALA C 368 22.80 0.90 -28.22
C ALA C 368 22.07 2.08 -28.87
N ALA C 369 22.17 2.23 -30.19
CA ALA C 369 21.54 3.33 -30.90
C ALA C 369 20.05 3.11 -31.14
N GLN C 370 19.53 1.94 -30.84
CA GLN C 370 18.11 1.67 -30.99
C GLN C 370 17.32 2.44 -29.94
N PRO C 371 16.00 2.53 -30.10
CA PRO C 371 15.17 3.04 -29.00
C PRO C 371 15.36 2.18 -27.75
N PHE C 372 15.12 2.81 -26.59
CA PHE C 372 15.33 2.14 -25.31
C PHE C 372 14.60 0.80 -25.25
N LEU C 373 13.33 0.78 -25.66
CA LEU C 373 12.54 -0.44 -25.59
C LEU C 373 12.94 -1.49 -26.62
N LEU C 374 13.80 -1.14 -27.58
CA LEU C 374 14.28 -2.09 -28.58
C LEU C 374 15.75 -2.47 -28.37
N ARG C 375 16.33 -2.12 -27.21
CA ARG C 375 17.69 -2.55 -26.88
C ARG C 375 17.60 -3.89 -26.16
N ASN C 376 17.70 -4.96 -26.93
CA ASN C 376 17.64 -6.33 -26.42
C ASN C 376 17.90 -7.27 -27.58
N GLY C 377 18.26 -8.51 -27.25
CA GLY C 377 18.42 -9.53 -28.25
C GLY C 377 17.14 -9.81 -29.01
N ALA C 378 17.30 -10.33 -30.23
CA ALA C 378 16.16 -10.52 -31.12
C ALA C 378 15.08 -11.41 -30.50
N ASN C 379 15.46 -12.31 -29.60
CA ASN C 379 14.50 -13.13 -28.88
C ASN C 379 15.12 -13.57 -27.55
N GLU C 380 14.51 -14.58 -26.93
CA GLU C 380 14.93 -15.03 -25.61
C GLU C 380 16.40 -15.42 -25.59
N GLY C 381 16.82 -16.23 -26.56
CA GLY C 381 18.13 -16.81 -26.51
C GLY C 381 19.14 -16.24 -27.45
N PHE C 382 18.81 -15.19 -28.21
CA PHE C 382 19.78 -14.63 -29.14
C PHE C 382 21.01 -14.12 -28.41
N HIS C 383 20.82 -13.51 -27.24
CA HIS C 383 21.94 -12.96 -26.49
C HIS C 383 22.88 -14.06 -26.00
N GLU C 384 22.33 -15.06 -25.32
CA GLU C 384 23.18 -16.10 -24.74
C GLU C 384 23.92 -16.89 -25.81
N ALA C 385 23.29 -17.09 -26.97
CA ALA C 385 23.96 -17.80 -28.06
C ALA C 385 25.09 -16.96 -28.66
N VAL C 386 24.99 -15.63 -28.58
CA VAL C 386 26.11 -14.79 -29.02
C VAL C 386 27.30 -14.97 -28.08
N GLY C 387 27.07 -14.96 -26.78
CA GLY C 387 28.17 -15.15 -25.84
C GLY C 387 28.86 -16.49 -26.00
N GLU C 388 28.08 -17.54 -26.28
CA GLU C 388 28.63 -18.89 -26.28
C GLU C 388 29.61 -19.10 -27.44
N ILE C 389 29.27 -18.59 -28.63
CA ILE C 389 30.14 -18.77 -29.79
C ILE C 389 31.47 -18.05 -29.65
N MET C 390 31.64 -17.23 -28.61
CA MET C 390 32.92 -16.58 -28.38
C MET C 390 33.90 -17.51 -27.67
N SER C 391 33.43 -18.24 -26.65
CA SER C 391 34.26 -19.26 -26.04
C SER C 391 34.45 -20.46 -26.96
N LEU C 392 33.56 -20.64 -27.95
CA LEU C 392 33.78 -21.68 -28.95
C LEU C 392 35.02 -21.40 -29.77
N SER C 393 35.13 -20.19 -30.33
CA SER C 393 36.33 -19.82 -31.07
C SER C 393 37.56 -19.79 -30.17
N ALA C 394 37.41 -19.27 -28.95
CA ALA C 394 38.56 -19.02 -28.10
C ALA C 394 39.08 -20.28 -27.40
N ALA C 395 38.29 -21.33 -27.30
CA ALA C 395 38.74 -22.57 -26.67
C ALA C 395 39.43 -23.53 -27.62
N THR C 396 39.43 -23.24 -28.92
CA THR C 396 40.03 -24.14 -29.89
C THR C 396 41.55 -24.17 -29.71
N PRO C 397 42.20 -25.27 -30.12
CA PRO C 397 43.66 -25.28 -30.12
C PRO C 397 44.25 -24.25 -31.07
N LYS C 398 43.59 -24.05 -32.22
CA LYS C 398 44.08 -23.13 -33.23
C LYS C 398 44.17 -21.70 -32.70
N HIS C 399 43.22 -21.32 -31.85
CA HIS C 399 43.25 -19.99 -31.25
C HIS C 399 44.28 -19.91 -30.12
N LEU C 400 44.35 -20.95 -29.28
CA LEU C 400 45.25 -20.91 -28.13
C LEU C 400 46.71 -20.93 -28.54
N LYS C 401 47.02 -21.51 -29.70
CA LYS C 401 48.40 -21.45 -30.20
C LYS C 401 48.76 -20.03 -30.64
N SER C 402 47.80 -19.31 -31.23
CA SER C 402 48.08 -18.00 -31.80
C SER C 402 48.36 -16.96 -30.72
N ILE C 403 47.58 -16.98 -29.63
CA ILE C 403 47.80 -16.03 -28.54
C ILE C 403 49.08 -16.33 -27.77
N GLY C 404 49.71 -17.47 -28.02
CA GLY C 404 50.97 -17.80 -27.38
C GLY C 404 50.88 -18.69 -26.16
N LEU C 405 49.68 -19.17 -25.83
CA LEU C 405 49.49 -20.04 -24.67
C LEU C 405 49.81 -21.50 -25.00
N LEU C 406 49.87 -21.86 -26.27
CA LEU C 406 50.22 -23.18 -26.74
C LEU C 406 51.40 -23.07 -27.69
N SER C 407 52.13 -24.17 -27.83
CA SER C 407 53.33 -24.14 -28.65
C SER C 407 52.97 -24.12 -30.13
N PRO C 408 53.83 -23.51 -30.96
CA PRO C 408 53.59 -23.50 -32.41
C PRO C 408 53.42 -24.89 -32.99
N ASP C 409 54.06 -25.89 -32.39
CA ASP C 409 54.06 -27.24 -32.93
C ASP C 409 52.92 -28.10 -32.38
N PHE C 410 52.28 -27.69 -31.29
CA PHE C 410 51.23 -28.46 -30.65
C PHE C 410 50.25 -29.02 -31.66
N GLN C 411 50.16 -30.34 -31.73
CA GLN C 411 49.32 -31.02 -32.70
C GLN C 411 48.37 -31.95 -31.97
N GLU C 412 47.07 -31.68 -32.10
CA GLU C 412 46.07 -32.49 -31.44
C GLU C 412 45.97 -33.85 -32.10
N ASP C 413 45.69 -34.87 -31.30
CA ASP C 413 45.36 -36.19 -31.79
C ASP C 413 43.88 -36.44 -31.63
N ASN C 414 43.37 -37.47 -32.32
CA ASN C 414 41.93 -37.68 -32.34
C ASN C 414 41.37 -38.10 -30.99
N GLU C 415 42.21 -38.64 -30.10
CA GLU C 415 41.71 -39.13 -28.82
C GLU C 415 41.38 -37.97 -27.88
N THR C 416 42.27 -36.98 -27.80
CA THR C 416 41.93 -35.76 -27.04
C THR C 416 40.74 -35.06 -27.67
N GLU C 417 40.66 -35.09 -29.00
CA GLU C 417 39.53 -34.48 -29.70
C GLU C 417 38.21 -35.13 -29.29
N ILE C 418 38.17 -36.46 -29.28
CA ILE C 418 36.96 -37.17 -28.90
C ILE C 418 36.66 -36.96 -27.42
N ASN C 419 37.71 -36.78 -26.60
CA ASN C 419 37.50 -36.38 -25.21
C ASN C 419 36.75 -35.06 -25.14
N PHE C 420 37.15 -34.08 -25.96
CA PHE C 420 36.49 -32.78 -25.96
C PHE C 420 35.04 -32.90 -26.43
N LEU C 421 34.82 -33.58 -27.56
CA LEU C 421 33.48 -33.63 -28.12
C LEU C 421 32.51 -34.40 -27.22
N LEU C 422 33.00 -35.45 -26.55
CA LEU C 422 32.14 -36.17 -25.62
C LEU C 422 31.77 -35.30 -24.43
N LYS C 423 32.77 -34.65 -23.82
CA LYS C 423 32.52 -33.69 -22.75
C LYS C 423 31.47 -32.66 -23.17
N GLN C 424 31.65 -32.05 -24.33
CA GLN C 424 30.67 -31.10 -24.87
C GLN C 424 29.29 -31.72 -24.91
N ALA C 425 29.17 -32.89 -25.54
CA ALA C 425 27.86 -33.50 -25.75
C ALA C 425 27.17 -33.84 -24.43
N LEU C 426 27.94 -34.09 -23.38
CA LEU C 426 27.34 -34.38 -22.08
C LEU C 426 26.57 -33.16 -21.55
N THR C 427 27.13 -31.97 -21.73
CA THR C 427 26.45 -30.75 -21.31
C THR C 427 25.44 -30.29 -22.33
N ILE C 428 25.84 -30.23 -23.60
CA ILE C 428 25.05 -29.56 -24.63
C ILE C 428 23.96 -30.50 -25.16
N VAL C 429 24.36 -31.64 -25.71
CA VAL C 429 23.38 -32.60 -26.22
C VAL C 429 22.50 -33.12 -25.09
N GLY C 430 23.11 -33.40 -23.94
CA GLY C 430 22.37 -34.05 -22.85
C GLY C 430 21.17 -33.25 -22.39
N THR C 431 21.31 -31.92 -22.31
CA THR C 431 20.23 -31.10 -21.79
C THR C 431 19.07 -30.96 -22.76
N LEU C 432 19.28 -31.24 -24.05
CA LEU C 432 18.22 -31.01 -25.03
C LEU C 432 16.98 -31.86 -24.77
N PRO C 433 17.05 -33.18 -24.62
CA PRO C 433 15.83 -33.93 -24.28
C PRO C 433 15.28 -33.56 -22.92
N PHE C 434 16.15 -33.27 -21.95
CA PHE C 434 15.70 -32.85 -20.63
C PHE C 434 14.87 -31.58 -20.72
N THR C 435 15.38 -30.58 -21.47
CA THR C 435 14.71 -29.29 -21.54
C THR C 435 13.41 -29.39 -22.33
N TYR C 436 13.44 -30.04 -23.50
CA TYR C 436 12.24 -30.16 -24.31
C TYR C 436 11.12 -30.86 -23.55
N MET C 437 11.45 -31.91 -22.79
CA MET C 437 10.43 -32.66 -22.07
C MET C 437 9.83 -31.84 -20.93
N LEU C 438 10.68 -31.18 -20.13
CA LEU C 438 10.18 -30.37 -19.03
C LEU C 438 9.19 -29.32 -19.54
N GLU C 439 9.57 -28.60 -20.60
CA GLU C 439 8.69 -27.56 -21.12
C GLU C 439 7.45 -28.16 -21.80
N LYS C 440 7.59 -29.34 -22.39
CA LYS C 440 6.42 -29.98 -23.00
C LYS C 440 5.40 -30.39 -21.94
N TRP C 441 5.88 -30.88 -20.79
CA TRP C 441 4.96 -31.16 -19.70
C TRP C 441 4.27 -29.90 -19.21
N ARG C 442 5.03 -28.80 -19.07
CA ARG C 442 4.42 -27.55 -18.64
C ARG C 442 3.46 -27.01 -19.69
N TRP C 443 3.83 -27.10 -20.97
CA TRP C 443 2.93 -26.64 -22.03
C TRP C 443 1.60 -27.38 -21.99
N MET C 444 1.64 -28.68 -21.67
CA MET C 444 0.42 -29.47 -21.64
C MET C 444 -0.36 -29.28 -20.34
N VAL C 445 0.34 -29.00 -19.23
CA VAL C 445 -0.35 -28.69 -17.99
C VAL C 445 -1.10 -27.37 -18.12
N PHE C 446 -0.43 -26.34 -18.64
CA PHE C 446 -1.11 -25.06 -18.88
C PHE C 446 -2.22 -25.22 -19.91
N LYS C 447 -2.00 -26.04 -20.93
CA LYS C 447 -3.04 -26.31 -21.93
C LYS C 447 -4.20 -27.10 -21.35
N GLY C 448 -4.01 -27.75 -20.20
CA GLY C 448 -5.07 -28.53 -19.58
C GLY C 448 -5.19 -29.95 -20.08
N GLU C 449 -4.21 -30.45 -20.83
CA GLU C 449 -4.28 -31.77 -21.42
C GLU C 449 -3.87 -32.88 -20.46
N ILE C 450 -3.46 -32.55 -19.24
CA ILE C 450 -3.00 -33.53 -18.27
C ILE C 450 -3.89 -33.42 -17.03
N PRO C 451 -4.66 -34.46 -16.69
CA PRO C 451 -5.48 -34.43 -15.48
C PRO C 451 -4.61 -34.48 -14.23
N LYS C 452 -5.12 -33.89 -13.15
CA LYS C 452 -4.41 -33.92 -11.87
C LYS C 452 -4.18 -35.36 -11.42
N ASP C 453 -5.15 -36.25 -11.71
CA ASP C 453 -4.99 -37.66 -11.40
C ASP C 453 -3.78 -38.27 -12.09
N GLN C 454 -3.26 -37.61 -13.12
CA GLN C 454 -2.15 -38.14 -13.90
C GLN C 454 -0.96 -37.19 -13.98
N TRP C 455 -0.95 -36.12 -13.17
CA TRP C 455 0.13 -35.14 -13.21
C TRP C 455 1.51 -35.74 -13.10
N MET C 456 1.82 -36.33 -11.93
CA MET C 456 3.15 -36.88 -11.71
C MET C 456 3.32 -38.26 -12.32
N LYS C 457 2.22 -38.95 -12.63
CA LYS C 457 2.30 -40.13 -13.48
C LYS C 457 2.85 -39.77 -14.85
N LYS C 458 2.33 -38.69 -15.44
CA LYS C 458 2.71 -38.30 -16.80
C LYS C 458 4.09 -37.66 -16.86
N TRP C 459 4.52 -36.99 -15.78
CA TRP C 459 5.88 -36.45 -15.74
C TRP C 459 6.90 -37.55 -15.96
N TRP C 460 6.73 -38.69 -15.27
CA TRP C 460 7.68 -39.79 -15.39
C TRP C 460 7.42 -40.64 -16.62
N GLU C 461 6.18 -40.71 -17.10
CA GLU C 461 5.93 -41.38 -18.36
C GLU C 461 6.68 -40.71 -19.50
N MET C 462 6.75 -39.37 -19.47
CA MET C 462 7.46 -38.65 -20.52
C MET C 462 8.97 -38.69 -20.33
N LYS C 463 9.45 -38.71 -19.08
CA LYS C 463 10.88 -38.90 -18.84
C LYS C 463 11.38 -40.20 -19.46
N ARG C 464 10.60 -41.27 -19.32
CA ARG C 464 11.02 -42.57 -19.85
C ARG C 464 11.02 -42.57 -21.38
N GLU C 465 9.95 -42.07 -22.00
CA GLU C 465 9.84 -42.15 -23.45
C GLU C 465 10.72 -41.14 -24.16
N ILE C 466 10.89 -39.93 -23.60
CA ILE C 466 11.61 -38.87 -24.29
C ILE C 466 13.08 -38.87 -23.87
N VAL C 467 13.33 -38.73 -22.57
CA VAL C 467 14.69 -38.60 -22.07
C VAL C 467 15.38 -39.94 -21.82
N GLY C 468 14.62 -41.02 -21.72
CA GLY C 468 15.22 -42.31 -21.41
C GLY C 468 15.74 -42.40 -19.99
N VAL C 469 15.10 -41.71 -19.05
CA VAL C 469 15.46 -41.69 -17.65
C VAL C 469 14.26 -42.22 -16.86
N VAL C 470 14.53 -42.96 -15.78
CA VAL C 470 13.49 -43.65 -15.04
C VAL C 470 13.54 -43.24 -13.58
N GLU C 471 12.40 -43.39 -12.91
CA GLU C 471 12.28 -43.03 -11.51
C GLU C 471 12.83 -44.16 -10.64
N PRO C 472 13.69 -43.88 -9.67
CA PRO C 472 14.13 -44.94 -8.76
C PRO C 472 13.01 -45.46 -7.87
N VAL C 473 12.12 -44.58 -7.44
CA VAL C 473 11.01 -44.95 -6.56
C VAL C 473 9.71 -44.42 -7.17
N PRO C 474 8.68 -45.25 -7.32
CA PRO C 474 7.41 -44.75 -7.86
C PRO C 474 6.81 -43.70 -6.94
N HIS C 475 6.17 -42.71 -7.55
CA HIS C 475 5.71 -41.53 -6.84
C HIS C 475 4.21 -41.37 -6.98
N ASP C 476 3.52 -41.29 -5.85
CA ASP C 476 2.08 -41.00 -5.90
C ASP C 476 1.87 -39.54 -6.24
N GLU C 477 0.60 -39.18 -6.47
CA GLU C 477 0.28 -37.83 -6.88
C GLU C 477 0.29 -36.88 -5.69
N THR C 478 1.34 -36.96 -4.87
CA THR C 478 1.60 -36.01 -3.80
C THR C 478 2.89 -35.24 -4.03
N TYR C 479 3.63 -35.57 -5.09
CA TYR C 479 4.92 -34.99 -5.38
C TYR C 479 4.76 -33.87 -6.41
N CYS C 480 5.79 -33.06 -6.54
CA CYS C 480 5.82 -32.02 -7.57
C CYS C 480 7.24 -31.86 -8.08
N ASP C 481 7.82 -32.98 -8.52
CA ASP C 481 9.24 -33.03 -8.90
C ASP C 481 9.66 -31.96 -9.90
N PRO C 482 8.87 -31.60 -10.92
CA PRO C 482 9.25 -30.45 -11.75
C PRO C 482 9.50 -29.18 -10.95
N ALA C 483 8.70 -28.92 -9.91
CA ALA C 483 8.90 -27.75 -9.09
C ALA C 483 10.19 -27.81 -8.27
N SER C 484 10.81 -28.98 -8.16
CA SER C 484 12.07 -29.10 -7.45
C SER C 484 13.24 -28.48 -8.21
N LEU C 485 13.02 -28.04 -9.44
CA LEU C 485 14.02 -27.35 -10.24
C LEU C 485 13.75 -25.86 -10.19
N PHE C 486 14.82 -25.07 -10.04
CA PHE C 486 14.69 -23.63 -9.84
C PHE C 486 13.77 -22.99 -10.87
N HIS C 487 13.92 -23.38 -12.14
CA HIS C 487 13.24 -22.72 -13.23
C HIS C 487 11.74 -22.95 -13.24
N VAL C 488 11.24 -23.92 -12.47
CA VAL C 488 9.81 -24.20 -12.39
C VAL C 488 9.18 -23.57 -11.16
N SER C 489 9.85 -23.72 -10.02
CA SER C 489 9.33 -23.17 -8.77
C SER C 489 9.43 -21.65 -8.70
N ASN C 490 9.99 -21.01 -9.73
CA ASN C 490 10.18 -19.56 -9.69
C ASN C 490 9.63 -18.89 -10.95
N ASP C 491 8.71 -19.56 -11.65
CA ASP C 491 7.96 -18.96 -12.77
C ASP C 491 8.88 -18.38 -13.84
N TYR C 492 9.84 -19.18 -14.28
CA TYR C 492 10.72 -18.80 -15.38
C TYR C 492 10.54 -19.79 -16.54
N SER C 493 10.54 -19.28 -17.76
CA SER C 493 10.38 -20.15 -18.93
C SER C 493 11.61 -21.04 -19.08
N PHE C 494 11.50 -22.04 -19.96
CA PHE C 494 12.58 -23.02 -20.06
C PHE C 494 12.95 -23.42 -21.48
N ILE C 495 12.03 -23.30 -22.45
CA ILE C 495 12.33 -23.65 -23.83
C ILE C 495 13.49 -22.86 -24.42
N ARG C 496 13.89 -21.77 -23.75
CA ARG C 496 14.98 -20.95 -24.25
C ARG C 496 16.29 -21.73 -24.32
N TYR C 497 16.49 -22.69 -23.41
CA TYR C 497 17.72 -23.48 -23.42
C TYR C 497 17.76 -24.46 -24.58
N TYR C 498 16.60 -24.85 -25.11
CA TYR C 498 16.58 -25.64 -26.34
C TYR C 498 16.86 -24.76 -27.55
N THR C 499 16.19 -23.60 -27.64
CA THR C 499 16.34 -22.74 -28.81
C THR C 499 17.73 -22.12 -28.87
N ARG C 500 18.20 -21.59 -27.73
CA ARG C 500 19.52 -20.95 -27.70
C ARG C 500 20.60 -21.90 -28.20
N THR C 501 20.49 -23.17 -27.84
CA THR C 501 21.49 -24.16 -28.24
C THR C 501 21.56 -24.30 -29.76
N LEU C 502 20.41 -24.52 -30.40
CA LEU C 502 20.39 -24.66 -31.85
C LEU C 502 20.88 -23.38 -32.54
N TYR C 503 20.57 -22.22 -31.95
CA TYR C 503 20.99 -20.95 -32.54
C TYR C 503 22.51 -20.85 -32.62
N GLN C 504 23.21 -21.13 -31.51
CA GLN C 504 24.63 -20.83 -31.44
C GLN C 504 25.44 -21.64 -32.45
N PHE C 505 24.97 -22.81 -32.85
CA PHE C 505 25.67 -23.57 -33.86
C PHE C 505 25.26 -23.17 -35.27
N GLN C 506 24.04 -22.64 -35.44
CA GLN C 506 23.73 -21.91 -36.67
C GLN C 506 24.60 -20.68 -36.79
N PHE C 507 24.75 -19.93 -35.70
CA PHE C 507 25.67 -18.80 -35.67
C PHE C 507 27.08 -19.24 -36.02
N GLN C 508 27.59 -20.27 -35.32
CA GLN C 508 28.98 -20.65 -35.47
C GLN C 508 29.26 -21.28 -36.84
N GLU C 509 28.27 -21.95 -37.43
CA GLU C 509 28.52 -22.54 -38.75
C GLU C 509 28.60 -21.47 -39.83
N ALA C 510 27.71 -20.49 -39.79
CA ALA C 510 27.69 -19.44 -40.81
C ALA C 510 28.90 -18.53 -40.70
N LEU C 511 29.28 -18.16 -39.47
CA LEU C 511 30.43 -17.28 -39.30
C LEU C 511 31.73 -17.97 -39.72
N CYS C 512 31.85 -19.27 -39.47
CA CYS C 512 33.04 -19.99 -39.93
C CYS C 512 33.10 -20.03 -41.46
N GLN C 513 31.94 -20.14 -42.12
CA GLN C 513 31.94 -20.19 -43.57
C GLN C 513 32.30 -18.84 -44.16
N ALA C 514 31.87 -17.74 -43.52
CA ALA C 514 32.34 -16.43 -43.91
C ALA C 514 33.84 -16.31 -43.69
N ALA C 515 34.37 -17.04 -42.71
CA ALA C 515 35.79 -17.04 -42.39
C ALA C 515 36.58 -18.07 -43.19
N LYS C 516 35.93 -18.80 -44.09
CA LYS C 516 36.60 -19.75 -44.99
C LYS C 516 37.30 -20.87 -44.22
N HIS C 517 36.73 -21.24 -43.07
CA HIS C 517 37.30 -22.32 -42.25
C HIS C 517 37.21 -23.65 -42.96
N GLU C 518 38.33 -24.35 -43.06
CA GLU C 518 38.40 -25.67 -43.67
C GLU C 518 38.59 -26.72 -42.59
N GLY C 519 37.83 -27.80 -42.66
CA GLY C 519 37.90 -28.85 -41.68
C GLY C 519 36.66 -28.91 -40.81
N PRO C 520 36.68 -29.77 -39.79
CA PRO C 520 35.50 -29.94 -38.94
C PRO C 520 35.10 -28.65 -38.25
N LEU C 521 33.78 -28.51 -38.04
CA LEU C 521 33.22 -27.27 -37.49
C LEU C 521 33.72 -26.99 -36.08
N HIS C 522 34.01 -28.02 -35.30
CA HIS C 522 34.34 -27.83 -33.89
C HIS C 522 35.75 -27.28 -33.67
N LYS C 523 36.58 -27.23 -34.71
CA LYS C 523 37.96 -26.76 -34.59
C LYS C 523 38.13 -25.32 -35.07
N CYS C 524 37.03 -24.60 -35.30
CA CYS C 524 37.05 -23.35 -36.05
C CYS C 524 37.33 -22.16 -35.14
N ASP C 525 38.11 -21.22 -35.67
CA ASP C 525 38.42 -19.96 -35.00
C ASP C 525 38.11 -18.81 -35.95
N ILE C 526 37.22 -17.91 -35.53
CA ILE C 526 36.75 -16.84 -36.41
C ILE C 526 37.62 -15.60 -36.28
N SER C 527 38.74 -15.70 -35.58
CA SER C 527 39.60 -14.54 -35.39
C SER C 527 40.21 -14.09 -36.72
N ASN C 528 40.62 -12.83 -36.76
CA ASN C 528 41.16 -12.18 -37.96
C ASN C 528 40.23 -12.39 -39.16
N SER C 529 38.91 -12.27 -38.93
CA SER C 529 37.92 -12.44 -39.99
C SER C 529 36.86 -11.35 -39.86
N THR C 530 37.04 -10.26 -40.62
CA THR C 530 36.06 -9.18 -40.59
C THR C 530 34.78 -9.55 -41.32
N GLU C 531 34.86 -10.46 -42.30
CA GLU C 531 33.66 -10.90 -43.00
C GLU C 531 32.68 -11.55 -42.03
N ALA C 532 33.19 -12.44 -41.17
CA ALA C 532 32.34 -13.01 -40.12
C ALA C 532 31.93 -11.95 -39.11
N GLY C 533 32.85 -11.06 -38.76
CA GLY C 533 32.53 -10.02 -37.79
C GLY C 533 31.44 -9.08 -38.30
N GLN C 534 31.58 -8.61 -39.54
CA GLN C 534 30.55 -7.77 -40.13
C GLN C 534 29.23 -8.52 -40.23
N LYS C 535 29.28 -9.78 -40.64
CA LYS C 535 28.05 -10.57 -40.79
C LYS C 535 27.34 -10.74 -39.45
N LEU C 536 28.11 -10.97 -38.38
CA LEU C 536 27.50 -11.02 -37.05
C LEU C 536 26.98 -9.64 -36.63
N PHE C 537 27.72 -8.58 -36.97
CA PHE C 537 27.32 -7.24 -36.58
C PHE C 537 26.03 -6.81 -37.27
N ASN C 538 25.77 -7.32 -38.47
CA ASN C 538 24.53 -7.03 -39.18
C ASN C 538 23.31 -7.38 -38.33
N MET C 539 23.43 -8.38 -37.48
CA MET C 539 22.35 -8.81 -36.60
C MET C 539 22.43 -8.21 -35.21
N LEU C 540 23.65 -7.96 -34.70
CA LEU C 540 23.78 -7.39 -33.37
C LEU C 540 23.18 -5.99 -33.30
N ARG C 541 23.38 -5.19 -34.35
CA ARG C 541 22.88 -3.81 -34.34
C ARG C 541 21.37 -3.74 -34.42
N LEU C 542 20.71 -4.78 -34.93
CA LEU C 542 19.26 -4.73 -35.09
C LEU C 542 18.53 -4.67 -33.75
N GLY C 543 19.06 -5.34 -32.74
CA GLY C 543 18.35 -5.42 -31.48
C GLY C 543 17.00 -6.08 -31.65
N LYS C 544 16.01 -5.55 -30.95
CA LYS C 544 14.63 -6.04 -31.05
C LYS C 544 13.83 -5.36 -32.16
N SER C 545 14.44 -4.43 -32.90
CA SER C 545 13.69 -3.62 -33.84
C SER C 545 13.17 -4.42 -35.03
N GLU C 546 13.76 -5.57 -35.33
CA GLU C 546 13.36 -6.39 -36.46
C GLU C 546 12.90 -7.75 -35.96
N PRO C 547 12.06 -8.46 -36.73
CA PRO C 547 11.68 -9.82 -36.32
C PRO C 547 12.91 -10.72 -36.20
N TRP C 548 12.87 -11.61 -35.20
CA TRP C 548 14.03 -12.47 -34.96
C TRP C 548 14.31 -13.39 -36.14
N THR C 549 13.27 -13.82 -36.85
CA THR C 549 13.46 -14.61 -38.06
C THR C 549 14.29 -13.85 -39.09
N LEU C 550 14.13 -12.52 -39.15
CA LEU C 550 14.93 -11.70 -40.05
C LEU C 550 16.35 -11.52 -39.52
N ALA C 551 16.49 -11.32 -38.20
CA ALA C 551 17.81 -11.19 -37.60
C ALA C 551 18.65 -12.45 -37.84
N LEU C 552 18.03 -13.62 -37.65
CA LEU C 552 18.72 -14.88 -37.93
C LEU C 552 19.17 -14.96 -39.38
N GLU C 553 18.29 -14.54 -40.31
CA GLU C 553 18.62 -14.59 -41.74
C GLU C 553 19.83 -13.73 -42.06
N ASN C 554 20.09 -12.69 -41.27
CA ASN C 554 21.26 -11.84 -41.50
C ASN C 554 22.55 -12.61 -41.31
N VAL C 555 22.62 -13.45 -40.28
CA VAL C 555 23.84 -14.21 -40.00
C VAL C 555 23.91 -15.45 -40.88
N VAL C 556 22.83 -16.23 -40.94
CA VAL C 556 22.88 -17.57 -41.50
C VAL C 556 22.26 -17.68 -42.89
N GLY C 557 21.44 -16.72 -43.29
CA GLY C 557 20.77 -16.79 -44.58
C GLY C 557 19.51 -17.62 -44.60
N ALA C 558 18.99 -17.99 -43.43
CA ALA C 558 17.74 -18.74 -43.32
C ALA C 558 16.89 -18.11 -42.22
N LYS C 559 15.57 -18.30 -42.33
CA LYS C 559 14.62 -17.60 -41.47
C LYS C 559 14.16 -18.42 -40.26
N ASN C 560 14.63 -19.65 -40.09
CA ASN C 560 14.07 -20.50 -39.05
C ASN C 560 15.15 -21.36 -38.42
N MET C 561 14.81 -21.90 -37.25
CA MET C 561 15.68 -22.81 -36.53
C MET C 561 16.00 -24.04 -37.37
N ASN C 562 17.28 -24.39 -37.41
CA ASN C 562 17.71 -25.64 -38.05
C ASN C 562 18.71 -26.33 -37.15
N VAL C 563 18.52 -27.64 -36.95
CA VAL C 563 19.39 -28.42 -36.09
C VAL C 563 20.56 -29.04 -36.84
N ARG C 564 20.53 -29.05 -38.17
CA ARG C 564 21.64 -29.61 -38.95
C ARG C 564 23.01 -29.06 -38.57
N PRO C 565 23.19 -27.76 -38.25
CA PRO C 565 24.51 -27.32 -37.80
C PRO C 565 24.95 -27.94 -36.48
N LEU C 566 24.02 -28.11 -35.53
CA LEU C 566 24.35 -28.76 -34.27
C LEU C 566 24.80 -30.20 -34.51
N LEU C 567 24.05 -30.94 -35.32
CA LEU C 567 24.47 -32.28 -35.72
C LEU C 567 25.79 -32.24 -36.47
N ASN C 568 25.97 -31.24 -37.33
CA ASN C 568 27.22 -31.10 -38.06
C ASN C 568 28.39 -30.85 -37.09
N TYR C 569 28.13 -30.13 -36.00
CA TYR C 569 29.18 -29.89 -35.01
C TYR C 569 29.64 -31.19 -34.38
N PHE C 570 28.71 -32.09 -34.08
CA PHE C 570 28.99 -33.31 -33.35
C PHE C 570 29.20 -34.54 -34.23
N GLU C 571 29.17 -34.38 -35.56
CA GLU C 571 29.26 -35.55 -36.43
C GLU C 571 30.50 -36.42 -36.18
N PRO C 572 31.69 -35.88 -35.91
CA PRO C 572 32.81 -36.77 -35.56
C PRO C 572 32.55 -37.60 -34.32
N LEU C 573 31.77 -37.09 -33.36
CA LEU C 573 31.40 -37.90 -32.20
C LEU C 573 30.28 -38.87 -32.53
N PHE C 574 29.38 -38.49 -33.45
CA PHE C 574 28.31 -39.39 -33.87
C PHE C 574 28.87 -40.66 -34.49
N THR C 575 29.81 -40.53 -35.43
CA THR C 575 30.36 -41.69 -36.10
C THR C 575 31.21 -42.55 -35.17
N TRP C 576 31.86 -41.94 -34.18
CA TRP C 576 32.66 -42.71 -33.24
C TRP C 576 31.79 -43.46 -32.25
N LEU C 577 30.74 -42.79 -31.73
CA LEU C 577 29.84 -43.42 -30.77
C LEU C 577 29.23 -44.70 -31.33
N LYS C 578 28.89 -44.69 -32.63
CA LYS C 578 28.23 -45.83 -33.24
C LYS C 578 29.15 -47.05 -33.31
N ASP C 579 30.45 -46.83 -33.54
CA ASP C 579 31.39 -47.94 -33.49
C ASP C 579 31.49 -48.51 -32.08
N GLN C 580 31.60 -47.64 -31.07
CA GLN C 580 31.72 -48.12 -29.70
C GLN C 580 30.47 -48.87 -29.25
N ASN C 581 29.31 -48.44 -29.73
CA ASN C 581 28.05 -49.08 -29.37
C ASN C 581 27.69 -50.25 -30.28
N LYS C 582 28.65 -50.79 -31.04
CA LYS C 582 28.34 -51.94 -31.89
C LYS C 582 27.90 -53.13 -31.03
N ASN C 583 28.51 -53.28 -29.85
CA ASN C 583 28.13 -54.31 -28.90
C ASN C 583 27.41 -53.69 -27.72
N SER C 584 26.28 -53.04 -28.01
CA SER C 584 25.42 -52.43 -27.00
C SER C 584 24.03 -52.30 -27.61
N PHE C 585 23.02 -52.22 -26.74
CA PHE C 585 21.69 -51.89 -27.22
C PHE C 585 21.54 -50.38 -27.30
N VAL C 586 20.95 -49.91 -28.40
CA VAL C 586 20.73 -48.50 -28.64
C VAL C 586 19.24 -48.25 -28.62
N GLY C 587 18.76 -47.53 -27.61
CA GLY C 587 17.37 -47.33 -27.33
C GLY C 587 17.08 -47.67 -25.89
N TRP C 588 15.81 -47.91 -25.59
CA TRP C 588 15.45 -48.25 -24.22
C TRP C 588 14.03 -48.81 -24.18
N SER C 589 13.81 -49.71 -23.22
CA SER C 589 12.48 -50.21 -22.90
C SER C 589 11.87 -49.32 -21.83
N THR C 590 10.64 -48.85 -22.08
CA THR C 590 10.01 -47.89 -21.19
C THR C 590 9.46 -48.52 -19.91
N ASP C 591 9.34 -49.85 -19.85
CA ASP C 591 8.71 -50.49 -18.71
C ASP C 591 9.70 -51.18 -17.75
N TRP C 592 11.01 -51.04 -17.97
CA TRP C 592 11.96 -51.46 -16.94
C TRP C 592 12.12 -50.34 -15.93
N SER C 593 12.22 -50.72 -14.66
CA SER C 593 12.35 -49.76 -13.57
C SER C 593 12.85 -50.49 -12.32
N PRO C 594 13.75 -49.87 -11.54
CA PRO C 594 14.40 -50.59 -10.43
C PRO C 594 13.47 -51.32 -9.47
N TYR C 595 12.23 -50.85 -9.29
CA TYR C 595 11.36 -51.51 -8.32
C TYR C 595 10.70 -52.75 -8.92
N ALA C 596 10.06 -52.60 -10.07
CA ALA C 596 9.49 -53.72 -10.84
C ALA C 596 8.67 -54.69 -9.98
N THR D 15 45.64 48.83 -29.55
CA THR D 15 45.76 47.37 -29.52
C THR D 15 44.80 46.75 -28.51
N ASN D 16 43.52 46.82 -28.82
CA ASN D 16 42.48 46.22 -27.99
C ASN D 16 42.31 44.76 -28.38
N LEU D 17 42.54 43.87 -27.42
CA LEU D 17 42.43 42.43 -27.66
C LEU D 17 40.97 42.01 -27.50
N CYS D 18 40.46 41.29 -28.50
CA CYS D 18 39.10 40.80 -28.43
C CYS D 18 38.96 39.86 -27.23
N PRO D 19 37.86 39.96 -26.47
CA PRO D 19 37.71 39.18 -25.24
C PRO D 19 37.20 37.76 -25.49
N PHE D 20 37.93 37.02 -26.33
CA PHE D 20 37.57 35.63 -26.57
C PHE D 20 37.67 34.79 -25.31
N GLY D 21 38.62 35.11 -24.42
CA GLY D 21 38.82 34.31 -23.23
C GLY D 21 37.59 34.29 -22.33
N GLU D 22 36.87 35.40 -22.25
CA GLU D 22 35.67 35.45 -21.41
C GLU D 22 34.62 34.46 -21.87
N VAL D 23 34.46 34.30 -23.19
CA VAL D 23 33.48 33.36 -23.71
C VAL D 23 33.96 31.92 -23.54
N PHE D 24 35.19 31.63 -23.98
CA PHE D 24 35.68 30.25 -23.97
C PHE D 24 35.89 29.74 -22.55
N ASN D 25 36.52 30.53 -21.69
CA ASN D 25 36.86 30.13 -20.33
C ASN D 25 35.79 30.49 -19.31
N ALA D 26 34.55 30.71 -19.72
CA ALA D 26 33.51 31.07 -18.77
C ALA D 26 33.31 29.95 -17.75
N THR D 27 33.24 30.33 -16.47
CA THR D 27 33.05 29.34 -15.41
C THR D 27 31.78 28.53 -15.64
N ARG D 28 30.70 29.20 -16.03
CA ARG D 28 29.41 28.57 -16.28
C ARG D 28 28.98 28.86 -17.71
N PHE D 29 28.73 27.81 -18.48
CA PHE D 29 28.17 27.97 -19.81
C PHE D 29 26.64 28.03 -19.68
N ALA D 30 25.95 28.02 -20.82
CA ALA D 30 24.50 28.18 -20.84
C ALA D 30 23.84 26.97 -21.47
N SER D 31 22.58 26.75 -21.11
CA SER D 31 21.78 25.74 -21.76
C SER D 31 21.58 26.11 -23.22
N VAL D 32 21.34 25.09 -24.05
CA VAL D 32 21.31 25.33 -25.49
C VAL D 32 20.08 26.16 -25.87
N TYR D 33 18.97 26.02 -25.15
CA TYR D 33 17.77 26.77 -25.52
C TYR D 33 17.99 28.27 -25.34
N ALA D 34 18.79 28.65 -24.35
CA ALA D 34 19.22 30.03 -24.17
C ALA D 34 20.69 30.15 -24.56
N TRP D 35 20.95 30.03 -25.86
CA TRP D 35 22.33 30.08 -26.34
C TRP D 35 22.84 31.51 -26.28
N ASN D 36 23.87 31.73 -25.47
CA ASN D 36 24.39 33.07 -25.28
C ASN D 36 25.08 33.58 -26.54
N ARG D 37 24.90 34.87 -26.81
CA ARG D 37 25.54 35.55 -27.93
C ARG D 37 26.30 36.75 -27.39
N LYS D 38 27.56 36.89 -27.78
CA LYS D 38 28.38 38.05 -27.44
C LYS D 38 28.98 38.62 -28.71
N ARG D 39 28.44 39.72 -29.19
CA ARG D 39 29.03 40.38 -30.34
C ARG D 39 30.42 40.88 -29.97
N ILE D 40 31.41 40.50 -30.76
CA ILE D 40 32.79 40.92 -30.58
C ILE D 40 33.06 42.03 -31.59
N SER D 41 33.37 43.22 -31.10
CA SER D 41 33.52 44.38 -31.97
C SER D 41 34.67 45.27 -31.49
N ASN D 42 35.22 46.01 -32.45
CA ASN D 42 36.25 47.03 -32.19
C ASN D 42 37.42 46.45 -31.41
N CYS D 43 38.08 45.45 -31.97
CA CYS D 43 39.22 44.85 -31.28
C CYS D 43 40.07 44.06 -32.27
N VAL D 44 41.13 43.45 -31.75
CA VAL D 44 42.05 42.62 -32.50
C VAL D 44 41.94 41.19 -31.99
N ALA D 45 41.72 40.25 -32.90
CA ALA D 45 41.47 38.86 -32.54
C ALA D 45 42.54 37.98 -33.16
N ASP D 46 43.30 37.29 -32.30
CA ASP D 46 44.33 36.35 -32.77
C ASP D 46 43.69 34.98 -32.90
N TYR D 47 43.00 34.77 -34.03
CA TYR D 47 42.31 33.51 -34.27
C TYR D 47 43.26 32.32 -34.26
N SER D 48 44.49 32.51 -34.73
CA SER D 48 45.45 31.42 -34.81
C SER D 48 45.79 30.84 -33.45
N VAL D 49 45.54 31.60 -32.36
CA VAL D 49 45.79 31.07 -31.02
C VAL D 49 44.85 29.91 -30.72
N LEU D 50 43.59 30.01 -31.15
CA LEU D 50 42.61 28.98 -30.83
C LEU D 50 42.83 27.71 -31.64
N TYR D 51 42.86 27.84 -32.97
CA TYR D 51 42.96 26.66 -33.83
C TYR D 51 44.32 25.96 -33.71
N ASN D 52 45.34 26.67 -33.21
CA ASN D 52 46.64 26.08 -32.92
C ASN D 52 46.86 25.99 -31.41
N SER D 53 45.82 25.60 -30.68
CA SER D 53 45.88 25.34 -29.25
C SER D 53 45.71 23.88 -28.89
N ALA D 54 45.21 23.06 -29.82
CA ALA D 54 45.06 21.61 -29.61
C ALA D 54 44.27 21.28 -28.36
N SER D 55 43.38 22.18 -27.97
CA SER D 55 42.55 21.99 -26.78
C SER D 55 41.19 21.40 -27.11
N PHE D 56 40.75 21.48 -28.35
CA PHE D 56 39.38 21.19 -28.73
C PHE D 56 39.29 19.87 -29.50
N SER D 57 38.18 19.17 -29.30
CA SER D 57 37.90 17.94 -30.04
C SER D 57 37.31 18.22 -31.41
N THR D 58 36.74 19.40 -31.62
CA THR D 58 36.14 19.78 -32.89
C THR D 58 36.52 21.22 -33.18
N PHE D 59 36.91 21.48 -34.43
CA PHE D 59 37.17 22.84 -34.89
C PHE D 59 36.97 22.93 -36.40
N LYS D 60 35.72 23.02 -36.83
CA LYS D 60 35.37 22.96 -38.25
C LYS D 60 34.87 24.33 -38.71
N CYS D 61 35.58 24.93 -39.65
CA CYS D 61 35.23 26.24 -40.20
C CYS D 61 34.66 26.05 -41.60
N TYR D 62 33.62 26.83 -41.91
CA TYR D 62 32.89 26.70 -43.16
C TYR D 62 33.07 27.99 -43.95
N GLY D 63 33.57 27.86 -45.18
CA GLY D 63 33.89 29.02 -45.98
C GLY D 63 35.23 29.61 -45.60
N VAL D 64 35.34 30.10 -44.37
CA VAL D 64 36.62 30.62 -43.89
C VAL D 64 37.60 29.46 -43.72
N SER D 65 38.78 29.59 -44.30
CA SER D 65 39.91 28.73 -44.02
C SER D 65 40.56 29.22 -42.73
N PRO D 66 40.41 28.49 -41.61
CA PRO D 66 40.91 29.00 -40.32
C PRO D 66 42.36 29.42 -40.37
N THR D 67 43.18 28.66 -41.10
CA THR D 67 44.61 28.95 -41.22
C THR D 67 44.83 30.33 -41.82
N LYS D 68 45.39 31.24 -41.01
CA LYS D 68 45.91 32.53 -41.50
C LYS D 68 44.87 33.33 -42.26
N LEU D 69 43.60 33.25 -41.86
CA LEU D 69 42.62 34.22 -42.30
C LEU D 69 42.28 35.23 -41.22
N ASN D 70 43.12 35.33 -40.18
CA ASN D 70 43.13 36.54 -39.37
C ASN D 70 43.38 37.76 -40.24
N ASP D 71 44.04 37.55 -41.39
CA ASP D 71 44.30 38.61 -42.36
C ASP D 71 43.03 39.35 -42.77
N LEU D 72 41.85 38.76 -42.54
CA LEU D 72 40.59 39.34 -42.97
C LEU D 72 40.00 40.24 -41.89
N CYS D 73 39.10 41.12 -42.32
CA CYS D 73 38.39 42.03 -41.43
C CYS D 73 36.89 41.80 -41.58
N PHE D 74 36.17 41.92 -40.46
CA PHE D 74 34.74 41.67 -40.44
C PHE D 74 34.05 42.74 -39.61
N THR D 75 32.79 43.00 -39.94
CA THR D 75 32.05 44.07 -39.27
C THR D 75 31.77 43.71 -37.81
N ASN D 76 31.25 42.50 -37.57
CA ASN D 76 31.05 41.99 -36.23
C ASN D 76 31.30 40.49 -36.22
N VAL D 77 31.62 39.98 -35.04
CA VAL D 77 31.82 38.54 -34.83
C VAL D 77 30.96 38.13 -33.64
N TYR D 78 30.08 37.16 -33.86
CA TYR D 78 29.18 36.67 -32.82
C TYR D 78 29.66 35.31 -32.34
N ALA D 79 29.92 35.20 -31.03
CA ALA D 79 30.39 33.97 -30.41
C ALA D 79 29.24 33.36 -29.63
N ASP D 80 28.74 32.22 -30.11
CA ASP D 80 27.58 31.56 -29.53
C ASP D 80 28.05 30.35 -28.73
N SER D 81 27.72 30.33 -27.44
CA SER D 81 28.22 29.30 -26.53
C SER D 81 27.09 28.65 -25.76
N PHE D 82 27.09 27.32 -25.72
CA PHE D 82 26.09 26.53 -25.01
C PHE D 82 26.73 25.20 -24.62
N VAL D 83 25.92 24.28 -24.10
CA VAL D 83 26.38 22.95 -23.72
C VAL D 83 25.37 21.92 -24.20
N ILE D 84 25.87 20.91 -24.90
CA ILE D 84 25.07 19.77 -25.35
C ILE D 84 25.87 18.50 -25.08
N ARG D 85 25.20 17.36 -25.20
CA ARG D 85 25.92 16.09 -25.15
C ARG D 85 26.69 15.88 -26.44
N GLY D 86 27.77 15.10 -26.35
CA GLY D 86 28.70 14.99 -27.45
C GLY D 86 28.11 14.41 -28.71
N ASP D 87 27.12 13.53 -28.58
CA ASP D 87 26.48 12.93 -29.74
C ASP D 87 25.83 13.97 -30.65
N GLU D 88 25.56 15.16 -30.12
CA GLU D 88 24.81 16.19 -30.83
C GLU D 88 25.68 17.32 -31.36
N VAL D 89 27.00 17.24 -31.13
CA VAL D 89 27.92 18.20 -31.74
C VAL D 89 27.82 18.15 -33.26
N ARG D 90 27.50 16.98 -33.82
CA ARG D 90 27.33 16.87 -35.26
C ARG D 90 26.21 17.76 -35.77
N GLN D 91 25.16 17.95 -34.97
CA GLN D 91 24.01 18.73 -35.40
C GLN D 91 24.36 20.20 -35.59
N ILE D 92 25.36 20.70 -34.86
CA ILE D 92 25.78 22.09 -34.97
C ILE D 92 26.61 22.26 -36.23
N ALA D 93 25.94 22.26 -37.39
CA ALA D 93 26.59 22.29 -38.69
C ALA D 93 25.52 22.57 -39.75
N PRO D 94 25.92 23.02 -40.94
CA PRO D 94 24.92 23.34 -41.97
C PRO D 94 24.11 22.12 -42.39
N GLY D 95 22.80 22.36 -42.55
CA GLY D 95 21.88 21.35 -43.07
C GLY D 95 21.76 20.10 -42.22
N GLN D 96 21.40 20.25 -40.96
CA GLN D 96 21.35 19.13 -40.01
C GLN D 96 19.99 19.05 -39.35
N THR D 97 19.50 17.83 -39.19
CA THR D 97 18.27 17.59 -38.46
C THR D 97 18.61 17.19 -37.03
N GLY D 98 17.61 16.75 -36.27
CA GLY D 98 17.80 16.40 -34.87
C GLY D 98 17.19 17.44 -33.95
N LYS D 99 17.07 17.04 -32.68
CA LYS D 99 16.38 17.87 -31.69
C LYS D 99 17.09 19.22 -31.53
N ILE D 100 18.42 19.19 -31.46
CA ILE D 100 19.15 20.43 -31.18
C ILE D 100 19.02 21.40 -32.35
N ALA D 101 19.28 20.94 -33.57
CA ALA D 101 19.23 21.84 -34.73
C ALA D 101 17.81 22.31 -34.97
N ASP D 102 16.85 21.38 -34.94
CA ASP D 102 15.48 21.75 -35.27
C ASP D 102 14.82 22.58 -34.18
N TYR D 103 15.13 22.34 -32.91
CA TYR D 103 14.40 23.00 -31.84
C TYR D 103 15.26 23.82 -30.86
N ASN D 104 16.57 23.93 -31.07
CA ASN D 104 17.40 24.63 -30.08
C ASN D 104 18.35 25.62 -30.72
N TYR D 105 19.09 25.18 -31.73
CA TYR D 105 20.13 26.01 -32.35
C TYR D 105 20.34 25.52 -33.78
N LYS D 106 19.90 26.32 -34.75
CA LYS D 106 20.01 25.97 -36.16
C LYS D 106 21.09 26.82 -36.82
N LEU D 107 21.92 26.17 -37.63
CA LEU D 107 22.82 26.99 -38.44
C LEU D 107 22.32 27.06 -39.87
N PRO D 108 22.47 28.20 -40.53
CA PRO D 108 21.99 28.32 -41.91
C PRO D 108 22.83 27.48 -42.86
N ASP D 109 22.21 27.10 -43.98
CA ASP D 109 22.91 26.28 -44.98
C ASP D 109 24.13 27.02 -45.52
N ASP D 110 24.02 28.34 -45.65
CA ASP D 110 25.13 29.18 -46.15
C ASP D 110 25.95 29.75 -45.02
N PHE D 111 26.32 28.91 -44.05
CA PHE D 111 26.99 29.38 -42.86
C PHE D 111 28.44 29.72 -43.15
N THR D 112 28.89 30.89 -42.69
CA THR D 112 30.26 31.36 -42.85
C THR D 112 30.85 31.61 -41.46
N GLY D 113 31.53 30.58 -40.94
CA GLY D 113 32.12 30.68 -39.61
C GLY D 113 32.67 29.35 -39.17
N CYS D 114 32.86 29.22 -37.85
CA CYS D 114 33.48 28.03 -37.28
C CYS D 114 32.62 27.48 -36.14
N VAL D 115 32.71 26.17 -35.96
CA VAL D 115 32.16 25.48 -34.81
C VAL D 115 33.31 24.91 -33.99
N ILE D 116 33.33 25.22 -32.70
CA ILE D 116 34.35 24.72 -31.79
C ILE D 116 33.67 23.97 -30.66
N ALA D 117 34.15 22.76 -30.38
CA ALA D 117 33.61 21.96 -29.29
C ALA D 117 34.76 21.27 -28.57
N TRP D 118 34.61 21.10 -27.26
CA TRP D 118 35.55 20.33 -26.47
C TRP D 118 34.76 19.61 -25.38
N ASN D 119 35.37 18.56 -24.83
CA ASN D 119 34.72 17.77 -23.80
C ASN D 119 34.84 18.49 -22.45
N SER D 120 33.74 18.54 -21.70
CA SER D 120 33.67 19.22 -20.42
C SER D 120 33.12 18.29 -19.35
N ASN D 121 33.48 17.00 -19.41
CA ASN D 121 32.98 16.05 -18.42
C ASN D 121 33.52 16.36 -17.03
N ASN D 122 34.75 16.88 -16.95
CA ASN D 122 35.33 17.21 -15.66
C ASN D 122 34.58 18.35 -14.98
N LEU D 123 33.91 19.21 -15.75
CA LEU D 123 33.34 20.45 -15.24
C LEU D 123 31.81 20.43 -15.11
N ASP D 124 31.10 19.80 -16.04
CA ASP D 124 29.64 19.80 -16.02
C ASP D 124 29.06 18.45 -15.64
N SER D 125 29.88 17.48 -15.24
CA SER D 125 29.40 16.21 -14.73
C SER D 125 29.67 16.12 -13.24
N LYS D 126 28.64 15.79 -12.48
CA LYS D 126 28.70 15.65 -11.04
C LYS D 126 28.15 14.28 -10.66
N VAL D 127 28.74 13.66 -9.64
CA VAL D 127 28.26 12.36 -9.18
C VAL D 127 26.80 12.48 -8.78
N GLY D 128 25.97 11.58 -9.28
CA GLY D 128 24.54 11.63 -9.05
C GLY D 128 23.77 12.44 -10.07
N GLY D 129 24.43 13.28 -10.84
CA GLY D 129 23.74 13.99 -11.92
C GLY D 129 23.78 15.50 -11.79
N ASN D 130 24.16 16.16 -12.88
CA ASN D 130 24.09 17.60 -13.01
C ASN D 130 22.97 17.94 -14.00
N TYR D 131 21.94 18.62 -13.51
CA TYR D 131 20.75 18.90 -14.31
C TYR D 131 20.57 20.38 -14.61
N ASN D 132 21.63 21.18 -14.46
CA ASN D 132 21.53 22.59 -14.79
C ASN D 132 21.23 22.81 -16.26
N TYR D 133 21.81 21.97 -17.13
CA TYR D 133 21.67 22.15 -18.56
C TYR D 133 20.40 21.48 -19.06
N ARG D 134 19.69 22.16 -19.95
CA ARG D 134 18.48 21.61 -20.52
C ARG D 134 18.37 22.01 -21.99
N TYR D 135 17.38 21.43 -22.66
CA TYR D 135 17.23 21.54 -24.10
C TYR D 135 15.74 21.47 -24.43
N ARG D 136 15.41 21.91 -25.63
CA ARG D 136 14.04 21.88 -26.11
C ARG D 136 13.76 20.56 -26.81
N LEU D 137 12.78 19.81 -26.29
CA LEU D 137 12.42 18.50 -26.81
C LEU D 137 11.24 18.53 -27.75
N PHE D 138 10.28 19.43 -27.54
CA PHE D 138 9.13 19.58 -28.42
C PHE D 138 8.97 21.02 -28.87
N ARG D 139 8.55 21.20 -30.11
CA ARG D 139 8.30 22.52 -30.66
C ARG D 139 7.42 22.36 -31.89
N LYS D 140 6.43 23.25 -32.03
CA LYS D 140 5.46 23.15 -33.12
C LYS D 140 6.11 23.18 -34.49
N SER D 141 7.31 23.73 -34.60
CA SER D 141 7.98 23.85 -35.89
C SER D 141 9.46 24.09 -35.66
N ASN D 142 10.26 23.74 -36.67
CA ASN D 142 11.71 23.92 -36.60
C ASN D 142 12.06 25.39 -36.43
N LEU D 143 13.27 25.64 -35.94
CA LEU D 143 13.76 26.99 -35.76
C LEU D 143 14.29 27.56 -37.09
N LYS D 144 14.22 28.88 -37.20
CA LYS D 144 14.96 29.54 -38.27
C LYS D 144 16.42 29.67 -37.86
N PRO D 145 17.34 29.71 -38.83
CA PRO D 145 18.77 29.87 -38.50
C PRO D 145 19.04 31.04 -37.57
N PHE D 146 19.67 30.75 -36.42
CA PHE D 146 20.05 31.71 -35.39
C PHE D 146 18.86 32.24 -34.60
N GLU D 147 17.73 31.52 -34.62
CA GLU D 147 16.59 31.86 -33.78
C GLU D 147 16.76 31.26 -32.40
N ARG D 148 16.30 31.98 -31.38
CA ARG D 148 16.34 31.52 -29.99
C ARG D 148 14.93 31.46 -29.44
N ASP D 149 14.52 30.29 -28.97
CA ASP D 149 13.24 30.11 -28.29
C ASP D 149 13.52 29.82 -26.83
N ILE D 150 13.01 30.67 -25.94
CA ILE D 150 13.10 30.46 -24.51
C ILE D 150 11.72 30.30 -23.88
N SER D 151 10.74 29.87 -24.67
CA SER D 151 9.39 29.64 -24.17
C SER D 151 9.38 28.52 -23.13
N THR D 152 8.35 28.55 -22.29
CA THR D 152 8.02 27.44 -21.39
C THR D 152 6.56 27.07 -21.54
N GLU D 153 6.00 27.21 -22.76
CA GLU D 153 4.60 26.93 -22.99
C GLU D 153 4.39 25.42 -23.14
N ILE D 154 3.49 24.87 -22.34
CA ILE D 154 3.20 23.44 -22.31
C ILE D 154 2.83 22.96 -23.70
N TYR D 155 3.61 22.02 -24.22
CA TYR D 155 3.42 21.49 -25.57
C TYR D 155 2.14 20.65 -25.62
N GLN D 156 1.21 21.03 -26.49
CA GLN D 156 -0.05 20.31 -26.64
C GLN D 156 0.11 19.27 -27.75
N ALA D 157 0.20 18.00 -27.37
CA ALA D 157 0.42 16.92 -28.32
C ALA D 157 -0.89 16.40 -28.92
N GLY D 158 -2.00 16.53 -28.21
CA GLY D 158 -3.30 16.13 -28.69
C GLY D 158 -4.13 17.31 -29.15
N SER D 159 -5.44 17.18 -29.02
CA SER D 159 -6.36 18.25 -29.39
C SER D 159 -7.00 18.92 -28.18
N LYS D 160 -6.69 18.46 -26.96
CA LYS D 160 -7.28 19.05 -25.77
C LYS D 160 -6.33 20.07 -25.17
N PRO D 161 -6.80 21.29 -24.88
CA PRO D 161 -5.89 22.32 -24.36
C PRO D 161 -5.30 21.90 -23.02
N CYS D 162 -4.12 22.47 -22.72
CA CYS D 162 -3.33 22.03 -21.58
C CYS D 162 -3.50 22.89 -20.34
N ASN D 163 -4.12 24.07 -20.47
CA ASN D 163 -4.36 24.98 -19.35
C ASN D 163 -3.10 25.30 -18.55
N GLY D 164 -1.92 25.22 -19.19
CA GLY D 164 -0.67 25.59 -18.54
C GLY D 164 -0.11 24.59 -17.56
N VAL D 165 -0.61 23.35 -17.53
CA VAL D 165 -0.03 22.30 -16.72
C VAL D 165 0.08 21.04 -17.56
N GLU D 166 0.97 20.15 -17.16
CA GLU D 166 1.22 18.92 -17.90
C GLU D 166 0.29 17.81 -17.43
N GLY D 167 -0.14 16.99 -18.38
CA GLY D 167 -0.99 15.84 -18.11
C GLY D 167 -0.93 14.88 -19.28
N PHE D 168 -2.08 14.34 -19.68
CA PHE D 168 -2.14 13.51 -20.86
C PHE D 168 -1.97 14.38 -22.10
N ASN D 169 -1.04 13.98 -22.97
CA ASN D 169 -0.72 14.69 -24.22
C ASN D 169 -0.28 16.13 -23.98
N CYS D 170 0.18 16.45 -22.78
CA CYS D 170 0.62 17.80 -22.43
C CYS D 170 1.97 17.68 -21.72
N TYR D 171 3.04 18.06 -22.40
CA TYR D 171 4.39 17.86 -21.90
C TYR D 171 5.12 19.18 -21.81
N PHE D 172 5.81 19.39 -20.69
CA PHE D 172 6.65 20.57 -20.51
C PHE D 172 7.79 20.52 -21.52
N PRO D 173 7.90 21.50 -22.42
CA PRO D 173 8.84 21.36 -23.55
C PRO D 173 10.30 21.23 -23.14
N LEU D 174 10.76 22.06 -22.20
CA LEU D 174 12.14 22.00 -21.77
C LEU D 174 12.40 20.74 -20.96
N GLN D 175 13.43 19.99 -21.34
CA GLN D 175 13.82 18.77 -20.64
C GLN D 175 15.29 18.85 -20.29
N SER D 176 15.68 18.18 -19.21
CA SER D 176 16.95 18.41 -18.54
C SER D 176 17.97 17.34 -18.89
N TYR D 177 19.20 17.77 -19.19
CA TYR D 177 20.33 16.86 -19.34
C TYR D 177 20.73 16.29 -17.98
N GLY D 178 20.88 14.98 -17.91
CA GLY D 178 21.60 14.38 -16.81
C GLY D 178 23.03 14.16 -17.20
N PHE D 179 23.98 14.77 -16.48
CA PHE D 179 25.39 14.67 -16.82
C PHE D 179 26.14 14.08 -15.63
N GLN D 180 26.41 12.79 -15.71
CA GLN D 180 27.12 12.00 -14.71
C GLN D 180 28.50 11.62 -15.23
N PRO D 181 29.54 11.72 -14.40
CA PRO D 181 30.91 11.50 -14.91
C PRO D 181 31.15 10.09 -15.44
N THR D 182 30.35 9.10 -15.04
CA THR D 182 30.53 7.74 -15.51
C THR D 182 29.82 7.47 -16.83
N ASN D 183 29.20 8.48 -17.43
CA ASN D 183 28.48 8.29 -18.67
C ASN D 183 29.44 8.06 -19.83
N GLY D 184 28.92 7.48 -20.91
CA GLY D 184 29.70 7.31 -22.11
C GLY D 184 30.06 8.63 -22.75
N VAL D 185 31.05 8.58 -23.65
CA VAL D 185 31.49 9.79 -24.34
C VAL D 185 30.35 10.42 -25.13
N GLY D 186 29.52 9.60 -25.75
CA GLY D 186 28.37 10.11 -26.48
C GLY D 186 27.34 10.80 -25.61
N TYR D 187 27.40 10.60 -24.30
CA TYR D 187 26.46 11.18 -23.34
C TYR D 187 27.10 12.20 -22.41
N GLN D 188 28.37 12.54 -22.63
CA GLN D 188 29.06 13.49 -21.77
C GLN D 188 28.77 14.92 -22.22
N PRO D 189 28.87 15.90 -21.31
CA PRO D 189 28.64 17.30 -21.71
C PRO D 189 29.81 17.84 -22.50
N TYR D 190 29.50 18.50 -23.62
CA TYR D 190 30.48 19.17 -24.44
C TYR D 190 30.14 20.66 -24.50
N ARG D 191 31.17 21.50 -24.48
CA ARG D 191 31.00 22.95 -24.52
C ARG D 191 31.29 23.44 -25.93
N VAL D 192 30.33 24.14 -26.52
CA VAL D 192 30.36 24.54 -27.92
C VAL D 192 30.50 26.05 -28.01
N VAL D 193 31.40 26.52 -28.86
CA VAL D 193 31.52 27.93 -29.22
C VAL D 193 31.43 28.03 -30.74
N VAL D 194 30.40 28.73 -31.22
CA VAL D 194 30.25 29.04 -32.64
C VAL D 194 30.74 30.45 -32.87
N LEU D 195 31.52 30.64 -33.92
CA LEU D 195 31.95 31.97 -34.35
C LEU D 195 31.31 32.28 -35.69
N SER D 196 30.51 33.35 -35.73
CA SER D 196 29.95 33.86 -36.97
C SER D 196 30.72 35.11 -37.39
N PHE D 197 31.00 35.24 -38.69
CA PHE D 197 31.74 36.38 -39.21
C PHE D 197 30.86 37.15 -40.18
N GLU D 198 30.64 38.42 -39.86
CA GLU D 198 29.77 39.31 -40.62
C GLU D 198 30.59 40.33 -41.39
N LEU D 199 30.24 40.54 -42.66
CA LEU D 199 30.87 41.57 -43.48
C LEU D 199 29.77 42.46 -44.07
N LEU D 200 29.05 43.16 -43.19
CA LEU D 200 28.00 44.07 -43.61
C LEU D 200 28.60 45.37 -44.15
N HIS D 201 27.76 46.19 -44.77
CA HIS D 201 28.22 47.44 -45.36
C HIS D 201 28.31 48.47 -44.24
N ALA D 202 29.47 48.47 -43.59
CA ALA D 202 29.70 49.30 -42.42
C ALA D 202 31.20 49.33 -42.17
N PRO D 203 31.67 50.21 -41.28
CA PRO D 203 33.10 50.17 -40.92
C PRO D 203 33.47 48.84 -40.29
N ALA D 204 34.51 48.22 -40.83
CA ALA D 204 35.02 46.97 -40.28
C ALA D 204 35.81 47.28 -39.01
N THR D 205 35.36 46.76 -37.88
CA THR D 205 35.98 47.03 -36.60
C THR D 205 36.73 45.85 -36.01
N VAL D 206 36.56 44.65 -36.55
CA VAL D 206 37.20 43.44 -36.04
C VAL D 206 38.11 42.93 -37.15
N CYS D 207 39.39 43.28 -37.07
CA CYS D 207 40.38 42.94 -38.09
C CYS D 207 41.31 41.84 -37.57
N GLY D 208 42.25 42.15 -36.69
CA GLY D 208 43.20 41.18 -36.23
C GLY D 208 44.51 41.23 -37.02
#